data_2E6K
#
_entry.id   2E6K
#
_cell.length_a   72.610
_cell.length_b   88.960
_cell.length_c   117.180
_cell.angle_alpha   72.48
_cell.angle_beta   89.13
_cell.angle_gamma   73.36
#
_symmetry.space_group_name_H-M   'P 1'
#
loop_
_entity.id
_entity.type
_entity.pdbx_description
1 polymer Transketolase
2 water water
#
_entity_poly.entity_id   1
_entity_poly.type   'polypeptide(L)'
_entity_poly.pdbx_seq_one_letter_code
;MKETRDLETLSVNAIRFLAIDAVEKARSGHPG(MSE)P(MSE)G(MSE)APLAYLLFREV(MSE)RHNPLDPDWPDRDRF
VLSAGHGS(MSE)LLYAVLHLTGYDLPLEELKSFRQWGSKTPGHPERGHTPGVEVTTGPLGQGISTAVGLALAERKLAAE
FNRPGHVVVDHYTYVLASDGDL(MSE)EGVSGEAASLAGHWGLSKLIVFWDDNRISIDGPTDLAFTEDVLARYRAYGWQT
LRVEDVNDLEALRKAIKLAKLDERPTLIAVRSHIGFGSPKQDSAKAHGEPLGPEAVEATRRNLGWPYPPFVVPEEVYRH
(MSE)D(MSE)REKGRAWQEAWEKALEAYARAYPDLHQEL(MSE)RRLRGELPPLPEEPPSFDKPIATRAASGRALNLLA
PRLPELLGGSADLTPSNNTKAEG(MSE)EDFSRANPLGRYLHFGVREHA(MSE)GAILNGLNLHGGYRAYGGTFLVFSDY
(MSE)RPAIRLAAL(MSE)GVPTVFVFTHDSIALGEDGPTHQPVEHL(MSE)SLRA(MSE)PNLFVIRPADAYETFYAWL
VALRRKEGPTALVLTRQAVPLLSPEKARGLLRGGYVLEDVEEPQGVLVATGSEVHLALRAQALLREKGVRVRVVSLPSFE
LFAAQPEAYRKEVLPPGLPVVAVEAGASLGWERYAHKVVALDRFGASAPYPEVYERLGFTPERVAEAFLSLV
;
_entity_poly.pdbx_strand_id   A,B,C,D
#
# COMPACT_ATOMS: atom_id res chain seq x y z
N ARG A 5 -16.24 16.22 -76.99
CA ARG A 5 -15.27 15.21 -76.47
C ARG A 5 -13.90 15.84 -76.18
N ASP A 6 -13.61 16.96 -76.84
CA ASP A 6 -12.34 17.65 -76.64
C ASP A 6 -12.38 18.49 -75.36
N LEU A 7 -13.50 19.18 -75.12
CA LEU A 7 -13.63 19.98 -73.91
C LEU A 7 -13.69 19.05 -72.70
N GLU A 8 -14.38 17.92 -72.84
CA GLU A 8 -14.49 16.96 -71.75
C GLU A 8 -13.08 16.49 -71.40
N THR A 9 -12.36 15.96 -72.39
CA THR A 9 -11.01 15.48 -72.19
C THR A 9 -10.10 16.57 -71.66
N LEU A 10 -10.26 17.78 -72.19
CA LEU A 10 -9.43 18.90 -71.76
C LEU A 10 -9.74 19.27 -70.31
N SER A 11 -11.02 19.32 -69.96
CA SER A 11 -11.42 19.66 -68.60
C SER A 11 -11.04 18.58 -67.59
N VAL A 12 -11.25 17.31 -67.96
CA VAL A 12 -10.90 16.20 -67.09
C VAL A 12 -9.40 16.24 -66.80
N ASN A 13 -8.58 16.49 -67.82
CA ASN A 13 -7.14 16.56 -67.60
C ASN A 13 -6.78 17.77 -66.74
N ALA A 14 -7.57 18.83 -66.86
CA ALA A 14 -7.35 20.04 -66.06
C ALA A 14 -7.45 19.63 -64.60
N ILE A 15 -8.48 18.86 -64.28
CA ILE A 15 -8.68 18.39 -62.91
C ILE A 15 -7.48 17.52 -62.53
N ARG A 16 -7.10 16.61 -63.42
CA ARG A 16 -5.98 15.72 -63.17
C ARG A 16 -4.67 16.44 -62.87
N PHE A 17 -4.29 17.41 -63.69
CA PHE A 17 -3.02 18.09 -63.45
C PHE A 17 -3.05 19.12 -62.34
N LEU A 18 -4.22 19.70 -62.07
CA LEU A 18 -4.29 20.65 -60.95
C LEU A 18 -4.02 19.79 -59.71
N ALA A 19 -4.48 18.55 -59.73
CA ALA A 19 -4.26 17.64 -58.61
C ALA A 19 -2.79 17.23 -58.54
N ILE A 20 -2.22 16.83 -59.68
CA ILE A 20 -0.83 16.42 -59.72
C ILE A 20 0.11 17.53 -59.29
N ASP A 21 -0.07 18.71 -59.86
CA ASP A 21 0.79 19.85 -59.55
C ASP A 21 0.68 20.37 -58.12
N ALA A 22 -0.54 20.37 -57.57
CA ALA A 22 -0.73 20.83 -56.20
C ALA A 22 0.01 19.92 -55.23
N VAL A 23 -0.08 18.62 -55.47
CA VAL A 23 0.61 17.64 -54.63
C VAL A 23 2.12 17.74 -54.81
N GLU A 24 2.56 17.95 -56.05
CA GLU A 24 3.99 18.07 -56.33
C GLU A 24 4.57 19.27 -55.61
N LYS A 25 3.89 20.42 -55.70
CA LYS A 25 4.36 21.64 -55.04
C LYS A 25 4.39 21.47 -53.52
N ALA A 26 3.38 20.83 -52.97
CA ALA A 26 3.31 20.61 -51.52
C ALA A 26 4.27 19.48 -51.11
N ARG A 27 4.66 18.66 -52.08
CA ARG A 27 5.52 17.52 -51.83
C ARG A 27 4.85 16.63 -50.78
N SER A 28 3.53 16.60 -50.84
CA SER A 28 2.76 15.82 -49.88
C SER A 28 1.36 15.68 -50.44
N GLY A 29 0.68 14.59 -50.11
CA GLY A 29 -0.66 14.42 -50.61
C GLY A 29 -0.86 13.15 -51.43
N HIS A 30 -2.09 12.99 -51.91
CA HIS A 30 -2.47 11.82 -52.68
C HIS A 30 -2.89 12.20 -54.09
N PRO A 31 -2.03 11.94 -55.08
CA PRO A 31 -2.36 12.29 -56.47
C PRO A 31 -3.05 11.18 -57.26
N GLY A 32 -2.74 9.94 -56.90
CA GLY A 32 -3.28 8.78 -57.58
C GLY A 32 -4.78 8.65 -57.80
N PRO A 34 -7.16 11.02 -57.39
CA PRO A 34 -7.75 12.15 -58.13
C PRO A 34 -7.54 11.96 -59.64
N GLY A 36 -7.33 9.09 -61.26
CA GLY A 36 -8.25 8.09 -61.76
C GLY A 36 -9.72 8.49 -61.75
N ALA A 38 -10.95 11.69 -61.76
CA ALA A 38 -11.18 13.00 -62.36
C ALA A 38 -12.45 13.05 -63.23
N PRO A 39 -12.67 12.03 -64.08
CA PRO A 39 -13.85 11.97 -64.95
C PRO A 39 -15.19 12.06 -64.21
N LEU A 40 -15.27 11.44 -63.04
CA LEU A 40 -16.52 11.47 -62.27
C LEU A 40 -16.70 12.85 -61.66
N ALA A 41 -15.61 13.43 -61.17
CA ALA A 41 -15.68 14.77 -60.58
C ALA A 41 -16.21 15.75 -61.62
N TYR A 42 -15.66 15.65 -62.83
CA TYR A 42 -16.08 16.51 -63.93
C TYR A 42 -17.59 16.36 -64.18
N LEU A 43 -18.03 15.10 -64.30
CA LEU A 43 -19.43 14.83 -64.60
C LEU A 43 -20.40 15.36 -63.56
N LEU A 44 -20.09 15.14 -62.28
CA LEU A 44 -20.98 15.58 -61.21
C LEU A 44 -21.11 17.10 -61.10
N PHE A 45 -19.98 17.80 -61.10
CA PHE A 45 -20.01 19.24 -60.96
C PHE A 45 -20.41 20.05 -62.20
N ARG A 46 -20.28 19.45 -63.38
CA ARG A 46 -20.61 20.16 -64.61
C ARG A 46 -21.97 19.79 -65.22
N GLU A 47 -22.34 18.52 -65.16
CA GLU A 47 -23.60 18.05 -65.75
C GLU A 47 -24.70 17.52 -64.83
N VAL A 48 -24.32 16.69 -63.86
CA VAL A 48 -25.29 16.05 -62.97
C VAL A 48 -25.88 16.85 -61.81
N ARG A 50 -26.97 20.07 -59.34
CA ARG A 50 -27.43 21.44 -59.34
C ARG A 50 -26.74 21.99 -58.12
N HIS A 51 -25.98 23.06 -58.30
CA HIS A 51 -25.27 23.65 -57.17
C HIS A 51 -24.92 25.06 -57.57
N ASN A 52 -24.64 25.90 -56.58
CA ASN A 52 -24.31 27.29 -56.85
C ASN A 52 -22.97 27.70 -56.23
N PRO A 53 -21.92 27.81 -57.03
CA PRO A 53 -20.62 28.22 -56.48
C PRO A 53 -20.66 29.57 -55.76
N LEU A 54 -21.64 30.41 -56.07
CA LEU A 54 -21.77 31.71 -55.41
C LEU A 54 -22.44 31.57 -54.04
N ASP A 55 -23.10 30.44 -53.79
CA ASP A 55 -23.73 30.20 -52.48
C ASP A 55 -23.70 28.72 -52.16
N PRO A 56 -22.59 28.24 -51.58
CA PRO A 56 -22.44 26.83 -51.22
C PRO A 56 -23.46 26.35 -50.18
N ASP A 57 -24.19 27.30 -49.56
CA ASP A 57 -25.19 26.94 -48.56
C ASP A 57 -26.62 26.92 -49.10
N TRP A 58 -26.78 27.08 -50.41
CA TRP A 58 -28.11 27.03 -51.02
C TRP A 58 -28.77 25.73 -50.55
N PRO A 59 -29.82 25.85 -49.72
CA PRO A 59 -30.56 24.70 -49.17
C PRO A 59 -30.99 23.58 -50.12
N ASP A 60 -31.35 23.89 -51.36
CA ASP A 60 -31.81 22.83 -52.25
C ASP A 60 -30.74 22.26 -53.18
N ARG A 61 -29.48 22.58 -52.91
CA ARG A 61 -28.38 22.09 -53.72
C ARG A 61 -28.19 20.58 -53.53
N ASP A 62 -27.69 19.91 -54.56
CA ASP A 62 -27.40 18.50 -54.41
C ASP A 62 -26.14 18.51 -53.55
N ARG A 63 -25.91 17.46 -52.77
CA ARG A 63 -24.73 17.44 -51.92
C ARG A 63 -23.77 16.32 -52.31
N PHE A 64 -22.50 16.69 -52.43
CA PHE A 64 -21.44 15.75 -52.79
C PHE A 64 -20.56 15.51 -51.57
N VAL A 65 -20.31 14.23 -51.27
CA VAL A 65 -19.47 13.93 -50.13
C VAL A 65 -18.26 13.12 -50.58
N LEU A 66 -17.08 13.65 -50.32
CA LEU A 66 -15.86 12.93 -50.67
C LEU A 66 -15.46 12.09 -49.46
N SER A 67 -16.06 10.91 -49.32
CA SER A 67 -15.76 10.05 -48.18
C SER A 67 -14.28 9.66 -48.20
N ALA A 68 -13.72 9.49 -49.38
CA ALA A 68 -12.31 9.16 -49.51
C ALA A 68 -11.58 10.49 -49.46
N GLY A 69 -11.52 11.05 -48.25
CA GLY A 69 -10.88 12.35 -48.04
C GLY A 69 -9.48 12.54 -48.58
N HIS A 70 -8.67 11.48 -48.55
CA HIS A 70 -7.29 11.59 -49.04
C HIS A 70 -7.23 12.18 -50.45
N GLY A 71 -8.29 11.99 -51.22
CA GLY A 71 -8.33 12.53 -52.56
C GLY A 71 -8.84 13.95 -52.60
N SER A 72 -8.53 14.72 -51.55
CA SER A 72 -8.96 16.10 -51.45
C SER A 72 -8.74 16.97 -52.68
N LEU A 74 -8.87 16.36 -55.67
CA LEU A 74 -9.88 16.10 -56.70
C LEU A 74 -11.06 17.07 -56.48
N LEU A 75 -11.38 17.30 -55.21
CA LEU A 75 -12.47 18.18 -54.84
C LEU A 75 -12.02 19.63 -55.02
N TYR A 76 -10.83 19.98 -54.53
CA TYR A 76 -10.35 21.35 -54.66
C TYR A 76 -10.24 21.78 -56.13
N ALA A 77 -9.83 20.86 -57.01
CA ALA A 77 -9.69 21.19 -58.42
C ALA A 77 -11.04 21.50 -59.07
N VAL A 78 -12.04 20.67 -58.80
CA VAL A 78 -13.33 20.89 -59.41
C VAL A 78 -14.05 22.10 -58.81
N LEU A 79 -13.77 22.40 -57.55
CA LEU A 79 -14.40 23.55 -56.89
C LEU A 79 -13.81 24.81 -57.51
N HIS A 80 -12.50 24.81 -57.68
CA HIS A 80 -11.81 25.94 -58.27
C HIS A 80 -12.27 26.16 -59.71
N LEU A 81 -12.27 25.08 -60.49
CA LEU A 81 -12.67 25.13 -61.89
C LEU A 81 -14.10 25.57 -62.17
N THR A 82 -15.03 25.24 -61.27
CA THR A 82 -16.43 25.60 -61.47
C THR A 82 -16.87 26.96 -60.95
N GLY A 83 -15.96 27.68 -60.30
CA GLY A 83 -16.31 29.01 -59.84
C GLY A 83 -16.42 29.29 -58.35
N TYR A 84 -16.18 28.29 -57.51
CA TYR A 84 -16.25 28.53 -56.08
C TYR A 84 -15.16 29.50 -55.67
N ASP A 85 -15.29 30.05 -54.48
CA ASP A 85 -14.30 30.99 -53.97
C ASP A 85 -13.08 30.22 -53.47
N LEU A 86 -12.35 29.63 -54.39
CA LEU A 86 -11.14 28.87 -54.08
C LEU A 86 -10.15 29.24 -55.20
N PRO A 87 -9.42 30.35 -55.03
CA PRO A 87 -8.45 30.81 -56.03
C PRO A 87 -7.25 29.87 -56.25
N LEU A 88 -6.65 29.98 -57.44
CA LEU A 88 -5.49 29.15 -57.78
C LEU A 88 -4.46 29.25 -56.67
N GLU A 89 -4.33 30.45 -56.11
CA GLU A 89 -3.38 30.66 -55.04
C GLU A 89 -3.56 29.67 -53.89
N GLU A 90 -4.81 29.31 -53.60
CA GLU A 90 -5.06 28.36 -52.53
C GLU A 90 -4.60 26.97 -52.94
N LEU A 91 -4.82 26.62 -54.21
CA LEU A 91 -4.42 25.31 -54.69
C LEU A 91 -2.89 25.21 -54.61
N LYS A 92 -2.21 26.34 -54.77
CA LYS A 92 -0.75 26.38 -54.69
C LYS A 92 -0.31 26.37 -53.23
N SER A 93 -1.28 26.40 -52.33
CA SER A 93 -1.00 26.37 -50.89
C SER A 93 -1.57 25.11 -50.25
N PHE A 94 -1.80 24.10 -51.07
CA PHE A 94 -2.33 22.81 -50.64
C PHE A 94 -1.51 22.28 -49.48
N ARG A 95 -2.20 21.88 -48.41
CA ARG A 95 -1.54 21.33 -47.23
C ARG A 95 -0.59 22.28 -46.50
N GLN A 96 -0.72 23.58 -46.76
CA GLN A 96 0.12 24.57 -46.09
C GLN A 96 -0.65 25.26 -44.95
N TRP A 97 0.09 25.73 -43.95
CA TRP A 97 -0.52 26.39 -42.80
C TRP A 97 -1.51 27.48 -43.18
N GLY A 98 -2.74 27.36 -42.67
CA GLY A 98 -3.76 28.36 -42.93
C GLY A 98 -4.38 28.44 -44.31
N SER A 99 -4.08 27.48 -45.17
CA SER A 99 -4.66 27.50 -46.50
C SER A 99 -6.09 26.96 -46.43
N LYS A 100 -6.88 27.25 -47.44
CA LYS A 100 -8.27 26.76 -47.50
C LYS A 100 -8.27 25.42 -48.23
N THR A 101 -7.10 24.82 -48.34
CA THR A 101 -6.94 23.54 -49.00
C THR A 101 -6.15 22.56 -48.14
N PRO A 102 -6.69 22.16 -46.99
CA PRO A 102 -6.03 21.23 -46.09
C PRO A 102 -5.93 19.83 -46.71
N GLY A 103 -4.98 19.02 -46.21
CA GLY A 103 -4.78 17.67 -46.72
C GLY A 103 -6.03 16.83 -46.89
N HIS A 104 -6.98 16.97 -45.96
CA HIS A 104 -8.25 16.24 -46.04
C HIS A 104 -9.32 17.31 -45.91
N PRO A 105 -10.45 17.14 -46.60
CA PRO A 105 -11.54 18.12 -46.57
C PRO A 105 -12.01 18.52 -45.18
N GLU A 106 -12.25 19.81 -45.00
CA GLU A 106 -12.73 20.34 -43.72
C GLU A 106 -13.98 21.20 -43.93
N ARG A 107 -15.12 20.64 -43.55
CA ARG A 107 -16.38 21.36 -43.69
C ARG A 107 -16.32 22.63 -42.85
N GLY A 108 -16.80 23.73 -43.43
CA GLY A 108 -16.78 24.99 -42.70
C GLY A 108 -15.46 25.72 -42.81
N HIS A 109 -14.53 25.16 -43.57
CA HIS A 109 -13.22 25.79 -43.74
C HIS A 109 -12.98 26.09 -45.21
N THR A 110 -13.59 25.29 -46.07
CA THR A 110 -13.44 25.45 -47.51
C THR A 110 -14.86 25.54 -48.07
N PRO A 111 -15.10 26.51 -48.96
CA PRO A 111 -16.43 26.66 -49.56
C PRO A 111 -16.73 25.42 -50.38
N GLY A 112 -17.94 24.88 -50.23
CA GLY A 112 -18.29 23.71 -51.01
C GLY A 112 -17.95 22.36 -50.39
N VAL A 113 -17.31 22.34 -49.23
CA VAL A 113 -16.99 21.08 -48.57
C VAL A 113 -18.16 20.75 -47.66
N GLU A 114 -18.88 19.68 -48.00
CA GLU A 114 -20.07 19.26 -47.27
C GLU A 114 -19.83 18.55 -45.94
N VAL A 115 -18.77 17.75 -45.89
CA VAL A 115 -18.44 16.96 -44.72
C VAL A 115 -16.93 16.89 -44.52
N THR A 116 -16.50 16.85 -43.26
CA THR A 116 -15.08 16.72 -42.99
C THR A 116 -14.81 15.23 -43.10
N THR A 117 -13.95 14.86 -44.03
CA THR A 117 -13.63 13.46 -44.24
C THR A 117 -12.14 13.16 -44.07
N GLY A 118 -11.79 11.90 -44.17
CA GLY A 118 -10.40 11.48 -43.98
C GLY A 118 -10.54 10.16 -43.26
N PRO A 119 -11.09 10.17 -42.05
CA PRO A 119 -11.23 8.88 -41.39
C PRO A 119 -12.25 8.14 -42.25
N LEU A 120 -11.83 7.02 -42.82
CA LEU A 120 -12.69 6.26 -43.72
C LEU A 120 -13.97 5.76 -43.08
N GLY A 121 -15.02 5.70 -43.90
CA GLY A 121 -16.32 5.26 -43.42
C GLY A 121 -17.18 6.41 -42.92
N GLN A 122 -16.56 7.49 -42.44
CA GLN A 122 -17.33 8.63 -41.93
C GLN A 122 -18.10 9.39 -43.00
N GLY A 123 -17.47 9.62 -44.14
CA GLY A 123 -18.14 10.35 -45.20
C GLY A 123 -19.39 9.64 -45.72
N ILE A 124 -19.21 8.39 -46.13
CA ILE A 124 -20.31 7.61 -46.68
C ILE A 124 -21.43 7.35 -45.66
N SER A 125 -21.09 7.28 -44.38
CA SER A 125 -22.08 7.05 -43.34
C SER A 125 -22.84 8.33 -42.99
N THR A 126 -22.10 9.43 -42.90
CA THR A 126 -22.69 10.74 -42.60
C THR A 126 -23.67 11.12 -43.70
N ALA A 127 -23.36 10.70 -44.93
CA ALA A 127 -24.22 10.97 -46.07
C ALA A 127 -25.61 10.33 -45.93
N VAL A 128 -25.73 9.27 -45.13
CA VAL A 128 -27.03 8.63 -44.94
C VAL A 128 -27.91 9.60 -44.15
N GLY A 129 -27.28 10.36 -43.26
CA GLY A 129 -28.00 11.35 -42.46
C GLY A 129 -28.46 12.49 -43.35
N LEU A 130 -27.61 12.89 -44.30
CA LEU A 130 -27.94 13.97 -45.23
C LEU A 130 -29.12 13.56 -46.11
N ALA A 131 -29.07 12.33 -46.61
CA ALA A 131 -30.13 11.80 -47.45
C ALA A 131 -31.43 11.62 -46.67
N LEU A 132 -31.32 11.17 -45.42
CA LEU A 132 -32.48 10.96 -44.56
C LEU A 132 -33.13 12.32 -44.31
N ALA A 133 -32.29 13.33 -44.09
CA ALA A 133 -32.75 14.68 -43.85
C ALA A 133 -33.54 15.26 -45.01
N GLU A 134 -33.07 15.04 -46.24
CA GLU A 134 -33.73 15.55 -47.43
C GLU A 134 -35.09 14.88 -47.58
N ARG A 135 -35.10 13.56 -47.44
CA ARG A 135 -36.30 12.75 -47.58
C ARG A 135 -37.36 13.15 -46.57
N LYS A 136 -36.96 13.36 -45.32
CA LYS A 136 -37.90 13.74 -44.28
C LYS A 136 -38.38 15.17 -44.46
N LEU A 137 -37.48 16.06 -44.85
CA LEU A 137 -37.84 17.45 -45.04
C LEU A 137 -38.81 17.60 -46.21
N ALA A 138 -38.63 16.77 -47.23
CA ALA A 138 -39.50 16.80 -48.40
C ALA A 138 -40.90 16.35 -47.98
N ALA A 139 -40.97 15.28 -47.21
CA ALA A 139 -42.24 14.75 -46.74
C ALA A 139 -42.98 15.76 -45.89
N GLU A 140 -42.24 16.50 -45.06
CA GLU A 140 -42.85 17.51 -44.20
C GLU A 140 -43.36 18.77 -44.90
N PHE A 141 -42.59 19.24 -45.88
CA PHE A 141 -42.93 20.49 -46.55
C PHE A 141 -43.45 20.51 -47.98
N ASN A 142 -43.12 19.50 -48.78
CA ASN A 142 -43.62 19.51 -50.14
C ASN A 142 -45.14 19.42 -50.13
N ARG A 143 -45.77 20.04 -51.12
CA ARG A 143 -47.22 20.02 -51.26
C ARG A 143 -47.54 20.03 -52.75
N PRO A 144 -48.79 19.69 -53.12
CA PRO A 144 -49.16 19.68 -54.55
C PRO A 144 -48.70 20.95 -55.26
N GLY A 145 -47.97 20.78 -56.35
CA GLY A 145 -47.47 21.92 -57.11
C GLY A 145 -46.46 22.77 -56.36
N HIS A 146 -45.98 22.27 -55.22
CA HIS A 146 -45.01 22.99 -54.40
C HIS A 146 -43.87 22.09 -53.90
N VAL A 147 -42.88 21.87 -54.76
CA VAL A 147 -41.73 21.03 -54.42
C VAL A 147 -40.58 21.94 -53.99
N VAL A 148 -40.52 22.23 -52.70
CA VAL A 148 -39.48 23.10 -52.17
C VAL A 148 -38.25 22.34 -51.67
N VAL A 149 -38.36 21.01 -51.59
CA VAL A 149 -37.23 20.18 -51.17
C VAL A 149 -37.03 19.08 -52.20
N ASP A 150 -35.95 19.16 -52.97
CA ASP A 150 -35.68 18.14 -53.98
C ASP A 150 -34.23 18.09 -54.43
N HIS A 151 -33.42 17.30 -53.75
CA HIS A 151 -32.01 17.17 -54.11
C HIS A 151 -31.44 15.80 -53.75
N TYR A 152 -30.38 15.44 -54.45
CA TYR A 152 -29.74 14.15 -54.24
C TYR A 152 -28.49 14.23 -53.39
N THR A 153 -28.05 13.08 -52.91
CA THR A 153 -26.85 12.99 -52.09
C THR A 153 -25.92 12.03 -52.83
N TYR A 154 -24.77 12.54 -53.24
CA TYR A 154 -23.79 11.75 -53.97
C TYR A 154 -22.55 11.58 -53.10
N VAL A 155 -21.93 10.41 -53.21
CA VAL A 155 -20.74 10.10 -52.42
C VAL A 155 -19.68 9.40 -53.27
N LEU A 156 -18.42 9.73 -53.06
CA LEU A 156 -17.34 9.04 -53.76
C LEU A 156 -16.60 8.32 -52.63
N ALA A 157 -16.57 6.98 -52.70
CA ALA A 157 -15.94 6.19 -51.66
C ALA A 157 -14.85 5.25 -52.18
N SER A 158 -13.93 4.88 -51.29
CA SER A 158 -12.83 4.00 -51.64
C SER A 158 -13.01 2.62 -50.99
N ASP A 159 -12.15 1.66 -51.34
CA ASP A 159 -12.22 0.32 -50.77
C ASP A 159 -12.23 0.41 -49.24
N GLY A 160 -11.36 1.28 -48.71
CA GLY A 160 -11.28 1.47 -47.27
C GLY A 160 -12.62 1.87 -46.65
N ASP A 161 -13.34 2.77 -47.31
CA ASP A 161 -14.64 3.19 -46.82
C ASP A 161 -15.57 1.98 -46.66
N LEU A 162 -15.58 1.12 -47.67
CA LEU A 162 -16.45 -0.06 -47.67
C LEU A 162 -16.04 -1.16 -46.69
N GLU A 164 -14.78 -0.50 -43.60
CA GLU A 164 -15.11 -0.01 -42.26
C GLU A 164 -16.51 -0.45 -41.83
N GLY A 165 -16.61 -0.98 -40.62
CA GLY A 165 -17.87 -1.44 -40.11
C GLY A 165 -18.98 -0.40 -40.12
N VAL A 166 -18.64 0.85 -39.83
CA VAL A 166 -19.65 1.89 -39.78
C VAL A 166 -20.38 2.07 -41.12
N SER A 167 -19.66 1.94 -42.22
CA SER A 167 -20.29 2.08 -43.53
C SER A 167 -21.31 0.96 -43.77
N GLY A 168 -21.01 -0.25 -43.25
CA GLY A 168 -21.92 -1.37 -43.39
C GLY A 168 -23.17 -1.11 -42.58
N GLU A 169 -22.99 -0.58 -41.37
CA GLU A 169 -24.09 -0.24 -40.47
C GLU A 169 -25.00 0.81 -41.12
N ALA A 170 -24.39 1.84 -41.68
CA ALA A 170 -25.15 2.92 -42.30
C ALA A 170 -25.84 2.39 -43.55
N ALA A 171 -25.14 1.53 -44.28
CA ALA A 171 -25.70 0.95 -45.49
C ALA A 171 -26.97 0.15 -45.15
N SER A 172 -26.89 -0.65 -44.10
CA SER A 172 -28.03 -1.46 -43.66
C SER A 172 -29.22 -0.56 -43.38
N LEU A 173 -28.99 0.52 -42.65
CA LEU A 173 -30.06 1.46 -42.34
C LEU A 173 -30.60 2.18 -43.58
N ALA A 174 -29.72 2.63 -44.47
CA ALA A 174 -30.13 3.33 -45.68
C ALA A 174 -31.07 2.47 -46.53
N GLY A 175 -30.78 1.18 -46.60
CA GLY A 175 -31.61 0.27 -47.38
C GLY A 175 -32.93 0.06 -46.67
N HIS A 176 -32.85 -0.08 -45.35
CA HIS A 176 -34.03 -0.29 -44.51
C HIS A 176 -34.98 0.89 -44.65
N TRP A 177 -34.41 2.10 -44.71
CA TRP A 177 -35.20 3.32 -44.84
C TRP A 177 -35.60 3.67 -46.26
N GLY A 178 -35.13 2.90 -47.23
CA GLY A 178 -35.44 3.18 -48.62
C GLY A 178 -35.01 4.55 -49.10
N LEU A 179 -33.76 4.94 -48.85
CA LEU A 179 -33.29 6.26 -49.29
C LEU A 179 -32.93 6.25 -50.77
N SER A 180 -33.95 6.40 -51.60
CA SER A 180 -33.81 6.38 -53.07
C SER A 180 -32.96 7.48 -53.71
N LYS A 181 -32.68 8.55 -53.00
CA LYS A 181 -31.90 9.64 -53.60
C LYS A 181 -30.44 9.67 -53.18
N LEU A 182 -30.00 8.60 -52.53
CA LEU A 182 -28.61 8.47 -52.09
C LEU A 182 -27.90 7.68 -53.18
N ILE A 183 -26.83 8.25 -53.74
CA ILE A 183 -26.09 7.59 -54.81
C ILE A 183 -24.60 7.60 -54.49
N VAL A 184 -24.04 6.41 -54.32
CA VAL A 184 -22.63 6.27 -53.97
C VAL A 184 -21.79 5.70 -55.10
N PHE A 185 -20.65 6.32 -55.35
CA PHE A 185 -19.74 5.85 -56.39
C PHE A 185 -18.53 5.22 -55.70
N TRP A 186 -18.24 3.97 -56.05
CA TRP A 186 -17.09 3.31 -55.45
C TRP A 186 -15.94 3.21 -56.45
N ASP A 187 -14.77 3.69 -56.04
CA ASP A 187 -13.58 3.65 -56.87
C ASP A 187 -13.00 2.26 -56.71
N ASP A 188 -13.39 1.38 -57.62
CA ASP A 188 -12.92 0.01 -57.62
C ASP A 188 -11.61 -0.06 -58.40
N ASN A 189 -10.53 0.39 -57.78
CA ASN A 189 -9.23 0.37 -58.46
C ASN A 189 -8.31 -0.76 -58.00
N ARG A 190 -8.85 -1.63 -57.15
CA ARG A 190 -8.11 -2.80 -56.64
C ARG A 190 -6.80 -2.52 -55.91
N ILE A 191 -6.58 -1.26 -55.51
CA ILE A 191 -5.34 -0.90 -54.83
C ILE A 191 -5.54 -0.34 -53.42
N SER A 192 -4.72 -0.80 -52.49
CA SER A 192 -4.78 -0.33 -51.11
C SER A 192 -3.42 0.19 -50.73
N ILE A 193 -3.32 0.72 -49.51
CA ILE A 193 -2.04 1.24 -49.04
C ILE A 193 -1.03 0.10 -48.89
N ASP A 194 -1.47 -1.05 -48.39
CA ASP A 194 -0.57 -2.18 -48.20
C ASP A 194 -0.18 -2.91 -49.48
N GLY A 195 -0.81 -2.52 -50.59
CA GLY A 195 -0.54 -3.15 -51.88
C GLY A 195 -1.83 -3.57 -52.53
N PRO A 196 -1.86 -4.68 -53.28
CA PRO A 196 -3.11 -5.09 -53.93
C PRO A 196 -4.19 -5.25 -52.86
N THR A 197 -5.40 -4.79 -53.18
CA THR A 197 -6.49 -4.88 -52.23
C THR A 197 -6.83 -6.32 -51.85
N ASP A 198 -6.57 -7.27 -52.74
CA ASP A 198 -6.89 -8.67 -52.43
C ASP A 198 -6.05 -9.25 -51.30
N LEU A 199 -5.20 -8.43 -50.71
CA LEU A 199 -4.39 -8.87 -49.60
C LEU A 199 -5.28 -9.01 -48.36
N ALA A 200 -6.40 -8.29 -48.35
CA ALA A 200 -7.29 -8.32 -47.20
C ALA A 200 -8.76 -8.06 -47.52
N PHE A 201 -9.07 -7.81 -48.79
CA PHE A 201 -10.43 -7.50 -49.22
C PHE A 201 -10.78 -8.29 -50.48
N THR A 202 -11.60 -9.34 -50.33
CA THR A 202 -12.00 -10.16 -51.48
C THR A 202 -13.49 -10.52 -51.50
N GLU A 203 -14.27 -9.98 -50.57
CA GLU A 203 -15.71 -10.25 -50.50
C GLU A 203 -16.44 -9.75 -51.76
N ASP A 204 -17.68 -10.21 -51.94
CA ASP A 204 -18.47 -9.77 -53.08
C ASP A 204 -19.20 -8.51 -52.62
N VAL A 205 -18.50 -7.38 -52.73
CA VAL A 205 -19.03 -6.08 -52.31
C VAL A 205 -20.44 -5.73 -52.76
N LEU A 206 -20.70 -5.88 -54.05
CA LEU A 206 -22.02 -5.52 -54.58
C LEU A 206 -23.11 -6.49 -54.10
N ALA A 207 -22.75 -7.76 -53.94
CA ALA A 207 -23.71 -8.75 -53.46
C ALA A 207 -24.08 -8.36 -52.01
N ARG A 208 -23.11 -7.89 -51.24
CA ARG A 208 -23.39 -7.49 -49.87
C ARG A 208 -24.33 -6.28 -49.84
N TYR A 209 -24.12 -5.33 -50.75
CA TYR A 209 -24.97 -4.15 -50.76
C TYR A 209 -26.39 -4.48 -51.22
N ARG A 210 -26.52 -5.52 -52.05
CA ARG A 210 -27.85 -5.92 -52.50
C ARG A 210 -28.58 -6.53 -51.30
N ALA A 211 -27.83 -7.21 -50.44
CA ALA A 211 -28.41 -7.82 -49.25
C ALA A 211 -28.96 -6.73 -48.33
N TYR A 212 -28.30 -5.56 -48.32
CA TYR A 212 -28.76 -4.44 -47.51
C TYR A 212 -30.03 -3.84 -48.12
N GLY A 213 -30.36 -4.22 -49.35
CA GLY A 213 -31.54 -3.66 -49.96
C GLY A 213 -31.24 -2.52 -50.92
N TRP A 214 -29.99 -2.43 -51.33
CA TRP A 214 -29.57 -1.38 -52.27
C TRP A 214 -29.58 -1.93 -53.69
N GLN A 215 -29.49 -1.00 -54.65
CA GLN A 215 -29.40 -1.33 -56.05
C GLN A 215 -27.90 -1.24 -56.33
N THR A 216 -27.38 -2.13 -57.16
CA THR A 216 -25.96 -2.07 -57.49
C THR A 216 -25.81 -1.95 -59.00
N LEU A 217 -24.84 -1.17 -59.42
CA LEU A 217 -24.57 -0.96 -60.82
C LEU A 217 -23.09 -1.03 -61.02
N ARG A 218 -22.67 -1.21 -62.26
CA ARG A 218 -21.27 -1.30 -62.58
C ARG A 218 -20.93 -0.46 -63.81
N VAL A 219 -19.78 0.20 -63.75
CA VAL A 219 -19.28 1.01 -64.85
C VAL A 219 -17.84 0.53 -65.02
N GLU A 220 -17.61 -0.22 -66.10
CA GLU A 220 -16.30 -0.81 -66.37
C GLU A 220 -15.15 0.12 -66.69
N ASP A 221 -15.45 1.38 -66.98
CA ASP A 221 -14.39 2.36 -67.27
C ASP A 221 -14.84 3.75 -66.86
N VAL A 222 -14.16 4.32 -65.87
CA VAL A 222 -14.49 5.64 -65.37
C VAL A 222 -14.41 6.71 -66.47
N ASN A 223 -13.54 6.48 -67.46
CA ASN A 223 -13.37 7.43 -68.56
C ASN A 223 -14.54 7.46 -69.54
N ASP A 224 -15.33 6.40 -69.52
CA ASP A 224 -16.50 6.29 -70.39
C ASP A 224 -17.62 7.13 -69.78
N LEU A 225 -17.60 8.43 -70.07
CA LEU A 225 -18.60 9.35 -69.55
C LEU A 225 -20.05 8.94 -69.82
N GLU A 226 -20.33 8.45 -71.03
CA GLU A 226 -21.72 8.05 -71.32
C GLU A 226 -22.18 6.90 -70.42
N ALA A 227 -21.24 6.01 -70.08
CA ALA A 227 -21.56 4.90 -69.19
C ALA A 227 -21.95 5.44 -67.82
N LEU A 228 -21.20 6.43 -67.35
CA LEU A 228 -21.51 7.04 -66.06
C LEU A 228 -22.88 7.71 -66.05
N ARG A 229 -23.18 8.46 -67.10
CA ARG A 229 -24.46 9.15 -67.21
C ARG A 229 -25.64 8.17 -67.12
N LYS A 230 -25.57 7.10 -67.90
CA LYS A 230 -26.63 6.08 -67.91
C LYS A 230 -26.82 5.44 -66.55
N ALA A 231 -25.72 5.19 -65.84
CA ALA A 231 -25.79 4.55 -64.53
C ALA A 231 -26.53 5.47 -63.57
N ILE A 232 -26.15 6.74 -63.57
CA ILE A 232 -26.77 7.73 -62.69
C ILE A 232 -28.26 7.88 -62.96
N LYS A 233 -28.67 7.79 -64.22
CA LYS A 233 -30.09 7.90 -64.54
C LYS A 233 -30.85 6.71 -63.98
N LEU A 234 -30.30 5.51 -64.16
CA LEU A 234 -30.94 4.31 -63.65
C LEU A 234 -31.12 4.40 -62.13
N ALA A 235 -30.09 4.89 -61.45
CA ALA A 235 -30.14 5.03 -59.99
C ALA A 235 -31.25 5.97 -59.54
N LYS A 236 -31.41 7.10 -60.23
CA LYS A 236 -32.45 8.05 -59.86
C LYS A 236 -33.85 7.46 -60.02
N LEU A 237 -34.01 6.54 -60.95
CA LEU A 237 -35.31 5.91 -61.17
C LEU A 237 -35.62 4.86 -60.11
N ASP A 238 -34.58 4.29 -59.52
CA ASP A 238 -34.76 3.23 -58.52
C ASP A 238 -35.14 3.77 -57.15
N GLU A 239 -36.07 3.08 -56.48
CA GLU A 239 -36.54 3.48 -55.16
C GLU A 239 -35.59 3.09 -54.03
N ARG A 240 -34.47 2.47 -54.40
CA ARG A 240 -33.48 2.05 -53.41
C ARG A 240 -32.21 2.89 -53.50
N PRO A 241 -31.42 2.94 -52.41
CA PRO A 241 -30.21 3.73 -52.53
C PRO A 241 -29.34 2.94 -53.51
N THR A 242 -28.38 3.59 -54.16
CA THR A 242 -27.56 2.88 -55.14
C THR A 242 -26.04 2.97 -54.96
N LEU A 243 -25.38 1.84 -55.16
CA LEU A 243 -23.92 1.78 -55.09
C LEU A 243 -23.47 1.45 -56.52
N ILE A 244 -22.64 2.33 -57.07
CA ILE A 244 -22.14 2.15 -58.43
C ILE A 244 -20.64 1.86 -58.38
N ALA A 245 -20.27 0.62 -58.73
CA ALA A 245 -18.87 0.25 -58.73
C ALA A 245 -18.28 0.82 -60.02
N VAL A 246 -17.34 1.74 -59.89
CA VAL A 246 -16.71 2.36 -61.06
C VAL A 246 -15.24 1.97 -61.18
N ARG A 247 -14.92 1.21 -62.22
CA ARG A 247 -13.54 0.77 -62.44
C ARG A 247 -12.63 1.91 -62.89
N SER A 248 -11.48 2.05 -62.24
CA SER A 248 -10.53 3.09 -62.60
C SER A 248 -9.12 2.61 -62.29
N HIS A 249 -8.13 3.32 -62.84
CA HIS A 249 -6.72 2.99 -62.62
C HIS A 249 -6.08 4.06 -61.75
N ILE A 250 -5.75 3.73 -60.52
CA ILE A 250 -5.11 4.72 -59.66
C ILE A 250 -3.88 5.21 -60.43
N GLY A 251 -3.63 6.51 -60.39
CA GLY A 251 -2.47 7.05 -61.10
C GLY A 251 -2.60 6.91 -62.61
N PHE A 252 -3.82 6.96 -63.12
CA PHE A 252 -4.07 6.83 -64.54
C PHE A 252 -3.19 7.78 -65.36
N GLY A 253 -2.62 7.25 -66.43
CA GLY A 253 -1.77 8.05 -67.30
C GLY A 253 -0.31 8.18 -66.89
N SER A 254 0.03 7.74 -65.68
CA SER A 254 1.40 7.86 -65.21
C SER A 254 2.14 6.53 -65.13
N PRO A 255 3.46 6.57 -64.89
CA PRO A 255 4.28 5.35 -64.78
C PRO A 255 3.91 4.56 -63.52
N LYS A 256 3.29 5.24 -62.57
CA LYS A 256 2.90 4.63 -61.29
C LYS A 256 1.46 4.15 -61.31
N GLN A 257 0.85 4.10 -62.49
CA GLN A 257 -0.52 3.65 -62.60
C GLN A 257 -0.67 2.23 -62.04
N ASP A 258 -1.82 1.96 -61.42
CA ASP A 258 -2.10 0.65 -60.85
C ASP A 258 -1.11 0.22 -59.77
N SER A 259 -0.54 1.19 -59.07
CA SER A 259 0.41 0.91 -58.01
C SER A 259 0.13 1.73 -56.75
N ALA A 260 0.31 1.11 -55.59
CA ALA A 260 0.09 1.80 -54.33
C ALA A 260 1.04 2.98 -54.21
N LYS A 261 2.08 3.02 -55.05
CA LYS A 261 3.05 4.09 -55.01
C LYS A 261 2.45 5.39 -55.53
N ALA A 262 1.32 5.27 -56.21
CA ALA A 262 0.63 6.43 -56.76
C ALA A 262 -0.36 6.97 -55.74
N HIS A 263 -0.61 6.19 -54.70
CA HIS A 263 -1.58 6.55 -53.66
C HIS A 263 -1.35 7.78 -52.80
N GLY A 264 -0.32 7.74 -51.95
CA GLY A 264 -0.08 8.85 -51.05
C GLY A 264 1.26 9.58 -51.03
N GLU A 265 1.85 9.78 -52.20
CA GLU A 265 3.12 10.49 -52.27
C GLU A 265 3.19 11.20 -53.63
N PRO A 266 3.89 12.33 -53.69
CA PRO A 266 4.03 13.09 -54.94
C PRO A 266 4.56 12.16 -56.05
N LEU A 267 4.09 12.37 -57.27
CA LEU A 267 4.52 11.54 -58.39
C LEU A 267 6.03 11.64 -58.64
N GLY A 268 6.60 12.82 -58.38
CA GLY A 268 8.01 13.01 -58.62
C GLY A 268 8.18 13.67 -59.98
N PRO A 269 9.28 14.40 -60.21
CA PRO A 269 9.47 15.05 -61.52
C PRO A 269 9.39 14.13 -62.73
N GLU A 270 10.01 12.96 -62.65
CA GLU A 270 9.96 12.01 -63.76
C GLU A 270 8.53 11.66 -64.14
N ALA A 271 7.82 11.11 -63.17
CA ALA A 271 6.44 10.72 -63.37
C ALA A 271 5.57 11.84 -63.89
N VAL A 272 5.77 13.05 -63.38
CA VAL A 272 4.97 14.20 -63.83
C VAL A 272 5.15 14.48 -65.32
N GLU A 273 6.39 14.58 -65.76
CA GLU A 273 6.67 14.86 -67.16
C GLU A 273 6.09 13.76 -68.03
N ALA A 274 6.34 12.51 -67.65
CA ALA A 274 5.84 11.37 -68.41
C ALA A 274 4.30 11.41 -68.49
N THR A 275 3.65 11.73 -67.37
CA THR A 275 2.19 11.81 -67.35
C THR A 275 1.73 12.88 -68.35
N ARG A 276 2.40 14.03 -68.32
CA ARG A 276 2.07 15.13 -69.22
C ARG A 276 2.16 14.67 -70.67
N ARG A 277 3.18 13.86 -70.98
CA ARG A 277 3.37 13.36 -72.33
C ARG A 277 2.32 12.31 -72.66
N ASN A 278 2.09 11.38 -71.74
CA ASN A 278 1.12 10.32 -71.95
C ASN A 278 -0.30 10.85 -72.17
N LEU A 279 -0.68 11.87 -71.41
CA LEU A 279 -2.03 12.42 -71.54
C LEU A 279 -2.10 13.60 -72.51
N GLY A 280 -0.96 13.99 -73.07
CA GLY A 280 -0.94 15.09 -74.01
C GLY A 280 -1.33 16.42 -73.41
N TRP A 281 -0.69 16.79 -72.31
CA TRP A 281 -0.96 18.04 -71.60
C TRP A 281 0.26 18.95 -71.73
N PRO A 282 0.16 20.00 -72.56
CA PRO A 282 1.23 20.96 -72.81
C PRO A 282 1.35 22.12 -71.82
N TYR A 283 0.36 22.25 -70.94
CA TYR A 283 0.36 23.35 -69.99
C TYR A 283 1.23 23.16 -68.76
N PRO A 284 1.88 24.24 -68.32
CA PRO A 284 2.77 24.23 -67.15
C PRO A 284 1.95 24.13 -65.86
N PRO A 285 2.61 23.85 -64.74
CA PRO A 285 1.94 23.74 -63.44
C PRO A 285 0.92 24.83 -63.13
N PHE A 286 -0.27 24.38 -62.73
CA PHE A 286 -1.37 25.26 -62.34
C PHE A 286 -2.00 26.08 -63.46
N VAL A 287 -1.57 25.86 -64.70
CA VAL A 287 -2.12 26.61 -65.81
C VAL A 287 -3.21 25.82 -66.52
N VAL A 288 -4.38 26.44 -66.65
CA VAL A 288 -5.51 25.81 -67.32
C VAL A 288 -5.98 26.76 -68.41
N PRO A 289 -6.19 26.25 -69.63
CA PRO A 289 -6.64 27.11 -70.73
C PRO A 289 -7.98 27.78 -70.42
N GLU A 290 -8.10 29.05 -70.79
CA GLU A 290 -9.31 29.80 -70.53
C GLU A 290 -10.55 29.06 -71.03
N GLU A 291 -10.42 28.36 -72.15
CA GLU A 291 -11.54 27.62 -72.70
C GLU A 291 -12.17 26.65 -71.68
N VAL A 292 -11.33 26.06 -70.83
CA VAL A 292 -11.82 25.14 -69.81
C VAL A 292 -12.54 25.93 -68.73
N TYR A 293 -11.94 27.04 -68.32
CA TYR A 293 -12.55 27.89 -67.30
C TYR A 293 -13.93 28.34 -67.77
N ARG A 294 -14.07 28.61 -69.05
CA ARG A 294 -15.35 29.06 -69.59
C ARG A 294 -16.36 27.90 -69.59
N HIS A 295 -15.91 26.73 -70.03
CA HIS A 295 -16.79 25.57 -70.08
C HIS A 295 -17.20 25.07 -68.68
N ASP A 297 -17.29 27.00 -65.82
CA ASP A 297 -17.95 28.04 -65.02
C ASP A 297 -19.41 27.67 -64.74
N ARG A 299 -21.20 29.59 -62.29
CA ARG A 299 -21.80 30.72 -61.59
C ARG A 299 -23.15 31.16 -62.13
N GLU A 300 -23.31 31.08 -63.46
CA GLU A 300 -24.57 31.49 -64.08
C GLU A 300 -25.66 30.41 -63.93
N LYS A 301 -25.30 29.14 -64.09
CA LYS A 301 -26.27 28.07 -63.93
C LYS A 301 -26.67 28.02 -62.44
N GLY A 302 -25.70 28.27 -61.57
CA GLY A 302 -25.97 28.26 -60.15
C GLY A 302 -26.98 29.34 -59.78
N ARG A 303 -26.78 30.55 -60.28
CA ARG A 303 -27.71 31.64 -60.00
C ARG A 303 -29.08 31.21 -60.48
N ALA A 304 -29.14 30.76 -61.73
CA ALA A 304 -30.39 30.32 -62.34
C ALA A 304 -31.13 29.31 -61.49
N TRP A 305 -30.42 28.28 -61.03
CA TRP A 305 -31.04 27.26 -60.19
C TRP A 305 -31.56 27.81 -58.88
N GLN A 306 -30.69 28.51 -58.16
CA GLN A 306 -31.09 29.06 -56.87
C GLN A 306 -32.24 30.06 -57.03
N GLU A 307 -32.16 30.90 -58.06
CA GLU A 307 -33.21 31.87 -58.33
C GLU A 307 -34.54 31.18 -58.54
N ALA A 308 -34.51 30.06 -59.25
CA ALA A 308 -35.73 29.31 -59.51
C ALA A 308 -36.27 28.74 -58.19
N TRP A 309 -35.37 28.31 -57.31
CA TRP A 309 -35.78 27.76 -56.03
C TRP A 309 -36.46 28.86 -55.24
N GLU A 310 -35.82 30.05 -55.23
CA GLU A 310 -36.35 31.20 -54.51
C GLU A 310 -37.73 31.64 -54.98
N LYS A 311 -37.97 31.58 -56.28
CA LYS A 311 -39.27 31.98 -56.81
C LYS A 311 -40.28 30.94 -56.35
N ALA A 312 -39.86 29.68 -56.32
CA ALA A 312 -40.73 28.61 -55.88
C ALA A 312 -41.14 28.84 -54.44
N LEU A 313 -40.23 29.39 -53.63
CA LEU A 313 -40.53 29.68 -52.24
C LEU A 313 -41.55 30.82 -52.12
N GLU A 314 -41.53 31.73 -53.09
CA GLU A 314 -42.46 32.86 -53.10
C GLU A 314 -43.86 32.30 -53.27
N ALA A 315 -44.02 31.39 -54.22
CA ALA A 315 -45.31 30.77 -54.49
C ALA A 315 -45.76 29.99 -53.28
N TYR A 316 -44.83 29.21 -52.72
CA TYR A 316 -45.08 28.38 -51.55
C TYR A 316 -45.57 29.25 -50.40
N ALA A 317 -44.88 30.38 -50.22
CA ALA A 317 -45.20 31.34 -49.17
C ALA A 317 -46.60 31.91 -49.32
N ARG A 318 -47.08 31.97 -50.55
CA ARG A 318 -48.41 32.50 -50.83
C ARG A 318 -49.48 31.45 -50.53
N ALA A 319 -49.22 30.22 -50.95
CA ALA A 319 -50.16 29.13 -50.76
C ALA A 319 -50.07 28.48 -49.39
N TYR A 320 -48.93 28.66 -48.72
CA TYR A 320 -48.71 28.05 -47.40
C TYR A 320 -47.89 28.96 -46.48
N PRO A 321 -48.49 30.04 -45.98
CA PRO A 321 -47.84 31.01 -45.09
C PRO A 321 -47.14 30.40 -43.87
N ASP A 322 -47.88 29.63 -43.08
CA ASP A 322 -47.33 29.01 -41.88
C ASP A 322 -46.20 28.02 -42.17
N LEU A 323 -46.38 27.19 -43.19
CA LEU A 323 -45.35 26.23 -43.54
C LEU A 323 -44.09 26.95 -44.01
N HIS A 324 -44.27 27.95 -44.86
CA HIS A 324 -43.15 28.72 -45.39
C HIS A 324 -42.33 29.36 -44.27
N GLN A 325 -43.03 29.99 -43.32
CA GLN A 325 -42.37 30.64 -42.21
C GLN A 325 -41.55 29.64 -41.38
N GLU A 326 -42.09 28.44 -41.20
CA GLU A 326 -41.40 27.43 -40.41
C GLU A 326 -40.21 26.83 -41.15
N LEU A 327 -40.39 26.58 -42.44
CA LEU A 327 -39.32 26.04 -43.26
C LEU A 327 -38.15 27.01 -43.22
N ARG A 329 -37.43 29.41 -40.98
CA ARG A 329 -36.83 29.50 -39.65
C ARG A 329 -35.88 28.33 -39.42
N ARG A 330 -36.36 27.13 -39.73
CA ARG A 330 -35.57 25.92 -39.54
C ARG A 330 -34.35 25.85 -40.45
N LEU A 331 -34.50 26.27 -41.71
CA LEU A 331 -33.37 26.24 -42.63
C LEU A 331 -32.32 27.24 -42.19
N ARG A 332 -32.72 28.26 -41.45
CA ARG A 332 -31.78 29.26 -40.95
C ARG A 332 -31.22 28.83 -39.59
N GLY A 333 -31.62 27.66 -39.13
CA GLY A 333 -31.14 27.16 -37.85
C GLY A 333 -31.50 28.02 -36.66
N GLU A 334 -32.65 28.68 -36.74
CA GLU A 334 -33.08 29.56 -35.66
C GLU A 334 -34.03 28.84 -34.71
N LEU A 335 -33.63 28.72 -33.45
CA LEU A 335 -34.46 28.08 -32.44
C LEU A 335 -35.62 28.99 -32.06
N PRO A 336 -36.80 28.40 -31.78
CA PRO A 336 -37.92 29.27 -31.38
C PRO A 336 -37.69 29.48 -29.89
N PRO A 337 -38.46 30.38 -29.26
CA PRO A 337 -38.22 30.56 -27.82
C PRO A 337 -38.28 29.23 -27.07
N LEU A 338 -37.42 29.08 -26.07
CA LEU A 338 -37.41 27.84 -25.30
C LEU A 338 -38.13 28.08 -23.98
N PRO A 339 -38.75 27.03 -23.42
CA PRO A 339 -39.44 27.23 -22.15
C PRO A 339 -38.41 27.62 -21.10
N GLU A 340 -38.81 28.43 -20.13
CA GLU A 340 -37.89 28.83 -19.09
C GLU A 340 -38.17 28.04 -17.82
N GLU A 341 -39.40 27.55 -17.68
CA GLU A 341 -39.78 26.81 -16.49
C GLU A 341 -39.60 25.30 -16.67
N PRO A 342 -38.89 24.66 -15.73
CA PRO A 342 -38.69 23.22 -15.86
C PRO A 342 -39.99 22.47 -15.55
N PRO A 343 -40.05 21.18 -15.92
CA PRO A 343 -41.26 20.42 -15.64
C PRO A 343 -41.34 20.18 -14.13
N SER A 344 -42.52 19.83 -13.64
CA SER A 344 -42.72 19.60 -12.23
C SER A 344 -42.38 18.19 -11.79
N PHE A 345 -41.53 18.08 -10.79
CA PHE A 345 -41.11 16.79 -10.27
C PHE A 345 -41.53 16.75 -8.80
N ASP A 346 -42.00 15.59 -8.34
CA ASP A 346 -42.44 15.49 -6.96
C ASP A 346 -41.86 14.31 -6.20
N LYS A 347 -40.89 13.64 -6.81
CA LYS A 347 -40.26 12.50 -6.14
C LYS A 347 -38.95 12.07 -6.79
N PRO A 348 -38.18 11.22 -6.11
CA PRO A 348 -36.90 10.74 -6.64
C PRO A 348 -37.09 10.18 -8.04
N ILE A 349 -36.16 10.52 -8.93
CA ILE A 349 -36.25 10.06 -10.31
C ILE A 349 -34.89 10.05 -10.97
N ALA A 350 -34.68 9.07 -11.85
CA ALA A 350 -33.41 8.94 -12.58
C ALA A 350 -33.29 10.11 -13.54
N THR A 351 -32.06 10.58 -13.80
CA THR A 351 -31.94 11.71 -14.71
C THR A 351 -32.31 11.28 -16.12
N ARG A 352 -32.21 9.99 -16.43
CA ARG A 352 -32.62 9.54 -17.75
C ARG A 352 -34.15 9.76 -17.90
N ALA A 353 -34.90 9.53 -16.84
CA ALA A 353 -36.35 9.72 -16.90
C ALA A 353 -36.66 11.21 -16.86
N ALA A 354 -35.85 11.97 -16.11
CA ALA A 354 -36.03 13.42 -16.04
C ALA A 354 -35.74 13.96 -17.44
N SER A 355 -34.80 13.33 -18.14
CA SER A 355 -34.49 13.76 -19.49
C SER A 355 -35.71 13.50 -20.37
N GLY A 356 -36.30 12.32 -20.22
CA GLY A 356 -37.49 12.01 -21.00
C GLY A 356 -38.59 13.03 -20.72
N ARG A 357 -38.67 13.49 -19.49
CA ARG A 357 -39.66 14.48 -19.08
C ARG A 357 -39.38 15.84 -19.72
N ALA A 358 -38.11 16.23 -19.76
CA ALA A 358 -37.72 17.50 -20.37
C ALA A 358 -38.04 17.43 -21.85
N LEU A 359 -37.83 16.26 -22.44
CA LEU A 359 -38.10 16.07 -23.85
C LEU A 359 -39.60 16.12 -24.17
N ASN A 360 -40.45 15.64 -23.26
CA ASN A 360 -41.90 15.68 -23.51
C ASN A 360 -42.34 17.15 -23.59
N LEU A 361 -41.65 18.00 -22.83
CA LEU A 361 -41.94 19.42 -22.81
C LEU A 361 -41.35 20.12 -24.04
N LEU A 362 -40.09 19.80 -24.36
CA LEU A 362 -39.42 20.46 -25.47
C LEU A 362 -39.86 20.07 -26.88
N ALA A 363 -39.97 18.78 -27.14
CA ALA A 363 -40.32 18.28 -28.47
C ALA A 363 -41.54 18.92 -29.14
N PRO A 364 -42.67 19.07 -28.40
CA PRO A 364 -43.86 19.67 -29.01
C PRO A 364 -43.59 21.07 -29.59
N ARG A 365 -42.66 21.79 -28.95
CA ARG A 365 -42.30 23.14 -29.35
C ARG A 365 -41.17 23.19 -30.36
N LEU A 366 -40.59 22.02 -30.67
CA LEU A 366 -39.48 21.95 -31.61
C LEU A 366 -39.76 20.92 -32.68
N PRO A 367 -40.42 21.33 -33.77
CA PRO A 367 -40.74 20.41 -34.87
C PRO A 367 -39.47 19.94 -35.58
N GLU A 368 -38.36 20.65 -35.41
CA GLU A 368 -37.10 20.24 -36.05
C GLU A 368 -36.39 19.13 -35.25
N LEU A 369 -36.85 18.92 -34.02
CA LEU A 369 -36.22 17.94 -33.15
C LEU A 369 -36.53 16.48 -33.48
N LEU A 370 -35.45 15.72 -33.75
CA LEU A 370 -35.54 14.31 -34.07
C LEU A 370 -34.76 13.54 -33.02
N GLY A 371 -35.31 12.42 -32.58
CA GLY A 371 -34.64 11.63 -31.57
C GLY A 371 -34.46 10.20 -32.01
N GLY A 372 -33.79 9.41 -31.18
CA GLY A 372 -33.58 8.03 -31.53
C GLY A 372 -32.67 7.35 -30.53
N SER A 373 -32.47 6.06 -30.72
CA SER A 373 -31.62 5.28 -29.84
C SER A 373 -31.09 4.06 -30.57
N ALA A 374 -29.97 3.53 -30.06
CA ALA A 374 -29.36 2.34 -30.63
C ALA A 374 -29.95 1.13 -29.91
N ASP A 375 -31.22 0.84 -30.22
CA ASP A 375 -31.94 -0.29 -29.63
C ASP A 375 -31.98 -0.25 -28.12
N LEU A 376 -32.13 0.95 -27.56
CA LEU A 376 -32.21 1.13 -26.10
C LEU A 376 -33.30 2.16 -25.79
N THR A 377 -34.28 2.27 -26.68
CA THR A 377 -35.36 3.25 -26.51
C THR A 377 -35.99 3.21 -25.13
N PRO A 378 -36.40 2.03 -24.65
CA PRO A 378 -37.01 2.01 -23.31
C PRO A 378 -36.00 2.28 -22.20
N SER A 379 -34.72 2.05 -22.48
CA SER A 379 -33.70 2.28 -21.47
C SER A 379 -33.12 3.69 -21.49
N ASN A 380 -33.22 4.38 -22.62
CA ASN A 380 -32.69 5.74 -22.76
C ASN A 380 -33.71 6.88 -22.57
N ASN A 381 -35.00 6.55 -22.58
CA ASN A 381 -36.04 7.55 -22.42
C ASN A 381 -35.89 8.65 -23.48
N THR A 382 -35.64 8.24 -24.71
CA THR A 382 -35.43 9.20 -25.79
C THR A 382 -36.61 9.45 -26.72
N LYS A 383 -37.64 8.60 -26.67
CA LYS A 383 -38.81 8.80 -27.52
C LYS A 383 -39.80 9.71 -26.80
N ALA A 384 -39.80 10.98 -27.17
CA ALA A 384 -40.69 11.96 -26.53
C ALA A 384 -42.17 11.71 -26.78
N GLU A 385 -43.00 12.22 -25.87
CA GLU A 385 -44.45 12.08 -26.01
C GLU A 385 -44.79 12.85 -27.27
N GLY A 386 -45.46 12.19 -28.21
CA GLY A 386 -45.82 12.86 -29.45
C GLY A 386 -45.08 12.30 -30.66
N GLU A 388 -43.44 9.77 -33.28
CA GLU A 388 -43.79 8.48 -33.84
C GLU A 388 -42.58 7.98 -34.60
N ASP A 389 -42.49 6.66 -34.78
CA ASP A 389 -41.37 6.05 -35.48
C ASP A 389 -41.30 6.46 -36.95
N PHE A 390 -40.09 6.80 -37.40
CA PHE A 390 -39.90 7.12 -38.81
C PHE A 390 -39.80 5.74 -39.47
N SER A 391 -40.22 5.64 -40.72
CA SER A 391 -40.13 4.38 -41.47
C SER A 391 -40.49 4.69 -42.92
N ARG A 392 -40.39 3.71 -43.79
CA ARG A 392 -40.72 3.91 -45.19
C ARG A 392 -42.21 4.27 -45.32
N ALA A 393 -43.04 3.60 -44.53
CA ALA A 393 -44.48 3.81 -44.55
C ALA A 393 -44.92 4.99 -43.69
N ASN A 394 -43.97 5.63 -43.01
CA ASN A 394 -44.29 6.77 -42.18
C ASN A 394 -43.11 7.73 -42.18
N PRO A 395 -42.82 8.33 -43.35
CA PRO A 395 -41.71 9.29 -43.51
C PRO A 395 -41.78 10.50 -42.62
N LEU A 396 -42.91 10.70 -41.93
CA LEU A 396 -43.07 11.85 -41.06
C LEU A 396 -42.62 11.59 -39.61
N GLY A 397 -42.42 10.33 -39.27
CA GLY A 397 -42.00 10.01 -37.92
C GLY A 397 -40.75 10.77 -37.51
N ARG A 398 -40.72 11.30 -36.29
CA ARG A 398 -39.57 12.04 -35.79
C ARG A 398 -38.67 11.19 -34.88
N TYR A 399 -39.06 9.93 -34.67
CA TYR A 399 -38.25 9.07 -33.82
C TYR A 399 -37.54 8.01 -34.65
N LEU A 400 -36.24 7.85 -34.40
CA LEU A 400 -35.47 6.89 -35.16
C LEU A 400 -34.94 5.68 -34.39
N HIS A 401 -35.24 4.50 -34.90
CA HIS A 401 -34.75 3.26 -34.32
C HIS A 401 -33.50 2.94 -35.11
N PHE A 402 -32.34 3.16 -34.50
CA PHE A 402 -31.07 2.91 -35.16
C PHE A 402 -30.59 1.47 -35.08
N GLY A 403 -31.22 0.67 -34.23
CA GLY A 403 -30.75 -0.70 -34.08
C GLY A 403 -29.43 -0.66 -33.32
N VAL A 404 -28.77 -1.82 -33.20
CA VAL A 404 -27.51 -1.90 -32.46
C VAL A 404 -26.38 -1.41 -33.35
N ARG A 405 -26.41 -0.11 -33.64
CA ARG A 405 -25.45 0.54 -34.53
C ARG A 405 -25.06 1.91 -33.98
N GLU A 406 -24.38 1.93 -32.84
CA GLU A 406 -24.00 3.21 -32.24
C GLU A 406 -23.18 4.09 -33.17
N HIS A 407 -22.20 3.49 -33.84
CA HIS A 407 -21.33 4.26 -34.73
C HIS A 407 -22.07 4.92 -35.87
N ALA A 408 -22.84 4.15 -36.64
CA ALA A 408 -23.60 4.72 -37.75
C ALA A 408 -24.62 5.73 -37.21
N GLY A 410 -24.18 7.74 -34.77
CA GLY A 410 -23.44 8.98 -34.58
C GLY A 410 -23.26 9.69 -35.89
N ALA A 411 -22.83 8.96 -36.92
CA ALA A 411 -22.61 9.53 -38.24
C ALA A 411 -23.91 10.04 -38.86
N ILE A 412 -24.99 9.28 -38.69
CA ILE A 412 -26.27 9.71 -39.26
C ILE A 412 -26.74 10.94 -38.50
N LEU A 413 -26.57 10.95 -37.19
CA LEU A 413 -26.97 12.13 -36.42
C LEU A 413 -26.21 13.36 -36.93
N ASN A 414 -24.91 13.22 -37.15
CA ASN A 414 -24.14 14.36 -37.66
C ASN A 414 -24.68 14.76 -39.03
N GLY A 415 -25.04 13.77 -39.84
CA GLY A 415 -25.57 14.07 -41.16
C GLY A 415 -26.90 14.82 -41.11
N LEU A 416 -27.78 14.41 -40.20
CA LEU A 416 -29.07 15.07 -40.04
C LEU A 416 -28.86 16.51 -39.56
N ASN A 417 -27.89 16.70 -38.68
CA ASN A 417 -27.63 18.04 -38.15
C ASN A 417 -26.92 18.94 -39.16
N LEU A 418 -26.17 18.34 -40.07
CA LEU A 418 -25.44 19.08 -41.10
C LEU A 418 -26.34 19.56 -42.23
N HIS A 419 -27.38 18.79 -42.54
CA HIS A 419 -28.25 19.15 -43.64
C HIS A 419 -28.95 20.48 -43.52
N GLY A 420 -29.36 20.84 -42.30
CA GLY A 420 -30.08 22.08 -42.11
C GLY A 420 -31.54 21.67 -42.12
N GLY A 421 -32.32 22.19 -41.17
CA GLY A 421 -33.74 21.85 -41.10
C GLY A 421 -34.08 21.04 -39.86
N TYR A 422 -33.10 20.34 -39.31
CA TYR A 422 -33.30 19.51 -38.12
C TYR A 422 -32.23 19.69 -37.06
N ARG A 423 -32.57 19.20 -35.87
CA ARG A 423 -31.69 19.19 -34.72
C ARG A 423 -31.95 17.78 -34.22
N ALA A 424 -30.92 16.94 -34.21
CA ALA A 424 -31.13 15.57 -33.80
C ALA A 424 -30.25 15.10 -32.66
N TYR A 425 -30.80 14.16 -31.87
CA TYR A 425 -30.08 13.57 -30.76
C TYR A 425 -30.31 12.06 -30.82
N GLY A 426 -29.43 11.30 -30.19
CA GLY A 426 -29.56 9.86 -30.19
C GLY A 426 -29.00 9.33 -28.89
N GLY A 427 -29.58 8.26 -28.36
CA GLY A 427 -29.09 7.73 -27.11
C GLY A 427 -28.55 6.31 -27.11
N THR A 428 -27.72 6.03 -26.10
CA THR A 428 -27.12 4.73 -25.87
C THR A 428 -26.56 4.79 -24.44
N PHE A 429 -25.95 3.70 -23.95
CA PHE A 429 -25.39 3.74 -22.60
C PHE A 429 -24.04 4.48 -22.70
N LEU A 430 -23.64 5.18 -21.64
CA LEU A 430 -22.38 5.91 -21.68
C LEU A 430 -21.22 5.00 -22.11
N VAL A 431 -21.20 3.77 -21.61
CA VAL A 431 -20.13 2.85 -21.94
C VAL A 431 -20.01 2.63 -23.44
N PHE A 432 -21.13 2.66 -24.15
CA PHE A 432 -21.10 2.45 -25.57
C PHE A 432 -20.75 3.68 -26.39
N SER A 433 -20.40 4.77 -25.72
CA SER A 433 -19.96 5.94 -26.47
C SER A 433 -18.65 5.48 -27.13
N ASP A 434 -18.06 4.40 -26.61
CA ASP A 434 -16.82 3.85 -27.17
C ASP A 434 -17.00 3.32 -28.59
N TYR A 435 -18.21 2.87 -28.92
CA TYR A 435 -18.47 2.34 -30.25
C TYR A 435 -18.63 3.44 -31.29
N ARG A 437 -17.01 6.77 -30.91
CA ARG A 437 -16.05 7.86 -30.73
C ARG A 437 -15.67 8.64 -31.99
N PRO A 438 -15.45 7.93 -33.13
CA PRO A 438 -15.08 8.65 -34.36
C PRO A 438 -16.10 9.68 -34.81
N ALA A 439 -17.38 9.34 -34.66
CA ALA A 439 -18.46 10.23 -35.07
C ALA A 439 -18.57 11.39 -34.09
N ILE A 440 -18.36 11.12 -32.82
CA ILE A 440 -18.40 12.18 -31.82
C ILE A 440 -17.27 13.18 -32.11
N ARG A 441 -16.07 12.68 -32.42
CA ARG A 441 -14.96 13.57 -32.72
C ARG A 441 -15.21 14.35 -33.99
N LEU A 442 -15.80 13.70 -34.99
CA LEU A 442 -16.07 14.38 -36.24
C LEU A 442 -17.04 15.56 -36.05
N ALA A 443 -18.01 15.40 -35.15
CA ALA A 443 -18.96 16.50 -34.89
C ALA A 443 -18.20 17.63 -34.21
N ALA A 444 -17.30 17.28 -33.30
CA ALA A 444 -16.52 18.29 -32.59
C ALA A 444 -15.65 19.06 -33.59
N LEU A 445 -15.12 18.35 -34.59
CA LEU A 445 -14.27 18.93 -35.64
C LEU A 445 -15.03 19.83 -36.60
N GLY A 447 -17.85 21.24 -35.94
CA GLY A 447 -18.64 22.22 -35.23
C GLY A 447 -20.14 21.94 -35.39
N VAL A 448 -20.50 20.67 -35.53
CA VAL A 448 -21.92 20.30 -35.67
C VAL A 448 -22.50 20.09 -34.27
N PRO A 449 -23.63 20.76 -33.95
CA PRO A 449 -24.21 20.61 -32.61
C PRO A 449 -25.02 19.34 -32.32
N THR A 450 -24.46 18.19 -32.66
CA THR A 450 -25.15 16.93 -32.40
C THR A 450 -25.21 16.73 -30.90
N VAL A 451 -26.33 16.21 -30.40
CA VAL A 451 -26.47 15.96 -28.98
C VAL A 451 -26.47 14.47 -28.71
N PHE A 452 -25.50 14.01 -27.94
CA PHE A 452 -25.36 12.59 -27.62
C PHE A 452 -25.91 12.33 -26.22
N VAL A 453 -26.95 11.50 -26.14
CA VAL A 453 -27.55 11.19 -24.85
C VAL A 453 -26.99 9.88 -24.34
N PHE A 454 -26.30 9.93 -23.20
CA PHE A 454 -25.73 8.72 -22.60
C PHE A 454 -26.35 8.44 -21.23
N THR A 455 -27.00 7.30 -21.08
CA THR A 455 -27.61 6.95 -19.81
C THR A 455 -26.76 5.86 -19.17
N HIS A 456 -27.14 5.39 -17.98
CA HIS A 456 -26.40 4.33 -17.30
C HIS A 456 -24.93 4.75 -17.14
N ASP A 457 -24.77 5.97 -16.63
CA ASP A 457 -23.48 6.63 -16.47
C ASP A 457 -22.49 6.15 -15.43
N SER A 458 -22.79 5.10 -14.68
CA SER A 458 -21.86 4.66 -13.65
C SER A 458 -22.17 3.28 -13.11
N ILE A 459 -21.32 2.84 -12.18
CA ILE A 459 -21.48 1.54 -11.51
C ILE A 459 -22.85 1.44 -10.85
N ALA A 460 -23.45 2.58 -10.55
CA ALA A 460 -24.77 2.61 -9.92
C ALA A 460 -25.83 1.95 -10.81
N LEU A 461 -25.49 1.66 -12.06
CA LEU A 461 -26.43 1.01 -12.96
C LEU A 461 -26.70 -0.43 -12.47
N GLY A 462 -25.81 -0.93 -11.63
CA GLY A 462 -26.02 -2.25 -11.06
C GLY A 462 -25.55 -3.57 -11.67
N GLU A 463 -26.47 -4.52 -11.67
CA GLU A 463 -26.26 -5.89 -12.11
C GLU A 463 -25.68 -6.21 -13.49
N ASP A 464 -25.83 -5.32 -14.47
CA ASP A 464 -25.26 -5.64 -15.77
C ASP A 464 -23.72 -5.83 -15.66
N GLY A 465 -23.10 -5.24 -14.65
CA GLY A 465 -21.66 -5.46 -14.49
C GLY A 465 -20.62 -4.59 -15.19
N PRO A 466 -19.33 -4.90 -14.98
CA PRO A 466 -18.20 -4.17 -15.54
C PRO A 466 -18.19 -3.87 -17.04
N THR A 467 -18.70 -4.77 -17.86
CA THR A 467 -18.72 -4.52 -19.30
C THR A 467 -19.65 -3.37 -19.66
N HIS A 468 -20.55 -3.03 -18.74
CA HIS A 468 -21.51 -1.96 -18.97
C HIS A 468 -21.29 -0.74 -18.10
N GLN A 469 -20.40 -0.83 -17.13
CA GLN A 469 -20.15 0.28 -16.23
C GLN A 469 -18.97 1.16 -16.62
N PRO A 470 -19.27 2.43 -16.95
CA PRO A 470 -18.28 3.42 -17.36
C PRO A 470 -17.31 3.69 -16.23
N VAL A 471 -16.08 4.06 -16.58
CA VAL A 471 -15.08 4.42 -15.57
C VAL A 471 -14.28 5.57 -16.14
N GLU A 472 -13.59 5.30 -17.24
CA GLU A 472 -12.73 6.26 -17.92
C GLU A 472 -13.52 7.18 -18.85
N HIS A 473 -14.77 6.84 -19.11
CA HIS A 473 -15.56 7.60 -20.07
C HIS A 473 -15.76 9.09 -19.88
N LEU A 474 -16.12 9.53 -18.68
CA LEU A 474 -16.30 10.96 -18.43
C LEU A 474 -15.04 11.72 -18.79
N SER A 476 -12.46 10.72 -20.61
CA SER A 476 -12.05 10.58 -22.01
C SER A 476 -12.80 11.53 -22.93
N LEU A 477 -14.05 11.82 -22.58
CA LEU A 477 -14.86 12.74 -23.38
C LEU A 477 -14.46 14.18 -23.04
N ARG A 478 -14.22 14.46 -21.76
CA ARG A 478 -13.85 15.82 -21.36
C ARG A 478 -12.52 16.29 -21.98
N ALA A 479 -11.65 15.36 -22.36
CA ALA A 479 -10.35 15.72 -22.93
C ALA A 479 -10.47 16.15 -24.39
N PRO A 481 -11.51 18.26 -27.58
CA PRO A 481 -11.82 19.66 -27.87
C PRO A 481 -13.24 19.82 -28.44
N ASN A 482 -13.85 20.97 -28.14
CA ASN A 482 -15.19 21.31 -28.62
C ASN A 482 -16.30 20.32 -28.33
N LEU A 483 -16.32 19.80 -27.11
CA LEU A 483 -17.38 18.89 -26.69
C LEU A 483 -17.82 19.26 -25.27
N PHE A 484 -19.08 19.65 -25.10
CA PHE A 484 -19.56 19.95 -23.76
C PHE A 484 -20.00 18.63 -23.17
N VAL A 485 -19.61 18.38 -21.93
CA VAL A 485 -19.99 17.16 -21.25
C VAL A 485 -20.76 17.61 -20.03
N ILE A 486 -22.06 17.35 -20.03
CA ILE A 486 -22.93 17.78 -18.94
C ILE A 486 -23.49 16.58 -18.21
N ARG A 487 -23.24 16.53 -16.90
CA ARG A 487 -23.71 15.43 -16.05
C ARG A 487 -24.61 16.04 -14.97
N PRO A 488 -25.88 16.31 -15.31
CA PRO A 488 -26.80 16.90 -14.34
C PRO A 488 -26.96 16.06 -13.07
N ALA A 489 -27.05 16.73 -11.92
CA ALA A 489 -27.20 16.05 -10.63
C ALA A 489 -28.60 15.54 -10.33
N ASP A 490 -29.61 16.18 -10.92
CA ASP A 490 -30.99 15.77 -10.64
C ASP A 490 -31.95 16.13 -11.77
N ALA A 491 -33.23 15.88 -11.52
CA ALA A 491 -34.26 16.17 -12.50
C ALA A 491 -34.22 17.60 -13.02
N TYR A 492 -34.02 18.55 -12.12
CA TYR A 492 -33.96 19.96 -12.50
C TYR A 492 -32.73 20.36 -13.29
N GLU A 493 -31.56 19.91 -12.88
CA GLU A 493 -30.35 20.25 -13.64
C GLU A 493 -30.50 19.65 -15.04
N THR A 494 -31.11 18.47 -15.12
CA THR A 494 -31.31 17.79 -16.41
C THR A 494 -32.06 18.69 -17.39
N PHE A 495 -33.05 19.43 -16.89
CA PHE A 495 -33.82 20.32 -17.76
C PHE A 495 -32.92 21.43 -18.29
N TYR A 496 -32.15 22.03 -17.40
CA TYR A 496 -31.25 23.11 -17.83
C TYR A 496 -30.13 22.56 -18.69
N ALA A 497 -29.82 21.28 -18.50
CA ALA A 497 -28.78 20.62 -19.28
C ALA A 497 -29.25 20.59 -20.73
N TRP A 498 -30.54 20.30 -20.95
CA TRP A 498 -31.06 20.29 -22.31
C TRP A 498 -31.07 21.67 -22.94
N LEU A 499 -31.38 22.71 -22.16
CA LEU A 499 -31.39 24.05 -22.71
C LEU A 499 -29.96 24.42 -23.15
N VAL A 500 -28.99 24.09 -22.31
CA VAL A 500 -27.60 24.37 -22.64
C VAL A 500 -27.25 23.71 -23.98
N ALA A 501 -27.54 22.42 -24.10
CA ALA A 501 -27.23 21.67 -25.31
C ALA A 501 -27.89 22.21 -26.56
N LEU A 502 -29.18 22.55 -26.47
CA LEU A 502 -29.90 23.06 -27.61
C LEU A 502 -29.38 24.43 -28.04
N ARG A 503 -29.06 25.28 -27.07
CA ARG A 503 -28.59 26.62 -27.40
C ARG A 503 -27.14 26.64 -27.89
N ARG A 504 -26.37 25.63 -27.53
CA ARG A 504 -24.98 25.52 -27.95
C ARG A 504 -24.90 25.08 -29.42
N LYS A 505 -24.47 26.00 -30.29
CA LYS A 505 -24.36 25.71 -31.72
C LYS A 505 -22.91 25.48 -32.20
N GLU A 506 -21.92 25.80 -31.36
CA GLU A 506 -20.51 25.67 -31.72
C GLU A 506 -19.99 24.24 -31.87
N GLY A 507 -20.64 23.31 -31.19
CA GLY A 507 -20.20 21.93 -31.26
C GLY A 507 -21.14 21.00 -30.53
N PRO A 508 -20.84 19.69 -30.53
CA PRO A 508 -21.67 18.68 -29.87
C PRO A 508 -21.71 18.81 -28.35
N THR A 509 -22.71 18.16 -27.76
CA THR A 509 -22.88 18.16 -26.31
C THR A 509 -23.24 16.74 -25.92
N ALA A 510 -22.60 16.25 -24.86
CA ALA A 510 -22.87 14.90 -24.37
C ALA A 510 -23.62 15.09 -23.07
N LEU A 511 -24.80 14.49 -22.97
CA LEU A 511 -25.62 14.58 -21.76
C LEU A 511 -25.41 13.26 -21.05
N VAL A 512 -24.97 13.29 -19.79
CA VAL A 512 -24.70 12.05 -19.07
C VAL A 512 -25.73 11.83 -17.97
N LEU A 513 -26.53 10.78 -18.12
CA LEU A 513 -27.64 10.47 -17.21
C LEU A 513 -27.56 9.14 -16.44
N THR A 514 -28.32 9.06 -15.35
CA THR A 514 -28.32 7.87 -14.50
C THR A 514 -29.39 6.84 -14.85
N ARG A 515 -29.17 5.60 -14.40
CA ARG A 515 -30.15 4.56 -14.59
C ARG A 515 -30.99 4.62 -13.32
N GLN A 516 -30.29 4.72 -12.18
CA GLN A 516 -30.94 4.76 -10.87
C GLN A 516 -31.59 6.10 -10.54
N ALA A 517 -32.61 6.06 -9.70
CA ALA A 517 -33.32 7.27 -9.31
C ALA A 517 -32.47 8.04 -8.31
N VAL A 518 -32.48 9.36 -8.40
CA VAL A 518 -31.73 10.19 -7.47
C VAL A 518 -32.64 11.30 -6.95
N PRO A 519 -32.33 11.85 -5.76
CA PRO A 519 -33.11 12.93 -5.14
C PRO A 519 -33.25 14.16 -6.02
N LEU A 520 -34.20 15.03 -5.66
CA LEU A 520 -34.40 16.27 -6.40
C LEU A 520 -33.68 17.39 -5.69
N LEU A 521 -33.25 18.39 -6.45
CA LEU A 521 -32.62 19.55 -5.84
C LEU A 521 -33.75 20.57 -5.98
N SER A 522 -33.53 21.82 -5.59
CA SER A 522 -34.58 22.82 -5.75
C SER A 522 -34.44 23.38 -7.17
N PRO A 523 -35.55 23.62 -7.86
CA PRO A 523 -35.41 24.17 -9.21
C PRO A 523 -34.63 25.49 -9.25
N GLU A 524 -34.72 26.28 -8.18
CA GLU A 524 -34.02 27.56 -8.12
C GLU A 524 -32.51 27.33 -8.09
N LYS A 525 -32.07 26.37 -7.28
CA LYS A 525 -30.64 26.06 -7.18
C LYS A 525 -30.07 25.50 -8.50
N ALA A 526 -30.73 24.48 -9.02
CA ALA A 526 -30.30 23.80 -10.24
C ALA A 526 -30.07 24.72 -11.44
N ARG A 527 -30.73 25.87 -11.44
CA ARG A 527 -30.55 26.80 -12.54
C ARG A 527 -29.05 27.17 -12.62
N GLY A 528 -28.33 26.93 -11.54
CA GLY A 528 -26.91 27.23 -11.52
C GLY A 528 -26.13 26.47 -12.58
N LEU A 529 -26.72 25.37 -13.07
CA LEU A 529 -26.05 24.57 -14.10
C LEU A 529 -25.65 25.44 -15.28
N LEU A 530 -26.48 26.45 -15.57
CA LEU A 530 -26.21 27.36 -16.67
C LEU A 530 -24.83 28.02 -16.59
N ARG A 531 -24.19 27.93 -15.42
CA ARG A 531 -22.87 28.51 -15.22
C ARG A 531 -21.80 27.41 -15.21
N GLY A 532 -22.23 26.18 -15.48
CA GLY A 532 -21.29 25.06 -15.51
C GLY A 532 -20.96 24.51 -14.14
N GLY A 533 -20.69 25.41 -13.20
CA GLY A 533 -20.37 25.03 -11.84
C GLY A 533 -20.94 26.09 -10.93
N TYR A 534 -21.46 25.69 -9.76
CA TYR A 534 -22.03 26.65 -8.82
C TYR A 534 -22.06 26.09 -7.41
N VAL A 535 -22.31 26.97 -6.45
CA VAL A 535 -22.41 26.59 -5.05
C VAL A 535 -23.83 26.10 -4.81
N LEU A 536 -23.97 24.83 -4.45
CA LEU A 536 -25.28 24.21 -4.22
C LEU A 536 -25.78 24.53 -2.82
N GLU A 537 -24.99 24.17 -1.81
CA GLU A 537 -25.32 24.42 -0.42
C GLU A 537 -24.09 25.07 0.23
N ASP A 538 -24.19 26.36 0.51
CA ASP A 538 -23.08 27.09 1.11
C ASP A 538 -23.14 27.04 2.64
N VAL A 539 -22.11 27.56 3.28
CA VAL A 539 -22.05 27.59 4.73
C VAL A 539 -21.32 28.84 5.16
N GLU A 540 -21.45 29.21 6.43
CA GLU A 540 -20.79 30.39 6.97
C GLU A 540 -19.30 30.12 7.11
N GLU A 541 -18.49 31.02 6.55
CA GLU A 541 -17.04 30.91 6.63
C GLU A 541 -16.58 29.49 6.33
N PRO A 542 -16.79 29.01 5.10
CA PRO A 542 -16.39 27.65 4.73
C PRO A 542 -14.92 27.33 5.01
N GLN A 543 -14.68 26.12 5.49
CA GLN A 543 -13.34 25.66 5.79
C GLN A 543 -12.89 24.76 4.63
N GLY A 544 -13.78 24.57 3.67
CA GLY A 544 -13.45 23.71 2.54
C GLY A 544 -14.58 23.51 1.56
N VAL A 545 -14.32 22.69 0.55
CA VAL A 545 -15.32 22.43 -0.46
C VAL A 545 -15.40 20.98 -0.93
N LEU A 546 -16.62 20.50 -1.11
CA LEU A 546 -16.83 19.15 -1.63
C LEU A 546 -17.42 19.43 -2.99
N VAL A 547 -16.66 19.11 -4.04
CA VAL A 547 -17.13 19.34 -5.38
C VAL A 547 -17.52 18.01 -5.99
N ALA A 548 -18.68 17.98 -6.64
CA ALA A 548 -19.18 16.75 -7.22
C ALA A 548 -19.95 17.00 -8.51
N THR A 549 -20.22 15.92 -9.24
CA THR A 549 -20.95 15.99 -10.49
C THR A 549 -22.02 14.89 -10.47
N GLY A 550 -23.08 15.12 -11.22
CA GLY A 550 -24.15 14.16 -11.32
C GLY A 550 -24.64 13.57 -10.02
N SER A 551 -24.85 12.26 -10.02
CA SER A 551 -25.33 11.56 -8.84
C SER A 551 -24.51 11.74 -7.58
N GLU A 552 -23.19 11.95 -7.72
CA GLU A 552 -22.35 12.11 -6.54
C GLU A 552 -22.58 13.42 -5.77
N VAL A 553 -23.29 14.34 -6.38
CA VAL A 553 -23.60 15.59 -5.69
C VAL A 553 -24.42 15.25 -4.44
N HIS A 554 -25.30 14.25 -4.56
CA HIS A 554 -26.13 13.83 -3.44
C HIS A 554 -25.31 13.16 -2.37
N LEU A 555 -24.23 12.50 -2.78
CA LEU A 555 -23.34 11.85 -1.85
C LEU A 555 -22.61 12.96 -1.08
N ALA A 556 -22.21 14.00 -1.81
CA ALA A 556 -21.51 15.14 -1.25
C ALA A 556 -22.36 15.86 -0.19
N LEU A 557 -23.64 16.04 -0.49
CA LEU A 557 -24.56 16.71 0.42
C LEU A 557 -24.67 15.94 1.73
N ARG A 558 -24.68 14.61 1.64
CA ARG A 558 -24.77 13.78 2.84
C ARG A 558 -23.47 13.85 3.65
N ALA A 559 -22.34 13.96 2.95
CA ALA A 559 -21.04 14.06 3.62
C ALA A 559 -20.95 15.42 4.31
N GLN A 560 -21.54 16.43 3.70
CA GLN A 560 -21.55 17.77 4.25
C GLN A 560 -22.27 17.77 5.60
N ALA A 561 -23.34 16.97 5.68
CA ALA A 561 -24.12 16.87 6.91
C ALA A 561 -23.28 16.19 7.98
N LEU A 562 -22.64 15.07 7.63
CA LEU A 562 -21.79 14.37 8.57
C LEU A 562 -20.72 15.33 9.10
N LEU A 563 -20.13 16.11 8.20
CA LEU A 563 -19.10 17.06 8.59
C LEU A 563 -19.67 18.14 9.50
N ARG A 564 -20.84 18.66 9.16
CA ARG A 564 -21.48 19.70 9.96
C ARG A 564 -21.70 19.20 11.38
N GLU A 565 -22.08 17.94 11.51
CA GLU A 565 -22.33 17.34 12.82
C GLU A 565 -21.07 17.34 13.69
N LYS A 566 -19.91 17.35 13.04
CA LYS A 566 -18.64 17.32 13.74
C LYS A 566 -17.99 18.71 13.86
N GLY A 567 -18.73 19.75 13.50
CA GLY A 567 -18.18 21.09 13.60
C GLY A 567 -17.40 21.57 12.40
N VAL A 568 -17.21 20.70 11.41
CA VAL A 568 -16.49 21.07 10.20
C VAL A 568 -17.49 21.62 9.18
N ARG A 569 -17.19 22.79 8.64
CA ARG A 569 -18.07 23.46 7.67
C ARG A 569 -17.48 23.48 6.26
N VAL A 570 -18.17 22.80 5.33
CA VAL A 570 -17.75 22.76 3.93
C VAL A 570 -18.95 23.09 3.05
N ARG A 571 -18.72 23.80 1.95
CA ARG A 571 -19.81 24.13 1.03
C ARG A 571 -19.83 23.02 -0.01
N VAL A 572 -20.97 22.84 -0.68
CA VAL A 572 -21.06 21.83 -1.72
C VAL A 572 -21.26 22.49 -3.06
N VAL A 573 -20.39 22.12 -3.99
CA VAL A 573 -20.44 22.66 -5.34
C VAL A 573 -20.83 21.57 -6.32
N SER A 574 -21.77 21.91 -7.20
CA SER A 574 -22.22 20.99 -8.22
C SER A 574 -21.51 21.45 -9.48
N LEU A 575 -20.83 20.54 -10.15
CA LEU A 575 -20.10 20.90 -11.35
C LEU A 575 -20.57 20.03 -12.52
N PRO A 576 -21.80 20.29 -13.01
CA PRO A 576 -22.33 19.51 -14.12
C PRO A 576 -21.50 19.59 -15.39
N SER A 577 -20.77 20.69 -15.58
CA SER A 577 -19.96 20.81 -16.80
C SER A 577 -18.64 21.54 -16.63
N PHE A 578 -17.55 20.81 -16.87
CA PHE A 578 -16.19 21.35 -16.80
C PHE A 578 -16.00 22.46 -17.82
N GLU A 579 -16.43 22.21 -19.05
CA GLU A 579 -16.27 23.17 -20.13
C GLU A 579 -17.05 24.46 -19.94
N LEU A 580 -18.31 24.34 -19.54
CA LEU A 580 -19.12 25.53 -19.34
C LEU A 580 -18.57 26.33 -18.17
N PHE A 581 -18.19 25.64 -17.09
CA PHE A 581 -17.64 26.32 -15.92
C PHE A 581 -16.35 27.06 -16.29
N ALA A 582 -15.47 26.40 -17.04
CA ALA A 582 -14.20 27.00 -17.44
C ALA A 582 -14.40 28.21 -18.34
N ALA A 583 -15.56 28.31 -18.96
CA ALA A 583 -15.83 29.44 -19.84
C ALA A 583 -16.28 30.68 -19.09
N GLN A 584 -16.56 30.53 -17.81
CA GLN A 584 -17.00 31.66 -16.98
C GLN A 584 -15.83 32.56 -16.61
N PRO A 585 -16.10 33.84 -16.32
CA PRO A 585 -14.99 34.73 -15.95
C PRO A 585 -14.28 34.22 -14.70
N GLU A 586 -12.98 34.47 -14.63
CA GLU A 586 -12.15 34.03 -13.51
C GLU A 586 -12.68 34.43 -12.12
N ALA A 587 -13.30 35.60 -12.01
CA ALA A 587 -13.82 36.04 -10.72
C ALA A 587 -14.92 35.09 -10.23
N TYR A 588 -15.82 34.71 -11.12
CA TYR A 588 -16.90 33.80 -10.75
C TYR A 588 -16.37 32.44 -10.32
N ARG A 589 -15.41 31.92 -11.09
CA ARG A 589 -14.83 30.62 -10.78
C ARG A 589 -14.20 30.63 -9.39
N LYS A 590 -13.57 31.75 -9.03
CA LYS A 590 -12.94 31.85 -7.71
C LYS A 590 -13.95 32.02 -6.59
N GLU A 591 -15.10 32.59 -6.90
CA GLU A 591 -16.16 32.77 -5.91
C GLU A 591 -16.69 31.38 -5.55
N VAL A 592 -16.78 30.52 -6.56
CA VAL A 592 -17.26 29.16 -6.37
C VAL A 592 -16.22 28.29 -5.67
N LEU A 593 -14.99 28.36 -6.15
CA LEU A 593 -13.91 27.58 -5.55
C LEU A 593 -12.83 28.57 -5.10
N PRO A 594 -12.97 29.09 -3.88
CA PRO A 594 -12.02 30.06 -3.31
C PRO A 594 -10.63 29.49 -3.07
N PRO A 595 -9.62 30.08 -3.70
CA PRO A 595 -8.24 29.62 -3.54
C PRO A 595 -7.84 29.55 -2.08
N GLY A 596 -6.95 28.61 -1.76
CA GLY A 596 -6.50 28.46 -0.39
C GLY A 596 -7.36 27.47 0.40
N LEU A 597 -8.60 27.30 -0.03
CA LEU A 597 -9.52 26.39 0.64
C LEU A 597 -9.35 24.96 0.12
N PRO A 598 -9.20 23.97 1.02
CA PRO A 598 -9.05 22.61 0.53
C PRO A 598 -10.31 22.13 -0.17
N VAL A 599 -10.13 21.32 -1.21
CA VAL A 599 -11.26 20.80 -1.98
C VAL A 599 -11.16 19.29 -2.19
N VAL A 600 -12.29 18.61 -2.05
CA VAL A 600 -12.38 17.17 -2.26
C VAL A 600 -13.44 16.94 -3.33
N ALA A 601 -13.10 16.17 -4.36
CA ALA A 601 -14.03 15.89 -5.43
C ALA A 601 -14.64 14.51 -5.30
N VAL A 602 -15.88 14.35 -5.77
CA VAL A 602 -16.58 13.08 -5.69
C VAL A 602 -17.22 12.77 -7.05
N GLU A 603 -16.77 11.68 -7.68
CA GLU A 603 -17.31 11.28 -8.97
C GLU A 603 -17.05 9.81 -9.22
N ALA A 604 -18.10 9.05 -9.54
CA ALA A 604 -17.95 7.63 -9.80
C ALA A 604 -17.31 7.38 -11.15
N GLY A 605 -16.04 7.76 -11.28
CA GLY A 605 -15.29 7.57 -12.50
C GLY A 605 -13.81 7.74 -12.23
N ALA A 606 -13.00 7.60 -13.26
CA ALA A 606 -11.54 7.74 -13.16
C ALA A 606 -11.14 9.07 -12.49
N SER A 607 -10.10 9.02 -11.67
CA SER A 607 -9.64 10.22 -10.98
C SER A 607 -8.75 11.14 -11.80
N LEU A 608 -8.21 10.65 -12.91
CA LEU A 608 -7.32 11.44 -13.77
C LEU A 608 -7.97 12.72 -14.28
N GLY A 609 -7.38 13.86 -13.92
CA GLY A 609 -7.91 15.14 -14.36
C GLY A 609 -8.54 15.97 -13.24
N TRP A 610 -8.96 15.31 -12.17
CA TRP A 610 -9.59 16.00 -11.05
C TRP A 610 -8.65 16.90 -10.26
N GLU A 611 -7.34 16.67 -10.40
CA GLU A 611 -6.36 17.48 -9.71
C GLU A 611 -6.50 18.93 -10.18
N ARG A 612 -7.22 19.13 -11.27
CA ARG A 612 -7.43 20.46 -11.81
C ARG A 612 -8.29 21.29 -10.85
N TYR A 613 -9.13 20.63 -10.05
CA TYR A 613 -10.00 21.34 -9.12
C TYR A 613 -9.92 20.89 -7.67
N ALA A 614 -9.57 19.64 -7.43
CA ALA A 614 -9.52 19.12 -6.06
C ALA A 614 -8.14 18.65 -5.60
N HIS A 615 -7.92 18.72 -4.30
CA HIS A 615 -6.66 18.29 -3.70
C HIS A 615 -6.73 16.80 -3.42
N LYS A 616 -7.94 16.27 -3.33
CA LYS A 616 -8.15 14.85 -3.08
C LYS A 616 -9.47 14.46 -3.72
N VAL A 617 -9.53 13.25 -4.26
CA VAL A 617 -10.75 12.79 -4.92
C VAL A 617 -11.20 11.41 -4.52
N VAL A 618 -12.52 11.26 -4.40
CA VAL A 618 -13.15 9.99 -4.08
C VAL A 618 -13.65 9.57 -5.47
N ALA A 619 -12.84 8.76 -6.15
CA ALA A 619 -13.15 8.32 -7.50
C ALA A 619 -13.04 6.81 -7.67
N LEU A 620 -13.12 6.36 -8.91
CA LEU A 620 -13.05 4.95 -9.22
C LEU A 620 -12.00 4.71 -10.30
N ASP A 621 -10.95 3.97 -9.95
CA ASP A 621 -9.89 3.70 -10.91
C ASP A 621 -9.69 2.21 -11.14
N ARG A 622 -10.82 1.49 -11.20
CA ARG A 622 -10.83 0.05 -11.46
C ARG A 622 -12.18 -0.23 -12.11
N PHE A 623 -12.29 -1.34 -12.83
CA PHE A 623 -13.55 -1.70 -13.48
C PHE A 623 -14.58 -2.06 -12.42
N GLY A 624 -15.85 -2.02 -12.78
CA GLY A 624 -16.91 -2.28 -11.83
C GLY A 624 -17.12 -3.69 -11.33
N ALA A 625 -18.40 -4.02 -11.12
CA ALA A 625 -18.77 -5.33 -10.63
C ALA A 625 -20.26 -5.54 -10.85
N SER A 626 -20.66 -6.79 -11.03
CA SER A 626 -22.05 -7.13 -11.21
C SER A 626 -22.68 -7.36 -9.85
N ALA A 627 -23.44 -6.37 -9.40
CA ALA A 627 -24.14 -6.44 -8.11
C ALA A 627 -25.19 -5.35 -8.13
N PRO A 628 -26.24 -5.49 -7.32
CA PRO A 628 -27.30 -4.47 -7.27
C PRO A 628 -26.86 -3.14 -6.67
N TYR A 629 -27.58 -2.08 -7.00
CA TYR A 629 -27.34 -0.75 -6.44
C TYR A 629 -28.32 -0.71 -5.27
N PRO A 630 -27.97 -0.01 -4.18
CA PRO A 630 -26.73 0.73 -3.98
C PRO A 630 -25.56 -0.08 -3.41
N GLU A 631 -25.74 -1.38 -3.20
CA GLU A 631 -24.66 -2.19 -2.64
C GLU A 631 -23.37 -2.09 -3.46
N VAL A 632 -23.49 -2.22 -4.77
CA VAL A 632 -22.34 -2.14 -5.64
C VAL A 632 -21.68 -0.78 -5.49
N TYR A 633 -22.51 0.25 -5.38
CA TYR A 633 -22.03 1.63 -5.25
C TYR A 633 -21.28 1.82 -3.94
N GLU A 634 -21.89 1.38 -2.84
CA GLU A 634 -21.28 1.52 -1.52
C GLU A 634 -20.01 0.71 -1.34
N ARG A 635 -20.07 -0.56 -1.75
CA ARG A 635 -18.93 -1.45 -1.60
C ARG A 635 -17.72 -1.05 -2.44
N LEU A 636 -17.96 -0.25 -3.48
CA LEU A 636 -16.87 0.22 -4.32
C LEU A 636 -16.35 1.56 -3.81
N GLY A 637 -16.69 1.87 -2.56
CA GLY A 637 -16.20 3.09 -1.94
C GLY A 637 -16.98 4.38 -1.97
N PHE A 638 -18.20 4.37 -2.51
CA PHE A 638 -18.96 5.61 -2.56
C PHE A 638 -19.99 5.71 -1.45
N THR A 639 -19.51 6.22 -0.30
CA THR A 639 -20.37 6.39 0.88
C THR A 639 -20.08 7.77 1.47
N PRO A 640 -21.09 8.39 2.12
CA PRO A 640 -20.85 9.72 2.71
C PRO A 640 -19.72 9.67 3.75
N GLU A 641 -19.56 8.53 4.39
CA GLU A 641 -18.51 8.34 5.39
C GLU A 641 -17.13 8.50 4.75
N ARG A 642 -16.92 7.86 3.61
CA ARG A 642 -15.64 7.94 2.91
C ARG A 642 -15.32 9.37 2.47
N VAL A 643 -16.32 10.08 1.95
CA VAL A 643 -16.08 11.46 1.51
C VAL A 643 -15.69 12.30 2.71
N ALA A 644 -16.43 12.13 3.81
CA ALA A 644 -16.15 12.88 5.03
C ALA A 644 -14.70 12.66 5.48
N GLU A 645 -14.27 11.40 5.49
CA GLU A 645 -12.91 11.04 5.89
C GLU A 645 -11.90 11.68 4.95
N ALA A 646 -12.22 11.65 3.66
CA ALA A 646 -11.34 12.24 2.67
C ALA A 646 -11.08 13.68 3.06
N PHE A 647 -12.14 14.42 3.36
CA PHE A 647 -11.97 15.82 3.73
C PHE A 647 -11.27 16.00 5.08
N LEU A 648 -11.71 15.25 6.09
CA LEU A 648 -11.09 15.36 7.40
C LEU A 648 -9.57 15.16 7.32
N SER A 649 -9.12 14.41 6.32
CA SER A 649 -7.69 14.17 6.16
C SER A 649 -6.97 15.39 5.60
N LEU A 650 -7.73 16.37 5.12
CA LEU A 650 -7.14 17.57 4.57
C LEU A 650 -7.05 18.71 5.59
N VAL A 651 -7.71 18.56 6.72
CA VAL A 651 -7.70 19.58 7.76
C VAL A 651 -7.19 19.05 9.09
N ARG B 5 -35.61 -39.07 -26.11
CA ARG B 5 -36.39 -37.80 -26.22
C ARG B 5 -36.85 -37.35 -24.84
N ASP B 6 -37.06 -38.31 -23.95
CA ASP B 6 -37.48 -38.02 -22.60
C ASP B 6 -36.36 -37.27 -21.88
N LEU B 7 -35.17 -37.87 -21.87
CA LEU B 7 -34.01 -37.24 -21.23
C LEU B 7 -33.59 -35.96 -21.92
N GLU B 8 -33.71 -35.92 -23.25
CA GLU B 8 -33.34 -34.72 -24.00
C GLU B 8 -34.24 -33.56 -23.60
N THR B 9 -35.55 -33.81 -23.63
CA THR B 9 -36.53 -32.79 -23.27
C THR B 9 -36.39 -32.37 -21.80
N LEU B 10 -36.21 -33.35 -20.93
CA LEU B 10 -36.06 -33.08 -19.50
C LEU B 10 -34.81 -32.24 -19.22
N SER B 11 -33.71 -32.59 -19.89
CA SER B 11 -32.46 -31.87 -19.70
C SER B 11 -32.53 -30.46 -20.26
N VAL B 12 -33.13 -30.32 -21.45
CA VAL B 12 -33.28 -29.02 -22.07
C VAL B 12 -34.10 -28.11 -21.15
N ASN B 13 -35.17 -28.64 -20.58
CA ASN B 13 -35.99 -27.84 -19.68
C ASN B 13 -35.23 -27.47 -18.41
N ALA B 14 -34.33 -28.36 -17.98
CA ALA B 14 -33.53 -28.09 -16.80
C ALA B 14 -32.77 -26.80 -17.04
N ILE B 15 -32.24 -26.65 -18.26
CA ILE B 15 -31.51 -25.45 -18.64
C ILE B 15 -32.46 -24.24 -18.61
N ARG B 16 -33.64 -24.39 -19.21
CA ARG B 16 -34.61 -23.30 -19.24
C ARG B 16 -35.00 -22.80 -17.86
N PHE B 17 -35.33 -23.72 -16.95
CA PHE B 17 -35.77 -23.31 -15.62
C PHE B 17 -34.68 -22.85 -14.67
N LEU B 18 -33.46 -23.36 -14.82
CA LEU B 18 -32.39 -22.88 -13.94
C LEU B 18 -32.23 -21.40 -14.29
N ALA B 19 -32.29 -21.09 -15.59
CA ALA B 19 -32.16 -19.72 -16.06
C ALA B 19 -33.34 -18.86 -15.58
N ILE B 20 -34.55 -19.34 -15.80
CA ILE B 20 -35.74 -18.62 -15.37
C ILE B 20 -35.74 -18.38 -13.87
N ASP B 21 -35.40 -19.41 -13.10
CA ASP B 21 -35.38 -19.28 -11.66
C ASP B 21 -34.26 -18.40 -11.14
N ALA B 22 -33.09 -18.47 -11.78
CA ALA B 22 -31.95 -17.65 -11.36
C ALA B 22 -32.30 -16.17 -11.58
N VAL B 23 -32.83 -15.85 -12.75
CA VAL B 23 -33.22 -14.49 -13.07
C VAL B 23 -34.31 -14.03 -12.11
N GLU B 24 -35.26 -14.92 -11.83
CA GLU B 24 -36.37 -14.58 -10.95
C GLU B 24 -35.88 -14.26 -9.53
N LYS B 25 -34.97 -15.08 -9.01
CA LYS B 25 -34.44 -14.85 -7.67
C LYS B 25 -33.63 -13.55 -7.60
N ALA B 26 -32.86 -13.28 -8.65
CA ALA B 26 -32.05 -12.07 -8.71
C ALA B 26 -32.89 -10.83 -9.02
N ARG B 27 -34.08 -11.07 -9.56
CA ARG B 27 -34.97 -9.97 -9.94
C ARG B 27 -34.23 -9.05 -10.91
N SER B 28 -33.39 -9.67 -11.75
CA SER B 28 -32.59 -8.96 -12.73
C SER B 28 -32.04 -9.97 -13.72
N GLY B 29 -31.81 -9.55 -14.96
CA GLY B 29 -31.29 -10.48 -15.93
C GLY B 29 -32.16 -10.71 -17.14
N HIS B 30 -31.72 -11.61 -18.01
CA HIS B 30 -32.41 -11.90 -19.25
C HIS B 30 -32.75 -13.38 -19.40
N PRO B 31 -34.03 -13.72 -19.19
CA PRO B 31 -34.51 -15.11 -19.29
C PRO B 31 -34.98 -15.51 -20.69
N GLY B 32 -35.42 -14.54 -21.47
CA GLY B 32 -35.93 -14.81 -22.81
C GLY B 32 -35.10 -15.66 -23.75
N PRO B 34 -32.25 -17.36 -23.19
CA PRO B 34 -31.84 -18.68 -22.71
C PRO B 34 -32.94 -19.74 -22.88
N GLY B 36 -35.24 -19.84 -25.26
CA GLY B 36 -35.27 -20.23 -26.65
C GLY B 36 -34.06 -21.03 -27.13
N ALA B 38 -32.00 -22.86 -25.26
CA ALA B 38 -31.66 -23.98 -24.38
C ALA B 38 -31.28 -25.24 -25.15
N PRO B 39 -32.06 -25.62 -26.17
CA PRO B 39 -31.75 -26.83 -26.94
C PRO B 39 -30.33 -26.84 -27.52
N LEU B 40 -29.89 -25.69 -28.03
CA LEU B 40 -28.56 -25.58 -28.62
C LEU B 40 -27.43 -25.75 -27.60
N ALA B 41 -27.57 -25.13 -26.42
CA ALA B 41 -26.57 -25.24 -25.38
C ALA B 41 -26.48 -26.70 -24.96
N TYR B 42 -27.65 -27.34 -24.84
CA TYR B 42 -27.70 -28.75 -24.48
C TYR B 42 -26.91 -29.57 -25.48
N LEU B 43 -27.21 -29.38 -26.75
CA LEU B 43 -26.57 -30.13 -27.82
C LEU B 43 -25.06 -29.90 -27.85
N LEU B 44 -24.64 -28.64 -27.81
CA LEU B 44 -23.22 -28.32 -27.83
C LEU B 44 -22.39 -28.94 -26.71
N PHE B 45 -22.83 -28.75 -25.46
CA PHE B 45 -22.07 -29.28 -24.32
C PHE B 45 -22.20 -30.77 -24.06
N ARG B 46 -23.34 -31.35 -24.42
CA ARG B 46 -23.56 -32.76 -24.18
C ARG B 46 -23.07 -33.65 -25.32
N GLU B 47 -23.35 -33.25 -26.57
CA GLU B 47 -22.97 -34.05 -27.72
C GLU B 47 -21.83 -33.57 -28.61
N VAL B 48 -21.98 -32.35 -29.14
CA VAL B 48 -21.02 -31.79 -30.08
C VAL B 48 -19.59 -31.51 -29.68
N ARG B 50 -15.92 -31.15 -27.62
CA ARG B 50 -14.98 -31.91 -26.83
C ARG B 50 -14.50 -30.86 -25.83
N HIS B 51 -14.66 -31.14 -24.55
CA HIS B 51 -14.23 -30.21 -23.51
C HIS B 51 -14.14 -31.00 -22.22
N ASN B 52 -13.48 -30.43 -21.23
CA ASN B 52 -13.32 -31.11 -19.95
C ASN B 52 -13.69 -30.22 -18.79
N PRO B 53 -14.89 -30.43 -18.22
CA PRO B 53 -15.33 -29.61 -17.09
C PRO B 53 -14.34 -29.64 -15.93
N LEU B 54 -13.54 -30.71 -15.87
CA LEU B 54 -12.52 -30.86 -14.85
C LEU B 54 -11.34 -29.95 -15.11
N ASP B 55 -11.10 -29.65 -16.39
CA ASP B 55 -10.01 -28.77 -16.78
C ASP B 55 -10.46 -27.85 -17.91
N PRO B 56 -11.04 -26.68 -17.57
CA PRO B 56 -11.52 -25.70 -18.55
C PRO B 56 -10.40 -25.12 -19.40
N ASP B 57 -9.16 -25.32 -18.94
CA ASP B 57 -8.00 -24.79 -19.64
C ASP B 57 -7.34 -25.76 -20.61
N TRP B 58 -7.93 -26.94 -20.76
CA TRP B 58 -7.36 -27.93 -21.67
C TRP B 58 -7.19 -27.24 -23.03
N PRO B 59 -5.94 -27.09 -23.50
CA PRO B 59 -5.66 -26.43 -24.77
C PRO B 59 -6.29 -26.95 -26.08
N ASP B 60 -6.69 -28.22 -26.13
CA ASP B 60 -7.29 -28.71 -27.37
C ASP B 60 -8.81 -28.81 -27.32
N ARG B 61 -9.40 -28.22 -26.27
CA ARG B 61 -10.84 -28.21 -26.09
C ARG B 61 -11.49 -27.37 -27.18
N ASP B 62 -12.75 -27.65 -27.49
CA ASP B 62 -13.44 -26.82 -28.47
C ASP B 62 -13.75 -25.53 -27.68
N ARG B 63 -13.81 -24.41 -28.37
CA ARG B 63 -14.09 -23.13 -27.73
C ARG B 63 -15.50 -22.65 -27.98
N PHE B 64 -16.21 -22.29 -26.92
CA PHE B 64 -17.57 -21.77 -27.08
C PHE B 64 -17.58 -20.32 -26.65
N VAL B 65 -18.09 -19.44 -27.49
CA VAL B 65 -18.16 -18.04 -27.15
C VAL B 65 -19.59 -17.53 -27.17
N LEU B 66 -20.11 -17.12 -26.01
CA LEU B 66 -21.46 -16.59 -25.93
C LEU B 66 -21.39 -15.11 -26.26
N SER B 67 -21.47 -14.76 -27.54
CA SER B 67 -21.38 -13.36 -27.95
C SER B 67 -22.53 -12.55 -27.36
N ALA B 68 -23.73 -13.12 -27.41
CA ALA B 68 -24.93 -12.47 -26.85
C ALA B 68 -24.84 -12.64 -25.34
N GLY B 69 -23.89 -11.94 -24.73
CA GLY B 69 -23.65 -12.03 -23.31
C GLY B 69 -24.81 -11.91 -22.33
N HIS B 70 -25.84 -11.17 -22.70
CA HIS B 70 -26.98 -11.02 -21.80
C HIS B 70 -27.58 -12.38 -21.43
N GLY B 71 -27.46 -13.35 -22.32
CA GLY B 71 -28.00 -14.68 -22.05
C GLY B 71 -27.05 -15.53 -21.22
N SER B 72 -26.33 -14.90 -20.30
CA SER B 72 -25.37 -15.60 -19.46
C SER B 72 -25.90 -16.83 -18.73
N LEU B 74 -27.85 -18.92 -19.68
CA LEU B 74 -27.90 -20.07 -20.58
C LEU B 74 -26.59 -20.82 -20.39
N LEU B 75 -25.49 -20.07 -20.32
CA LEU B 75 -24.17 -20.68 -20.16
C LEU B 75 -23.93 -21.22 -18.74
N TYR B 76 -24.23 -20.41 -17.72
CA TYR B 76 -24.02 -20.85 -16.34
C TYR B 76 -24.81 -22.12 -16.03
N ALA B 77 -26.00 -22.25 -16.61
CA ALA B 77 -26.84 -23.42 -16.37
C ALA B 77 -26.23 -24.69 -16.95
N VAL B 78 -25.80 -24.61 -18.20
CA VAL B 78 -25.23 -25.78 -18.84
C VAL B 78 -23.84 -26.11 -18.27
N LEU B 79 -23.13 -25.09 -17.77
CA LEU B 79 -21.81 -25.35 -17.18
C LEU B 79 -22.06 -26.09 -15.87
N HIS B 80 -23.11 -25.70 -15.18
CA HIS B 80 -23.48 -26.33 -13.92
C HIS B 80 -23.93 -27.78 -14.13
N LEU B 81 -24.79 -27.99 -15.13
CA LEU B 81 -25.30 -29.31 -15.43
C LEU B 81 -24.29 -30.34 -15.91
N THR B 82 -23.29 -29.89 -16.65
CA THR B 82 -22.29 -30.79 -17.21
C THR B 82 -21.10 -31.13 -16.30
N GLY B 83 -21.08 -30.57 -15.09
CA GLY B 83 -20.00 -30.89 -14.17
C GLY B 83 -18.91 -29.89 -13.90
N TYR B 84 -19.02 -28.68 -14.43
CA TYR B 84 -17.99 -27.66 -14.19
C TYR B 84 -18.08 -27.23 -12.73
N ASP B 85 -17.03 -26.59 -12.22
CA ASP B 85 -17.04 -26.14 -10.84
C ASP B 85 -17.88 -24.88 -10.65
N LEU B 86 -19.19 -25.02 -10.87
CA LEU B 86 -20.13 -23.92 -10.70
C LEU B 86 -21.31 -24.49 -9.93
N PRO B 87 -21.21 -24.52 -8.59
CA PRO B 87 -22.28 -25.06 -7.72
C PRO B 87 -23.63 -24.35 -7.85
N LEU B 88 -24.69 -25.03 -7.42
CA LEU B 88 -26.05 -24.48 -7.47
C LEU B 88 -26.10 -23.13 -6.77
N GLU B 89 -25.47 -23.07 -5.60
CA GLU B 89 -25.46 -21.87 -4.81
C GLU B 89 -25.00 -20.63 -5.60
N GLU B 90 -24.14 -20.83 -6.59
CA GLU B 90 -23.68 -19.70 -7.40
C GLU B 90 -24.82 -19.27 -8.33
N LEU B 91 -25.56 -20.26 -8.82
CA LEU B 91 -26.69 -19.95 -9.69
C LEU B 91 -27.69 -19.13 -8.86
N LYS B 92 -27.84 -19.52 -7.59
CA LYS B 92 -28.74 -18.82 -6.67
C LYS B 92 -28.16 -17.44 -6.32
N SER B 93 -26.92 -17.20 -6.72
CA SER B 93 -26.25 -15.92 -6.45
C SER B 93 -26.06 -15.11 -7.74
N PHE B 94 -26.85 -15.43 -8.77
CA PHE B 94 -26.77 -14.72 -10.03
C PHE B 94 -26.82 -13.21 -9.84
N ARG B 95 -25.87 -12.51 -10.44
CA ARG B 95 -25.82 -11.06 -10.38
C ARG B 95 -25.67 -10.46 -8.98
N GLN B 96 -25.08 -11.21 -8.06
CA GLN B 96 -24.87 -10.72 -6.71
C GLN B 96 -23.38 -10.49 -6.48
N TRP B 97 -23.07 -9.54 -5.62
CA TRP B 97 -21.70 -9.16 -5.30
C TRP B 97 -20.78 -10.35 -5.04
N GLY B 98 -19.68 -10.40 -5.80
CA GLY B 98 -18.69 -11.47 -5.63
C GLY B 98 -19.04 -12.86 -6.12
N SER B 99 -20.19 -13.03 -6.76
CA SER B 99 -20.55 -14.36 -7.25
C SER B 99 -19.78 -14.77 -8.49
N LYS B 100 -19.80 -16.06 -8.79
CA LYS B 100 -19.15 -16.59 -9.98
C LYS B 100 -20.16 -16.57 -11.13
N THR B 101 -21.24 -15.82 -10.94
CA THR B 101 -22.26 -15.72 -11.98
C THR B 101 -22.69 -14.28 -12.26
N PRO B 102 -21.76 -13.43 -12.71
CA PRO B 102 -22.07 -12.04 -13.01
C PRO B 102 -23.06 -11.89 -14.16
N GLY B 103 -23.76 -10.76 -14.21
CA GLY B 103 -24.75 -10.50 -15.25
C GLY B 103 -24.35 -10.88 -16.66
N HIS B 104 -23.07 -10.64 -17.00
CA HIS B 104 -22.54 -10.99 -18.30
C HIS B 104 -21.30 -11.82 -18.07
N PRO B 105 -21.00 -12.76 -18.99
CA PRO B 105 -19.83 -13.64 -18.87
C PRO B 105 -18.51 -12.90 -18.72
N GLU B 106 -17.72 -13.32 -17.72
CA GLU B 106 -16.42 -12.74 -17.45
C GLU B 106 -15.33 -13.81 -17.44
N ARG B 107 -14.43 -13.72 -18.41
CA ARG B 107 -13.32 -14.65 -18.54
C ARG B 107 -12.52 -14.55 -17.25
N GLY B 108 -12.11 -15.68 -16.68
CA GLY B 108 -11.33 -15.67 -15.46
C GLY B 108 -12.14 -15.70 -14.18
N HIS B 109 -13.40 -15.26 -14.23
CA HIS B 109 -14.26 -15.25 -13.05
C HIS B 109 -15.12 -16.51 -12.94
N THR B 110 -15.34 -17.16 -14.07
CA THR B 110 -16.16 -18.35 -14.09
C THR B 110 -15.52 -19.44 -14.92
N PRO B 111 -15.37 -20.64 -14.35
CA PRO B 111 -14.75 -21.72 -15.13
C PRO B 111 -15.61 -22.04 -16.34
N GLY B 112 -14.97 -22.16 -17.50
CA GLY B 112 -15.69 -22.47 -18.71
C GLY B 112 -16.01 -21.27 -19.57
N VAL B 113 -15.86 -20.05 -19.03
CA VAL B 113 -16.14 -18.86 -19.82
C VAL B 113 -14.92 -18.51 -20.66
N GLU B 114 -15.09 -18.56 -21.98
CA GLU B 114 -13.97 -18.31 -22.88
C GLU B 114 -13.62 -16.84 -23.12
N VAL B 115 -14.64 -16.00 -23.25
CA VAL B 115 -14.45 -14.59 -23.53
C VAL B 115 -15.39 -13.75 -22.69
N THR B 116 -14.95 -12.55 -22.31
CA THR B 116 -15.83 -11.68 -21.55
C THR B 116 -16.70 -11.03 -22.60
N THR B 117 -18.02 -11.19 -22.44
CA THR B 117 -18.95 -10.62 -23.42
C THR B 117 -19.98 -9.70 -22.78
N GLY B 118 -20.89 -9.18 -23.60
CA GLY B 118 -21.90 -8.25 -23.10
C GLY B 118 -22.03 -7.20 -24.19
N PRO B 119 -20.93 -6.50 -24.51
CA PRO B 119 -21.00 -5.48 -25.56
C PRO B 119 -21.12 -6.27 -26.86
N LEU B 120 -22.26 -6.15 -27.52
CA LEU B 120 -22.55 -6.87 -28.74
C LEU B 120 -21.51 -6.71 -29.85
N GLY B 121 -21.21 -7.83 -30.50
CA GLY B 121 -20.23 -7.85 -31.57
C GLY B 121 -18.85 -8.29 -31.14
N GLN B 122 -18.51 -8.10 -29.87
CA GLN B 122 -17.18 -8.47 -29.41
C GLN B 122 -16.95 -9.98 -29.39
N GLY B 123 -17.91 -10.74 -28.87
CA GLY B 123 -17.76 -12.17 -28.79
C GLY B 123 -17.52 -12.84 -30.13
N ILE B 124 -18.41 -12.57 -31.08
CA ILE B 124 -18.34 -13.15 -32.39
C ILE B 124 -17.10 -12.67 -33.17
N SER B 125 -16.63 -11.45 -32.87
CA SER B 125 -15.47 -10.92 -33.56
C SER B 125 -14.18 -11.48 -32.97
N THR B 126 -14.19 -11.66 -31.66
CA THR B 126 -13.05 -12.20 -30.95
C THR B 126 -12.83 -13.65 -31.36
N ALA B 127 -13.93 -14.36 -31.64
CA ALA B 127 -13.88 -15.76 -32.06
C ALA B 127 -13.10 -15.93 -33.36
N VAL B 128 -13.08 -14.91 -34.20
CA VAL B 128 -12.33 -15.02 -35.43
C VAL B 128 -10.85 -15.18 -35.09
N GLY B 129 -10.43 -14.49 -34.04
CA GLY B 129 -9.05 -14.58 -33.59
C GLY B 129 -8.76 -15.92 -32.96
N LEU B 130 -9.74 -16.47 -32.25
CA LEU B 130 -9.58 -17.77 -31.62
C LEU B 130 -9.40 -18.84 -32.70
N ALA B 131 -10.20 -18.75 -33.76
CA ALA B 131 -10.14 -19.70 -34.87
C ALA B 131 -8.87 -19.52 -35.72
N LEU B 132 -8.43 -18.28 -35.87
CA LEU B 132 -7.22 -18.01 -36.65
C LEU B 132 -6.03 -18.64 -35.93
N ALA B 133 -6.00 -18.47 -34.60
CA ALA B 133 -4.92 -19.01 -33.80
C ALA B 133 -4.87 -20.52 -33.88
N GLU B 134 -6.03 -21.17 -33.81
CA GLU B 134 -6.12 -22.63 -33.88
C GLU B 134 -5.61 -23.10 -35.23
N ARG B 135 -6.02 -22.40 -36.28
CA ARG B 135 -5.63 -22.76 -37.63
C ARG B 135 -4.13 -22.56 -37.85
N LYS B 136 -3.59 -21.45 -37.34
CA LYS B 136 -2.17 -21.19 -37.50
C LYS B 136 -1.34 -22.13 -36.62
N LEU B 137 -1.83 -22.43 -35.42
CA LEU B 137 -1.07 -23.32 -34.54
C LEU B 137 -1.04 -24.74 -35.10
N ALA B 138 -2.13 -25.14 -35.74
CA ALA B 138 -2.20 -26.46 -36.35
C ALA B 138 -1.17 -26.56 -37.46
N ALA B 139 -1.17 -25.57 -38.34
CA ALA B 139 -0.24 -25.53 -39.47
C ALA B 139 1.21 -25.49 -39.00
N GLU B 140 1.45 -24.79 -37.90
CA GLU B 140 2.79 -24.66 -37.37
C GLU B 140 3.32 -25.89 -36.61
N PHE B 141 2.44 -26.57 -35.87
CA PHE B 141 2.87 -27.72 -35.07
C PHE B 141 2.43 -29.12 -35.46
N ASN B 142 1.35 -29.26 -36.25
CA ASN B 142 0.91 -30.59 -36.64
C ASN B 142 1.88 -31.23 -37.61
N ARG B 143 2.05 -32.54 -37.45
CA ARG B 143 2.96 -33.33 -38.31
C ARG B 143 2.26 -34.62 -38.70
N PRO B 144 2.79 -35.35 -39.69
CA PRO B 144 2.17 -36.62 -40.11
C PRO B 144 2.09 -37.62 -38.96
N GLY B 145 0.88 -38.06 -38.65
CA GLY B 145 0.69 -39.01 -37.56
C GLY B 145 0.68 -38.33 -36.20
N HIS B 146 0.78 -37.00 -36.19
CA HIS B 146 0.80 -36.23 -34.95
C HIS B 146 -0.07 -34.97 -35.01
N VAL B 147 -1.36 -35.13 -34.77
CA VAL B 147 -2.32 -34.04 -34.79
C VAL B 147 -2.47 -33.49 -33.37
N VAL B 148 -1.59 -32.56 -33.01
CA VAL B 148 -1.62 -31.98 -31.67
C VAL B 148 -2.52 -30.75 -31.49
N VAL B 149 -3.01 -30.19 -32.59
CA VAL B 149 -3.92 -29.04 -32.54
C VAL B 149 -5.12 -29.35 -33.42
N ASP B 150 -6.31 -29.44 -32.83
CA ASP B 150 -7.50 -29.73 -33.62
C ASP B 150 -8.82 -29.54 -32.86
N HIS B 151 -9.33 -28.31 -32.89
CA HIS B 151 -10.60 -28.00 -32.23
C HIS B 151 -11.37 -26.94 -33.00
N TYR B 152 -12.66 -26.84 -32.70
CA TYR B 152 -13.54 -25.90 -33.35
C TYR B 152 -13.86 -24.69 -32.46
N THR B 153 -14.28 -23.61 -33.10
CA THR B 153 -14.66 -22.38 -32.40
C THR B 153 -16.14 -22.19 -32.68
N TYR B 154 -16.96 -22.36 -31.64
CA TYR B 154 -18.41 -22.21 -31.77
C TYR B 154 -18.84 -20.88 -31.15
N VAL B 155 -19.82 -20.22 -31.78
CA VAL B 155 -20.31 -18.95 -31.29
C VAL B 155 -21.84 -18.88 -31.33
N LEU B 156 -22.43 -18.27 -30.31
CA LEU B 156 -23.87 -18.07 -30.27
C LEU B 156 -24.03 -16.55 -30.32
N ALA B 157 -24.64 -16.05 -31.39
CA ALA B 157 -24.82 -14.63 -31.59
C ALA B 157 -26.30 -14.26 -31.74
N SER B 158 -26.62 -13.01 -31.46
CA SER B 158 -27.98 -12.52 -31.55
C SER B 158 -28.06 -11.48 -32.66
N ASP B 159 -29.27 -10.97 -32.90
CA ASP B 159 -29.48 -9.95 -33.93
C ASP B 159 -28.54 -8.79 -33.74
N GLY B 160 -28.40 -8.36 -32.50
CA GLY B 160 -27.55 -7.23 -32.17
C GLY B 160 -26.12 -7.46 -32.58
N ASP B 161 -25.59 -8.65 -32.32
CA ASP B 161 -24.22 -8.97 -32.70
C ASP B 161 -24.03 -8.76 -34.20
N LEU B 162 -25.02 -9.16 -34.99
CA LEU B 162 -24.94 -9.06 -36.44
C LEU B 162 -25.16 -7.67 -37.04
N GLU B 164 -23.88 -4.91 -35.47
CA GLU B 164 -22.65 -4.18 -35.12
C GLU B 164 -21.61 -4.29 -36.25
N GLY B 165 -21.13 -3.14 -36.72
CA GLY B 165 -20.16 -3.12 -37.79
C GLY B 165 -18.93 -3.98 -37.55
N VAL B 166 -18.53 -4.15 -36.30
CA VAL B 166 -17.34 -4.95 -36.02
C VAL B 166 -17.51 -6.42 -36.39
N SER B 167 -18.73 -6.94 -36.23
CA SER B 167 -18.98 -8.33 -36.57
C SER B 167 -18.89 -8.50 -38.10
N GLY B 168 -19.28 -7.45 -38.83
CA GLY B 168 -19.20 -7.47 -40.29
C GLY B 168 -17.75 -7.48 -40.77
N GLU B 169 -16.93 -6.63 -40.14
CA GLU B 169 -15.49 -6.54 -40.44
C GLU B 169 -14.81 -7.90 -40.21
N ALA B 170 -15.12 -8.51 -39.06
CA ALA B 170 -14.53 -9.80 -38.71
C ALA B 170 -14.97 -10.92 -39.63
N ALA B 171 -16.22 -10.91 -40.04
CA ALA B 171 -16.74 -11.96 -40.93
C ALA B 171 -16.10 -11.81 -42.31
N SER B 172 -15.85 -10.58 -42.73
CA SER B 172 -15.22 -10.34 -44.02
C SER B 172 -13.85 -11.00 -43.99
N LEU B 173 -13.13 -10.81 -42.89
CA LEU B 173 -11.80 -11.40 -42.74
C LEU B 173 -11.84 -12.92 -42.55
N ALA B 174 -12.86 -13.42 -41.86
CA ALA B 174 -12.98 -14.86 -41.63
C ALA B 174 -13.17 -15.60 -42.95
N GLY B 175 -13.99 -15.04 -43.82
CA GLY B 175 -14.23 -15.65 -45.12
C GLY B 175 -12.98 -15.50 -45.97
N HIS B 176 -12.34 -14.33 -45.88
CA HIS B 176 -11.12 -14.07 -46.63
C HIS B 176 -10.04 -15.09 -46.24
N TRP B 177 -9.92 -15.37 -44.95
CA TRP B 177 -8.92 -16.32 -44.45
C TRP B 177 -9.34 -17.78 -44.54
N GLY B 178 -10.60 -18.03 -44.87
CA GLY B 178 -11.08 -19.40 -44.98
C GLY B 178 -11.02 -20.20 -43.68
N LEU B 179 -11.50 -19.60 -42.60
CA LEU B 179 -11.49 -20.26 -41.30
C LEU B 179 -12.63 -21.28 -41.21
N SER B 180 -12.40 -22.42 -41.86
CA SER B 180 -13.35 -23.50 -41.95
C SER B 180 -13.85 -24.09 -40.63
N LYS B 181 -13.12 -23.90 -39.55
CA LYS B 181 -13.55 -24.46 -38.27
C LYS B 181 -14.31 -23.49 -37.37
N LEU B 182 -14.70 -22.35 -37.94
CA LEU B 182 -15.46 -21.35 -37.21
C LEU B 182 -16.93 -21.61 -37.49
N ILE B 183 -17.72 -21.84 -36.45
CA ILE B 183 -19.13 -22.13 -36.62
C ILE B 183 -19.98 -21.21 -35.76
N VAL B 184 -20.76 -20.35 -36.40
CA VAL B 184 -21.59 -19.40 -35.69
C VAL B 184 -23.08 -19.73 -35.77
N PHE B 185 -23.73 -19.66 -34.61
CA PHE B 185 -25.18 -19.90 -34.53
C PHE B 185 -25.87 -18.57 -34.23
N TRP B 186 -26.77 -18.16 -35.11
CA TRP B 186 -27.49 -16.92 -34.89
C TRP B 186 -28.91 -17.20 -34.43
N ASP B 187 -29.27 -16.60 -33.30
CA ASP B 187 -30.60 -16.77 -32.76
C ASP B 187 -31.54 -15.85 -33.50
N ASP B 188 -32.23 -16.40 -34.49
CA ASP B 188 -33.17 -15.64 -35.30
C ASP B 188 -34.55 -15.71 -34.68
N ASN B 189 -34.78 -14.88 -33.66
CA ASN B 189 -36.07 -14.85 -32.98
C ASN B 189 -36.90 -13.62 -33.33
N ARG B 190 -36.40 -12.78 -34.24
CA ARG B 190 -37.10 -11.59 -34.68
C ARG B 190 -37.44 -10.55 -33.60
N ILE B 191 -36.80 -10.63 -32.43
CA ILE B 191 -37.11 -9.68 -31.37
C ILE B 191 -35.90 -8.86 -30.89
N SER B 192 -36.08 -7.55 -30.77
CA SER B 192 -35.02 -6.67 -30.28
C SER B 192 -35.54 -6.00 -29.01
N ILE B 193 -34.67 -5.24 -28.34
CA ILE B 193 -35.07 -4.55 -27.12
C ILE B 193 -36.14 -3.52 -27.42
N ASP B 194 -36.07 -2.90 -28.59
CA ASP B 194 -37.01 -1.85 -28.97
C ASP B 194 -38.37 -2.41 -29.42
N GLY B 195 -38.42 -3.72 -29.67
CA GLY B 195 -39.65 -4.35 -30.13
C GLY B 195 -39.33 -5.27 -31.29
N PRO B 196 -40.26 -5.45 -32.24
CA PRO B 196 -39.98 -6.33 -33.37
C PRO B 196 -38.69 -5.93 -34.08
N THR B 197 -37.81 -6.89 -34.33
CA THR B 197 -36.54 -6.60 -34.97
C THR B 197 -36.68 -5.81 -36.27
N ASP B 198 -37.77 -6.01 -37.01
CA ASP B 198 -37.94 -5.29 -38.27
C ASP B 198 -38.11 -3.78 -38.09
N LEU B 199 -38.01 -3.31 -36.85
CA LEU B 199 -38.10 -1.88 -36.62
C LEU B 199 -36.84 -1.24 -37.22
N ALA B 200 -35.75 -1.98 -37.24
CA ALA B 200 -34.48 -1.45 -37.78
C ALA B 200 -33.57 -2.47 -38.44
N PHE B 201 -34.02 -3.72 -38.57
CA PHE B 201 -33.22 -4.77 -39.15
C PHE B 201 -34.02 -5.63 -40.12
N THR B 202 -33.84 -5.39 -41.42
CA THR B 202 -34.55 -6.14 -42.45
C THR B 202 -33.66 -6.66 -43.57
N GLU B 203 -32.36 -6.44 -43.46
CA GLU B 203 -31.44 -6.91 -44.49
C GLU B 203 -31.51 -8.43 -44.59
N ASP B 204 -30.95 -8.95 -45.67
CA ASP B 204 -30.90 -10.40 -45.89
C ASP B 204 -29.54 -10.81 -45.32
N VAL B 205 -29.54 -11.10 -44.02
CA VAL B 205 -28.35 -11.48 -43.28
C VAL B 205 -27.54 -12.59 -43.95
N LEU B 206 -28.20 -13.69 -44.29
CA LEU B 206 -27.50 -14.81 -44.91
C LEU B 206 -26.90 -14.48 -46.27
N ALA B 207 -27.54 -13.60 -47.03
CA ALA B 207 -27.01 -13.20 -48.32
C ALA B 207 -25.72 -12.41 -48.08
N ARG B 208 -25.70 -11.60 -47.04
CA ARG B 208 -24.52 -10.80 -46.72
C ARG B 208 -23.36 -11.72 -46.35
N TYR B 209 -23.60 -12.69 -45.47
CA TYR B 209 -22.53 -13.58 -45.08
C TYR B 209 -22.04 -14.42 -46.24
N ARG B 210 -22.93 -14.71 -47.19
CA ARG B 210 -22.50 -15.46 -48.36
C ARG B 210 -21.55 -14.56 -49.17
N ALA B 211 -21.83 -13.26 -49.18
CA ALA B 211 -20.97 -12.35 -49.91
C ALA B 211 -19.58 -12.28 -49.24
N TYR B 212 -19.54 -12.58 -47.95
CA TYR B 212 -18.27 -12.60 -47.21
C TYR B 212 -17.47 -13.87 -47.50
N GLY B 213 -18.11 -14.85 -48.14
CA GLY B 213 -17.41 -16.09 -48.44
C GLY B 213 -17.68 -17.16 -47.39
N TRP B 214 -18.79 -17.01 -46.68
CA TRP B 214 -19.19 -17.98 -45.65
C TRP B 214 -20.22 -18.94 -46.20
N GLN B 215 -20.41 -20.07 -45.53
CA GLN B 215 -21.45 -20.99 -45.90
C GLN B 215 -22.60 -20.54 -44.99
N THR B 216 -23.82 -20.63 -45.48
CA THR B 216 -24.96 -20.24 -44.66
C THR B 216 -25.97 -21.36 -44.62
N LEU B 217 -26.42 -21.69 -43.42
CA LEU B 217 -27.40 -22.76 -43.23
C LEU B 217 -28.60 -22.23 -42.46
N ARG B 218 -29.69 -22.98 -42.51
CA ARG B 218 -30.90 -22.60 -41.81
C ARG B 218 -31.53 -23.77 -41.06
N VAL B 219 -31.86 -23.53 -39.79
CA VAL B 219 -32.52 -24.51 -38.96
C VAL B 219 -33.86 -23.85 -38.65
N GLU B 220 -34.94 -24.42 -39.16
CA GLU B 220 -36.27 -23.84 -38.96
C GLU B 220 -36.81 -23.89 -37.54
N ASP B 221 -36.24 -24.74 -36.69
CA ASP B 221 -36.70 -24.85 -35.30
C ASP B 221 -35.57 -25.34 -34.40
N VAL B 222 -35.18 -24.52 -33.43
CA VAL B 222 -34.07 -24.88 -32.54
C VAL B 222 -34.40 -26.10 -31.69
N ASN B 223 -35.68 -26.32 -31.42
CA ASN B 223 -36.11 -27.47 -30.63
C ASN B 223 -35.90 -28.79 -31.37
N ASP B 224 -35.67 -28.70 -32.69
CA ASP B 224 -35.46 -29.89 -33.51
C ASP B 224 -33.98 -30.26 -33.44
N LEU B 225 -33.63 -31.05 -32.43
CA LEU B 225 -32.24 -31.46 -32.24
C LEU B 225 -31.59 -32.12 -33.45
N GLU B 226 -32.32 -32.95 -34.16
CA GLU B 226 -31.74 -33.60 -35.33
C GLU B 226 -31.34 -32.62 -36.41
N ALA B 227 -32.17 -31.60 -36.64
CA ALA B 227 -31.85 -30.60 -37.65
C ALA B 227 -30.56 -29.89 -37.26
N LEU B 228 -30.40 -29.65 -35.96
CA LEU B 228 -29.22 -28.98 -35.43
C LEU B 228 -27.98 -29.81 -35.67
N ARG B 229 -28.05 -31.10 -35.33
CA ARG B 229 -26.93 -32.02 -35.53
C ARG B 229 -26.53 -31.92 -36.99
N LYS B 230 -27.52 -32.02 -37.87
CA LYS B 230 -27.30 -31.96 -39.31
C LYS B 230 -26.52 -30.72 -39.74
N ALA B 231 -27.02 -29.55 -39.35
CA ALA B 231 -26.37 -28.30 -39.70
C ALA B 231 -24.92 -28.29 -39.24
N ILE B 232 -24.66 -28.68 -37.99
CA ILE B 232 -23.30 -28.70 -37.48
C ILE B 232 -22.42 -29.64 -38.31
N LYS B 233 -22.95 -30.78 -38.73
CA LYS B 233 -22.20 -31.72 -39.55
C LYS B 233 -21.88 -31.03 -40.88
N LEU B 234 -22.92 -30.46 -41.51
CA LEU B 234 -22.76 -29.76 -42.78
C LEU B 234 -21.69 -28.66 -42.67
N ALA B 235 -21.68 -27.96 -41.54
CA ALA B 235 -20.71 -26.89 -41.35
C ALA B 235 -19.29 -27.44 -41.23
N LYS B 236 -19.12 -28.55 -40.51
CA LYS B 236 -17.80 -29.13 -40.36
C LYS B 236 -17.24 -29.68 -41.67
N LEU B 237 -18.12 -30.12 -42.58
CA LEU B 237 -17.69 -30.65 -43.86
C LEU B 237 -17.29 -29.55 -44.85
N ASP B 238 -17.77 -28.34 -44.61
CA ASP B 238 -17.47 -27.22 -45.50
C ASP B 238 -16.15 -26.53 -45.14
N GLU B 239 -15.44 -26.07 -46.17
CA GLU B 239 -14.15 -25.39 -45.97
C GLU B 239 -14.30 -23.90 -45.65
N ARG B 240 -15.52 -23.41 -45.65
CA ARG B 240 -15.76 -22.00 -45.35
C ARG B 240 -16.28 -21.88 -43.93
N PRO B 241 -16.15 -20.71 -43.31
CA PRO B 241 -16.67 -20.58 -41.95
C PRO B 241 -18.19 -20.64 -42.17
N THR B 242 -18.96 -21.08 -41.18
CA THR B 242 -20.41 -21.19 -41.38
C THR B 242 -21.32 -20.38 -40.44
N LEU B 243 -22.34 -19.76 -41.01
CA LEU B 243 -23.30 -19.01 -40.20
C LEU B 243 -24.60 -19.82 -40.25
N ILE B 244 -25.09 -20.23 -39.09
CA ILE B 244 -26.32 -21.02 -39.02
C ILE B 244 -27.44 -20.24 -38.37
N ALA B 245 -28.42 -19.86 -39.19
CA ALA B 245 -29.56 -19.10 -38.69
C ALA B 245 -30.50 -20.09 -38.01
N VAL B 246 -30.69 -19.92 -36.71
CA VAL B 246 -31.55 -20.82 -35.96
C VAL B 246 -32.79 -20.12 -35.43
N ARG B 247 -33.94 -20.52 -35.96
CA ARG B 247 -35.18 -19.92 -35.53
C ARG B 247 -35.63 -20.42 -34.16
N SER B 248 -36.02 -19.48 -33.31
CA SER B 248 -36.50 -19.82 -31.98
C SER B 248 -37.48 -18.75 -31.54
N HIS B 249 -38.11 -19.02 -30.40
CA HIS B 249 -39.07 -18.10 -29.83
C HIS B 249 -38.47 -17.61 -28.53
N ILE B 250 -38.27 -16.30 -28.42
CA ILE B 250 -37.72 -15.76 -27.20
C ILE B 250 -38.80 -16.00 -26.14
N GLY B 251 -38.38 -16.45 -24.96
CA GLY B 251 -39.34 -16.72 -23.91
C GLY B 251 -40.27 -17.88 -24.27
N PHE B 252 -39.74 -18.84 -25.02
CA PHE B 252 -40.49 -20.02 -25.45
C PHE B 252 -41.20 -20.71 -24.28
N GLY B 253 -42.48 -21.02 -24.48
CA GLY B 253 -43.26 -21.69 -23.46
C GLY B 253 -43.88 -20.81 -22.39
N SER B 254 -43.69 -19.50 -22.51
CA SER B 254 -44.23 -18.58 -21.52
C SER B 254 -45.20 -17.57 -22.14
N PRO B 255 -45.97 -16.88 -21.29
CA PRO B 255 -46.94 -15.88 -21.73
C PRO B 255 -46.25 -14.70 -22.44
N LYS B 256 -44.94 -14.59 -22.23
CA LYS B 256 -44.16 -13.51 -22.84
C LYS B 256 -43.42 -13.98 -24.09
N GLN B 257 -43.75 -15.18 -24.58
CA GLN B 257 -43.11 -15.71 -25.77
C GLN B 257 -43.29 -14.78 -26.97
N ASP B 258 -42.21 -14.54 -27.70
CA ASP B 258 -42.22 -13.69 -28.88
C ASP B 258 -42.52 -12.24 -28.56
N SER B 259 -42.11 -11.78 -27.37
CA SER B 259 -42.34 -10.40 -26.95
C SER B 259 -41.08 -9.79 -26.35
N ALA B 260 -40.83 -8.51 -26.65
CA ALA B 260 -39.67 -7.82 -26.12
C ALA B 260 -39.65 -7.88 -24.60
N LYS B 261 -40.82 -8.04 -23.99
CA LYS B 261 -40.94 -8.10 -22.54
C LYS B 261 -40.21 -9.31 -21.95
N ALA B 262 -39.89 -10.29 -22.78
CA ALA B 262 -39.22 -11.48 -22.30
C ALA B 262 -37.68 -11.34 -22.36
N HIS B 263 -37.22 -10.27 -22.97
CA HIS B 263 -35.79 -10.05 -23.13
C HIS B 263 -34.95 -9.83 -21.88
N GLY B 264 -35.11 -8.67 -21.24
CA GLY B 264 -34.27 -8.37 -20.09
C GLY B 264 -34.88 -8.05 -18.73
N GLU B 265 -35.90 -8.81 -18.33
CA GLU B 265 -36.54 -8.61 -17.04
C GLU B 265 -37.07 -9.94 -16.55
N PRO B 266 -37.19 -10.10 -15.22
CA PRO B 266 -37.70 -11.36 -14.66
C PRO B 266 -39.08 -11.67 -15.27
N LEU B 267 -39.36 -12.94 -15.47
CA LEU B 267 -40.64 -13.36 -16.03
C LEU B 267 -41.78 -12.89 -15.15
N GLY B 268 -41.60 -13.03 -13.83
CA GLY B 268 -42.63 -12.65 -12.88
C GLY B 268 -43.35 -13.90 -12.41
N PRO B 269 -43.84 -13.90 -11.16
CA PRO B 269 -44.54 -15.05 -10.58
C PRO B 269 -45.54 -15.75 -11.51
N GLU B 270 -46.59 -15.04 -11.91
CA GLU B 270 -47.60 -15.59 -12.80
C GLU B 270 -46.99 -16.19 -14.06
N ALA B 271 -46.11 -15.44 -14.71
CA ALA B 271 -45.47 -15.92 -15.93
C ALA B 271 -44.63 -17.16 -15.64
N VAL B 272 -43.95 -17.17 -14.50
CA VAL B 272 -43.14 -18.32 -14.13
C VAL B 272 -44.04 -19.54 -13.95
N GLU B 273 -45.13 -19.37 -13.19
CA GLU B 273 -46.06 -20.47 -12.95
C GLU B 273 -46.65 -20.99 -14.26
N ALA B 274 -47.08 -20.08 -15.13
CA ALA B 274 -47.65 -20.47 -16.41
C ALA B 274 -46.61 -21.25 -17.22
N THR B 275 -45.36 -20.83 -17.17
CA THR B 275 -44.33 -21.54 -17.93
C THR B 275 -44.14 -22.97 -17.45
N ARG B 276 -44.10 -23.17 -16.13
CA ARG B 276 -43.93 -24.51 -15.58
C ARG B 276 -45.07 -25.44 -16.05
N ARG B 277 -46.28 -24.90 -16.13
CA ARG B 277 -47.41 -25.72 -16.58
C ARG B 277 -47.34 -26.01 -18.07
N ASN B 278 -47.19 -24.97 -18.87
CA ASN B 278 -47.11 -25.12 -20.33
C ASN B 278 -46.03 -26.11 -20.76
N LEU B 279 -44.93 -26.14 -20.04
CA LEU B 279 -43.84 -27.05 -20.39
C LEU B 279 -43.82 -28.32 -19.55
N GLY B 280 -44.77 -28.44 -18.63
CA GLY B 280 -44.84 -29.64 -17.79
C GLY B 280 -43.67 -29.85 -16.87
N TRP B 281 -43.18 -28.77 -16.26
CA TRP B 281 -42.04 -28.84 -15.35
C TRP B 281 -42.59 -28.76 -13.93
N PRO B 282 -42.55 -29.87 -13.18
CA PRO B 282 -43.06 -29.93 -11.81
C PRO B 282 -42.03 -29.58 -10.73
N TYR B 283 -40.75 -29.62 -11.09
CA TYR B 283 -39.68 -29.33 -10.15
C TYR B 283 -39.65 -27.90 -9.64
N PRO B 284 -39.43 -27.73 -8.33
CA PRO B 284 -39.36 -26.41 -7.69
C PRO B 284 -38.11 -25.67 -8.13
N PRO B 285 -38.04 -24.35 -7.86
CA PRO B 285 -36.91 -23.49 -8.21
C PRO B 285 -35.54 -24.05 -7.85
N PHE B 286 -34.66 -24.12 -8.85
CA PHE B 286 -33.30 -24.60 -8.67
C PHE B 286 -33.18 -26.11 -8.50
N VAL B 287 -34.30 -26.82 -8.46
CA VAL B 287 -34.26 -28.26 -8.33
C VAL B 287 -34.22 -28.95 -9.70
N VAL B 288 -33.20 -29.77 -9.90
CA VAL B 288 -33.03 -30.53 -11.14
C VAL B 288 -32.93 -32.00 -10.76
N PRO B 289 -33.73 -32.88 -11.41
CA PRO B 289 -33.71 -34.31 -11.11
C PRO B 289 -32.39 -35.02 -11.36
N GLU B 290 -32.05 -35.92 -10.46
CA GLU B 290 -30.82 -36.68 -10.56
C GLU B 290 -30.60 -37.26 -11.94
N GLU B 291 -31.67 -37.77 -12.56
CA GLU B 291 -31.56 -38.37 -13.89
C GLU B 291 -30.92 -37.42 -14.91
N VAL B 292 -31.22 -36.13 -14.80
CA VAL B 292 -30.63 -35.15 -15.71
C VAL B 292 -29.16 -34.96 -15.38
N TYR B 293 -28.84 -34.82 -14.09
CA TYR B 293 -27.46 -34.65 -13.66
C TYR B 293 -26.61 -35.81 -14.13
N ARG B 294 -27.11 -37.03 -13.93
CA ARG B 294 -26.37 -38.21 -14.35
C ARG B 294 -26.21 -38.19 -15.87
N HIS B 295 -27.28 -37.83 -16.57
CA HIS B 295 -27.26 -37.76 -18.03
C HIS B 295 -26.30 -36.70 -18.58
N ASP B 297 -23.67 -35.28 -16.92
CA ASP B 297 -22.32 -35.35 -16.37
C ASP B 297 -21.27 -35.62 -17.44
N ARG B 299 -17.88 -35.05 -16.87
CA ARG B 299 -16.58 -35.21 -16.26
C ARG B 299 -15.79 -36.43 -16.74
N GLU B 300 -16.46 -37.56 -16.92
CA GLU B 300 -15.78 -38.78 -17.36
C GLU B 300 -15.32 -38.70 -18.83
N LYS B 301 -16.21 -38.26 -19.71
CA LYS B 301 -15.84 -38.12 -21.13
C LYS B 301 -14.77 -37.04 -21.25
N GLY B 302 -14.92 -35.97 -20.45
CA GLY B 302 -13.98 -34.88 -20.48
C GLY B 302 -12.57 -35.33 -20.13
N ARG B 303 -12.42 -36.10 -19.07
CA ARG B 303 -11.11 -36.59 -18.67
C ARG B 303 -10.53 -37.53 -19.74
N ALA B 304 -11.41 -38.30 -20.38
CA ALA B 304 -10.97 -39.24 -21.42
C ALA B 304 -10.42 -38.50 -22.63
N TRP B 305 -11.15 -37.47 -23.09
CA TRP B 305 -10.70 -36.69 -24.25
C TRP B 305 -9.34 -36.06 -23.99
N GLN B 306 -9.20 -35.38 -22.87
CA GLN B 306 -7.95 -34.74 -22.56
C GLN B 306 -6.81 -35.74 -22.40
N GLU B 307 -7.09 -36.88 -21.77
CA GLU B 307 -6.06 -37.89 -21.58
C GLU B 307 -5.52 -38.37 -22.94
N ALA B 308 -6.43 -38.58 -23.88
CA ALA B 308 -6.03 -39.03 -25.21
C ALA B 308 -5.08 -38.00 -25.83
N TRP B 309 -5.35 -36.72 -25.53
CA TRP B 309 -4.53 -35.63 -26.03
C TRP B 309 -3.17 -35.64 -25.34
N GLU B 310 -3.18 -35.91 -24.04
CA GLU B 310 -1.93 -35.97 -23.29
C GLU B 310 -1.06 -37.05 -23.91
N LYS B 311 -1.70 -38.14 -24.36
CA LYS B 311 -0.98 -39.25 -24.98
C LYS B 311 -0.39 -38.83 -26.32
N ALA B 312 -1.20 -38.18 -27.14
CA ALA B 312 -0.74 -37.72 -28.44
C ALA B 312 0.45 -36.78 -28.23
N LEU B 313 0.42 -36.01 -27.15
CA LEU B 313 1.49 -35.07 -26.87
C LEU B 313 2.80 -35.77 -26.50
N GLU B 314 2.70 -36.81 -25.69
CA GLU B 314 3.88 -37.56 -25.29
C GLU B 314 4.47 -38.26 -26.50
N ALA B 315 3.60 -38.72 -27.39
CA ALA B 315 4.03 -39.38 -28.62
C ALA B 315 4.72 -38.32 -29.47
N TYR B 316 4.15 -37.12 -29.46
CA TYR B 316 4.68 -35.99 -30.21
C TYR B 316 6.04 -35.60 -29.67
N ALA B 317 6.14 -35.53 -28.34
CA ALA B 317 7.39 -35.19 -27.68
C ALA B 317 8.49 -36.16 -28.03
N ARG B 318 8.12 -37.42 -28.26
CA ARG B 318 9.09 -38.44 -28.60
C ARG B 318 9.53 -38.30 -30.05
N ALA B 319 8.57 -38.03 -30.93
CA ALA B 319 8.85 -37.88 -32.36
C ALA B 319 9.47 -36.53 -32.75
N TYR B 320 9.09 -35.47 -32.03
CA TYR B 320 9.59 -34.13 -32.31
C TYR B 320 9.94 -33.38 -31.03
N PRO B 321 11.03 -33.78 -30.35
CA PRO B 321 11.48 -33.14 -29.11
C PRO B 321 11.45 -31.60 -29.13
N ASP B 322 12.13 -31.02 -30.12
CA ASP B 322 12.21 -29.57 -30.27
C ASP B 322 10.85 -28.90 -30.44
N LEU B 323 10.08 -29.37 -31.41
CA LEU B 323 8.75 -28.83 -31.64
C LEU B 323 7.92 -28.88 -30.36
N HIS B 324 7.93 -30.04 -29.71
CA HIS B 324 7.17 -30.21 -28.47
C HIS B 324 7.62 -29.21 -27.40
N GLN B 325 8.92 -29.04 -27.25
CA GLN B 325 9.43 -28.10 -26.25
C GLN B 325 8.94 -26.67 -26.50
N GLU B 326 8.97 -26.24 -27.76
CA GLU B 326 8.52 -24.90 -28.08
C GLU B 326 7.02 -24.72 -27.85
N LEU B 327 6.26 -25.73 -28.27
CA LEU B 327 4.80 -25.68 -28.10
C LEU B 327 4.42 -25.54 -26.63
N ARG B 329 6.27 -24.49 -24.19
CA ARG B 329 6.74 -23.19 -23.72
C ARG B 329 5.73 -22.11 -24.11
N ARG B 330 5.36 -22.09 -25.39
CA ARG B 330 4.41 -21.10 -25.91
C ARG B 330 3.01 -21.22 -25.29
N LEU B 331 2.54 -22.45 -25.11
CA LEU B 331 1.23 -22.70 -24.52
C LEU B 331 1.19 -22.27 -23.06
N ARG B 332 2.34 -22.31 -22.38
CA ARG B 332 2.43 -21.90 -20.98
C ARG B 332 2.59 -20.39 -20.87
N GLY B 333 2.84 -19.72 -21.99
CA GLY B 333 2.99 -18.28 -21.99
C GLY B 333 4.33 -17.80 -21.47
N GLU B 334 5.34 -18.65 -21.57
CA GLU B 334 6.69 -18.30 -21.11
C GLU B 334 7.53 -17.72 -22.23
N LEU B 335 8.09 -16.53 -21.99
CA LEU B 335 8.92 -15.87 -22.98
C LEU B 335 10.30 -16.53 -23.05
N PRO B 336 10.88 -16.61 -24.25
CA PRO B 336 12.20 -17.22 -24.37
C PRO B 336 13.23 -16.15 -24.04
N PRO B 337 14.52 -16.49 -24.09
CA PRO B 337 15.50 -15.44 -23.78
C PRO B 337 15.35 -14.31 -24.80
N LEU B 338 15.54 -13.08 -24.38
CA LEU B 338 15.41 -11.95 -25.30
C LEU B 338 16.60 -11.01 -25.29
N PRO B 339 16.85 -10.32 -26.42
CA PRO B 339 17.98 -9.39 -26.52
C PRO B 339 17.92 -8.35 -25.39
N GLU B 340 19.08 -8.09 -24.79
CA GLU B 340 19.17 -7.16 -23.68
C GLU B 340 19.65 -5.80 -24.12
N GLU B 341 20.20 -5.72 -25.32
CA GLU B 341 20.68 -4.45 -25.83
C GLU B 341 19.83 -3.99 -26.98
N PRO B 342 19.56 -2.68 -27.07
CA PRO B 342 18.73 -2.15 -28.15
C PRO B 342 19.50 -2.12 -29.47
N PRO B 343 18.78 -1.98 -30.59
CA PRO B 343 19.51 -1.94 -31.86
C PRO B 343 20.40 -0.70 -31.81
N SER B 344 21.38 -0.62 -32.71
CA SER B 344 22.30 0.51 -32.73
C SER B 344 21.84 1.58 -33.73
N PHE B 345 21.63 2.80 -33.22
CA PHE B 345 21.18 3.91 -34.06
C PHE B 345 22.26 5.00 -34.18
N ASP B 346 22.30 5.66 -35.33
CA ASP B 346 23.30 6.70 -35.55
C ASP B 346 22.75 8.06 -35.96
N LYS B 347 21.48 8.13 -36.39
CA LYS B 347 20.92 9.42 -36.81
C LYS B 347 19.49 9.63 -36.30
N PRO B 348 19.00 10.88 -36.36
CA PRO B 348 17.64 11.15 -35.89
C PRO B 348 16.72 10.15 -36.58
N ILE B 349 15.73 9.66 -35.85
CA ILE B 349 14.83 8.68 -36.44
C ILE B 349 13.46 8.70 -35.73
N ALA B 350 12.40 8.46 -36.49
CA ALA B 350 11.04 8.44 -35.94
C ALA B 350 10.92 7.25 -35.00
N THR B 351 10.12 7.34 -33.95
CA THR B 351 10.03 6.20 -33.05
C THR B 351 9.31 5.03 -33.70
N ARG B 352 8.56 5.28 -34.76
CA ARG B 352 7.87 4.19 -35.45
C ARG B 352 8.90 3.37 -36.22
N ALA B 353 9.91 4.05 -36.78
CA ALA B 353 10.96 3.34 -37.52
C ALA B 353 11.81 2.59 -36.50
N ALA B 354 12.06 3.25 -35.38
CA ALA B 354 12.84 2.63 -34.31
C ALA B 354 12.08 1.41 -33.81
N SER B 355 10.75 1.49 -33.86
CA SER B 355 9.94 0.35 -33.42
C SER B 355 10.14 -0.80 -34.41
N GLY B 356 10.16 -0.46 -35.69
CA GLY B 356 10.37 -1.48 -36.70
C GLY B 356 11.71 -2.15 -36.47
N ARG B 357 12.71 -1.35 -36.09
CA ARG B 357 14.07 -1.85 -35.82
C ARG B 357 14.07 -2.76 -34.60
N ALA B 358 13.31 -2.38 -33.57
CA ALA B 358 13.24 -3.21 -32.38
C ALA B 358 12.65 -4.57 -32.75
N LEU B 359 11.58 -4.55 -33.55
CA LEU B 359 10.91 -5.77 -33.99
C LEU B 359 11.82 -6.70 -34.81
N ASN B 360 12.65 -6.11 -35.67
CA ASN B 360 13.56 -6.92 -36.47
C ASN B 360 14.51 -7.68 -35.54
N LEU B 361 14.84 -7.05 -34.41
CA LEU B 361 15.72 -7.67 -33.43
C LEU B 361 14.99 -8.68 -32.55
N LEU B 362 13.76 -8.34 -32.17
CA LEU B 362 12.95 -9.19 -31.29
C LEU B 362 12.25 -10.38 -31.94
N ALA B 363 11.60 -10.15 -33.07
CA ALA B 363 10.84 -11.19 -33.76
C ALA B 363 11.55 -12.51 -34.05
N PRO B 364 12.82 -12.47 -34.50
CA PRO B 364 13.52 -13.74 -34.77
C PRO B 364 13.59 -14.67 -33.56
N ARG B 365 13.59 -14.10 -32.36
CA ARG B 365 13.65 -14.90 -31.14
C ARG B 365 12.27 -15.29 -30.64
N LEU B 366 11.22 -14.78 -31.30
CA LEU B 366 9.85 -15.03 -30.89
C LEU B 366 8.95 -15.61 -31.97
N PRO B 367 8.97 -16.94 -32.16
CA PRO B 367 8.12 -17.56 -33.17
C PRO B 367 6.63 -17.40 -32.84
N GLU B 368 6.34 -17.05 -31.59
CA GLU B 368 4.94 -16.86 -31.14
C GLU B 368 4.44 -15.46 -31.49
N LEU B 369 5.35 -14.60 -31.90
CA LEU B 369 5.03 -13.21 -32.20
C LEU B 369 4.35 -12.99 -33.56
N LEU B 370 3.12 -12.50 -33.49
CA LEU B 370 2.35 -12.19 -34.70
C LEU B 370 2.13 -10.70 -34.77
N GLY B 371 2.31 -10.11 -35.95
CA GLY B 371 2.13 -8.69 -36.11
C GLY B 371 1.11 -8.39 -37.18
N GLY B 372 0.74 -7.13 -37.31
CA GLY B 372 -0.24 -6.76 -38.31
C GLY B 372 -0.54 -5.29 -38.31
N SER B 373 -1.40 -4.88 -39.24
CA SER B 373 -1.78 -3.48 -39.34
C SER B 373 -3.08 -3.35 -40.10
N ALA B 374 -3.81 -2.27 -39.83
CA ALA B 374 -5.07 -2.01 -40.51
C ALA B 374 -4.78 -1.14 -41.73
N ASP B 375 -4.26 -1.79 -42.76
CA ASP B 375 -3.90 -1.14 -44.01
C ASP B 375 -2.95 0.04 -43.86
N LEU B 376 -1.99 -0.07 -42.94
CA LEU B 376 -1.00 0.99 -42.77
C LEU B 376 0.37 0.36 -42.48
N THR B 377 0.61 -0.82 -43.08
CA THR B 377 1.86 -1.55 -42.89
C THR B 377 3.10 -0.68 -43.13
N PRO B 378 3.16 0.02 -44.28
CA PRO B 378 4.34 0.86 -44.51
C PRO B 378 4.47 2.07 -43.56
N SER B 379 3.34 2.55 -43.06
CA SER B 379 3.34 3.71 -42.15
C SER B 379 3.46 3.38 -40.67
N ASN B 380 3.26 2.12 -40.30
CA ASN B 380 3.34 1.71 -38.90
C ASN B 380 4.63 0.96 -38.56
N ASN B 381 5.34 0.49 -39.58
CA ASN B 381 6.59 -0.27 -39.40
C ASN B 381 6.35 -1.52 -38.55
N THR B 382 5.22 -2.18 -38.79
CA THR B 382 4.81 -3.35 -38.04
C THR B 382 5.23 -4.70 -38.64
N LYS B 383 5.67 -4.71 -39.89
CA LYS B 383 6.10 -5.96 -40.50
C LYS B 383 7.59 -6.20 -40.31
N ALA B 384 7.94 -6.97 -39.28
CA ALA B 384 9.34 -7.26 -38.99
C ALA B 384 10.03 -7.98 -40.15
N GLU B 385 11.32 -7.71 -40.32
CA GLU B 385 12.07 -8.39 -41.37
C GLU B 385 12.03 -9.87 -40.98
N GLY B 386 11.74 -10.72 -41.95
CA GLY B 386 11.66 -12.14 -41.66
C GLY B 386 10.22 -12.63 -41.67
N GLU B 388 6.41 -13.14 -42.99
CA GLU B 388 5.73 -13.30 -44.28
C GLU B 388 4.23 -13.12 -44.03
N ASP B 389 3.51 -12.67 -45.05
CA ASP B 389 2.07 -12.46 -44.91
C ASP B 389 1.31 -13.76 -44.73
N PHE B 390 0.35 -13.76 -43.81
CA PHE B 390 -0.49 -14.94 -43.60
C PHE B 390 -1.57 -14.89 -44.66
N SER B 391 -1.97 -16.05 -45.15
CA SER B 391 -3.02 -16.13 -46.14
C SER B 391 -3.50 -17.57 -46.16
N ARG B 392 -4.65 -17.80 -46.77
CA ARG B 392 -5.21 -19.15 -46.87
C ARG B 392 -4.14 -20.06 -47.49
N ALA B 393 -3.42 -19.53 -48.49
CA ALA B 393 -2.37 -20.28 -49.17
C ALA B 393 -1.05 -20.33 -48.40
N ASN B 394 -0.87 -19.42 -47.45
CA ASN B 394 0.36 -19.38 -46.66
C ASN B 394 0.03 -19.24 -45.18
N PRO B 395 -0.59 -20.28 -44.60
CA PRO B 395 -0.97 -20.29 -43.18
C PRO B 395 0.15 -20.09 -42.16
N LEU B 396 1.41 -20.21 -42.57
CA LEU B 396 2.52 -20.04 -41.63
C LEU B 396 2.94 -18.58 -41.51
N GLY B 397 2.40 -17.72 -42.36
CA GLY B 397 2.75 -16.32 -42.31
C GLY B 397 2.43 -15.73 -40.96
N ARG B 398 3.38 -14.98 -40.39
CA ARG B 398 3.19 -14.33 -39.10
C ARG B 398 2.69 -12.89 -39.19
N TYR B 399 2.50 -12.39 -40.41
CA TYR B 399 2.03 -11.02 -40.56
C TYR B 399 0.61 -10.95 -41.11
N LEU B 400 -0.22 -10.15 -40.44
CA LEU B 400 -1.63 -10.02 -40.81
C LEU B 400 -2.06 -8.68 -41.40
N HIS B 401 -2.59 -8.72 -42.61
CA HIS B 401 -3.10 -7.52 -43.25
C HIS B 401 -4.58 -7.50 -42.88
N PHE B 402 -4.93 -6.70 -41.89
CA PHE B 402 -6.31 -6.58 -41.41
C PHE B 402 -7.20 -5.74 -42.33
N GLY B 403 -6.59 -4.93 -43.20
CA GLY B 403 -7.39 -4.08 -44.06
C GLY B 403 -7.87 -2.90 -43.22
N VAL B 404 -8.73 -2.06 -43.76
CA VAL B 404 -9.22 -0.90 -43.02
C VAL B 404 -10.33 -1.34 -42.05
N ARG B 405 -9.91 -2.11 -41.05
CA ARG B 405 -10.80 -2.68 -40.05
C ARG B 405 -10.17 -2.64 -38.66
N GLU B 406 -9.96 -1.44 -38.11
CA GLU B 406 -9.33 -1.33 -36.80
C GLU B 406 -10.06 -2.06 -35.68
N HIS B 407 -11.39 -1.90 -35.63
CA HIS B 407 -12.16 -2.53 -34.57
C HIS B 407 -12.01 -4.04 -34.60
N ALA B 408 -12.25 -4.66 -35.75
CA ALA B 408 -12.12 -6.10 -35.85
C ALA B 408 -10.67 -6.52 -35.56
N GLY B 410 -8.69 -5.22 -33.48
CA GLY B 410 -8.63 -5.25 -32.03
C GLY B 410 -9.17 -6.54 -31.44
N ALA B 411 -10.39 -6.89 -31.84
CA ALA B 411 -11.06 -8.10 -31.35
C ALA B 411 -10.28 -9.35 -31.75
N ILE B 412 -9.79 -9.36 -32.98
CA ILE B 412 -9.02 -10.51 -33.48
C ILE B 412 -7.70 -10.63 -32.74
N LEU B 413 -7.04 -9.51 -32.45
CA LEU B 413 -5.76 -9.56 -31.71
C LEU B 413 -6.04 -10.14 -30.32
N ASN B 414 -7.18 -9.76 -29.74
CA ASN B 414 -7.53 -10.28 -28.43
C ASN B 414 -7.74 -11.79 -28.51
N GLY B 415 -8.44 -12.23 -29.55
CA GLY B 415 -8.69 -13.65 -29.73
C GLY B 415 -7.40 -14.42 -29.88
N LEU B 416 -6.49 -13.89 -30.68
CA LEU B 416 -5.19 -14.53 -30.90
C LEU B 416 -4.46 -14.69 -29.57
N ASN B 417 -4.45 -13.62 -28.77
CA ASN B 417 -3.77 -13.61 -27.49
C ASN B 417 -4.48 -14.43 -26.41
N LEU B 418 -5.80 -14.56 -26.54
CA LEU B 418 -6.60 -15.34 -25.60
C LEU B 418 -6.44 -16.84 -25.81
N HIS B 419 -6.30 -17.25 -27.06
CA HIS B 419 -6.20 -18.66 -27.41
C HIS B 419 -5.08 -19.46 -26.75
N GLY B 420 -3.89 -18.87 -26.71
CA GLY B 420 -2.75 -19.57 -26.15
C GLY B 420 -1.83 -19.97 -27.29
N GLY B 421 -0.54 -19.76 -27.13
CA GLY B 421 0.41 -20.12 -28.17
C GLY B 421 0.92 -18.94 -28.97
N TYR B 422 0.21 -17.83 -28.91
CA TYR B 422 0.61 -16.63 -29.63
C TYR B 422 0.60 -15.36 -28.79
N ARG B 423 1.29 -14.36 -29.30
CA ARG B 423 1.38 -13.04 -28.69
C ARG B 423 1.26 -12.17 -29.93
N ALA B 424 0.18 -11.40 -30.01
CA ALA B 424 -0.06 -10.61 -31.20
C ALA B 424 -0.21 -9.12 -30.97
N TYR B 425 0.32 -8.34 -31.91
CA TYR B 425 0.23 -6.89 -31.86
C TYR B 425 -0.24 -6.44 -33.24
N GLY B 426 -0.83 -5.25 -33.31
CA GLY B 426 -1.32 -4.73 -34.57
C GLY B 426 -1.23 -3.22 -34.51
N GLY B 427 -1.10 -2.56 -35.64
CA GLY B 427 -1.00 -1.12 -35.61
C GLY B 427 -1.95 -0.35 -36.50
N THR B 428 -2.01 0.95 -36.21
CA THR B 428 -2.77 1.94 -36.94
C THR B 428 -2.35 3.27 -36.32
N PHE B 429 -2.92 4.38 -36.80
CA PHE B 429 -2.59 5.68 -36.26
C PHE B 429 -3.26 5.86 -34.90
N LEU B 430 -2.62 6.61 -34.00
CA LEU B 430 -3.16 6.85 -32.66
C LEU B 430 -4.59 7.39 -32.69
N VAL B 431 -4.87 8.26 -33.66
CA VAL B 431 -6.20 8.84 -33.77
C VAL B 431 -7.24 7.74 -34.03
N PHE B 432 -6.85 6.72 -34.80
CA PHE B 432 -7.79 5.66 -35.08
C PHE B 432 -7.98 4.64 -33.96
N SER B 433 -7.36 4.88 -32.81
CA SER B 433 -7.60 3.98 -31.69
C SER B 433 -9.10 4.13 -31.37
N ASP B 434 -9.67 5.29 -31.73
CA ASP B 434 -11.10 5.57 -31.51
C ASP B 434 -12.01 4.54 -32.17
N TYR B 435 -11.59 4.00 -33.31
CA TYR B 435 -12.36 3.00 -34.04
C TYR B 435 -12.34 1.62 -33.39
N ARG B 437 -11.86 1.26 -29.78
CA ARG B 437 -12.01 1.46 -28.34
C ARG B 437 -12.61 0.30 -27.54
N PRO B 438 -13.76 -0.25 -27.98
CA PRO B 438 -14.38 -1.36 -27.24
C PRO B 438 -13.50 -2.60 -27.12
N ALA B 439 -12.69 -2.86 -28.15
CA ALA B 439 -11.78 -4.01 -28.13
C ALA B 439 -10.63 -3.73 -27.17
N ILE B 440 -10.17 -2.48 -27.16
CA ILE B 440 -9.09 -2.11 -26.27
C ILE B 440 -9.60 -2.30 -24.84
N ARG B 441 -10.81 -1.81 -24.58
CA ARG B 441 -11.39 -1.94 -23.26
C ARG B 441 -11.59 -3.40 -22.88
N LEU B 442 -12.08 -4.22 -23.80
CA LEU B 442 -12.29 -5.62 -23.49
C LEU B 442 -10.97 -6.29 -23.09
N ALA B 443 -9.89 -5.93 -23.76
CA ALA B 443 -8.59 -6.48 -23.43
C ALA B 443 -8.24 -6.14 -21.98
N ALA B 444 -8.47 -4.89 -21.59
CA ALA B 444 -8.15 -4.45 -20.23
C ALA B 444 -9.00 -5.16 -19.18
N LEU B 445 -10.28 -5.36 -19.48
CA LEU B 445 -11.20 -6.04 -18.58
C LEU B 445 -10.80 -7.48 -18.37
N GLY B 447 -7.77 -8.74 -19.03
CA GLY B 447 -6.38 -8.90 -18.65
C GLY B 447 -5.59 -9.62 -19.74
N VAL B 448 -6.04 -9.48 -20.98
CA VAL B 448 -5.36 -10.09 -22.13
C VAL B 448 -4.27 -9.09 -22.58
N PRO B 449 -3.00 -9.52 -22.59
CA PRO B 449 -1.86 -8.69 -22.97
C PRO B 449 -1.66 -8.32 -24.45
N THR B 450 -2.73 -7.87 -25.09
CA THR B 450 -2.66 -7.45 -26.48
C THR B 450 -1.78 -6.20 -26.55
N VAL B 451 -0.92 -6.10 -27.56
CA VAL B 451 -0.09 -4.92 -27.70
C VAL B 451 -0.65 -4.10 -28.87
N PHE B 452 -1.07 -2.89 -28.59
CA PHE B 452 -1.64 -2.02 -29.61
C PHE B 452 -0.58 -1.01 -30.02
N VAL B 453 -0.19 -1.04 -31.29
CA VAL B 453 0.82 -0.12 -31.78
C VAL B 453 0.19 1.06 -32.50
N PHE B 454 0.35 2.23 -31.93
CA PHE B 454 -0.21 3.46 -32.48
C PHE B 454 0.89 4.43 -32.90
N THR B 455 0.93 4.76 -34.19
CA THR B 455 1.93 5.70 -34.70
C THR B 455 1.31 7.06 -35.01
N HIS B 456 2.08 7.97 -35.62
CA HIS B 456 1.56 9.31 -35.96
C HIS B 456 0.83 9.89 -34.74
N ASP B 457 1.55 9.90 -33.63
CA ASP B 457 1.01 10.33 -32.34
C ASP B 457 0.72 11.79 -32.03
N SER B 458 0.92 12.70 -32.97
CA SER B 458 0.67 14.10 -32.66
C SER B 458 0.57 14.99 -33.89
N ILE B 459 0.33 16.27 -33.64
CA ILE B 459 0.24 17.25 -34.73
C ILE B 459 1.53 17.23 -35.56
N ALA B 460 2.62 16.73 -34.97
CA ALA B 460 3.91 16.69 -35.67
C ALA B 460 3.87 15.80 -36.91
N LEU B 461 2.82 15.00 -37.06
CA LEU B 461 2.71 14.12 -38.23
C LEU B 461 2.58 15.01 -39.46
N GLY B 462 2.22 16.26 -39.24
CA GLY B 462 2.13 17.19 -40.35
C GLY B 462 0.90 17.40 -41.20
N GLU B 463 1.13 17.44 -42.51
CA GLU B 463 0.13 17.73 -43.53
C GLU B 463 -1.23 17.00 -43.56
N ASP B 464 -1.29 15.75 -43.12
CA ASP B 464 -2.59 15.05 -43.15
C ASP B 464 -3.67 15.84 -42.41
N GLY B 465 -3.27 16.61 -41.41
CA GLY B 465 -4.26 17.45 -40.74
C GLY B 465 -4.95 17.04 -39.45
N PRO B 466 -5.89 17.89 -39.00
CA PRO B 466 -6.66 17.68 -37.77
C PRO B 466 -7.47 16.39 -37.67
N THR B 467 -7.93 15.84 -38.79
CA THR B 467 -8.69 14.59 -38.75
C THR B 467 -7.79 13.40 -38.38
N HIS B 468 -6.49 13.56 -38.61
CA HIS B 468 -5.52 12.51 -38.30
C HIS B 468 -4.64 12.80 -37.09
N GLN B 469 -4.62 14.05 -36.63
CA GLN B 469 -3.79 14.43 -35.50
C GLN B 469 -4.49 14.24 -34.15
N PRO B 470 -3.90 13.42 -33.28
CA PRO B 470 -4.50 13.18 -31.96
C PRO B 470 -4.41 14.39 -31.04
N VAL B 471 -5.29 14.45 -30.07
CA VAL B 471 -5.27 15.53 -29.09
C VAL B 471 -5.65 14.94 -27.75
N GLU B 472 -6.90 14.47 -27.65
CA GLU B 472 -7.43 13.89 -26.42
C GLU B 472 -7.01 12.43 -26.18
N HIS B 473 -6.50 11.78 -27.22
CA HIS B 473 -6.15 10.36 -27.15
C HIS B 473 -5.27 9.85 -26.01
N LEU B 474 -4.13 10.47 -25.76
CA LEU B 474 -3.28 10.02 -24.68
C LEU B 474 -4.03 9.97 -23.34
N SER B 476 -7.31 10.03 -22.78
CA SER B 476 -8.48 9.15 -22.84
C SER B 476 -8.05 7.70 -22.65
N LEU B 477 -6.83 7.36 -23.04
CA LEU B 477 -6.34 6.00 -22.86
C LEU B 477 -5.74 5.81 -21.47
N ARG B 478 -5.08 6.84 -20.95
CA ARG B 478 -4.48 6.77 -19.60
C ARG B 478 -5.54 6.64 -18.50
N ALA B 479 -6.75 7.13 -18.77
CA ALA B 479 -7.83 7.07 -17.78
C ALA B 479 -8.39 5.64 -17.65
N PRO B 481 -8.64 1.76 -16.86
CA PRO B 481 -7.96 0.83 -15.95
C PRO B 481 -7.26 -0.30 -16.73
N ASN B 482 -6.17 -0.79 -16.18
CA ASN B 482 -5.43 -1.92 -16.76
C ASN B 482 -4.84 -1.73 -18.16
N LEU B 483 -4.45 -0.51 -18.49
CA LEU B 483 -3.84 -0.23 -19.79
C LEU B 483 -2.54 0.55 -19.59
N PHE B 484 -1.43 0.01 -20.04
CA PHE B 484 -0.16 0.74 -19.95
C PHE B 484 -0.10 1.59 -21.20
N VAL B 485 0.16 2.88 -21.05
CA VAL B 485 0.29 3.75 -22.20
C VAL B 485 1.76 4.20 -22.21
N ILE B 486 2.54 3.71 -23.17
CA ILE B 486 3.96 4.07 -23.22
C ILE B 486 4.28 4.91 -24.45
N ARG B 487 4.79 6.12 -24.20
CA ARG B 487 5.15 7.03 -25.27
C ARG B 487 6.69 7.24 -25.23
N PRO B 488 7.44 6.31 -25.81
CA PRO B 488 8.91 6.46 -25.81
C PRO B 488 9.40 7.77 -26.44
N ALA B 489 10.39 8.39 -25.79
CA ALA B 489 10.93 9.66 -26.28
C ALA B 489 11.78 9.55 -27.55
N ASP B 490 12.50 8.45 -27.70
CA ASP B 490 13.37 8.27 -28.86
C ASP B 490 13.54 6.80 -29.24
N ALA B 491 14.42 6.54 -30.19
CA ALA B 491 14.67 5.19 -30.65
C ALA B 491 15.04 4.24 -29.52
N TYR B 492 15.84 4.71 -28.57
CA TYR B 492 16.26 3.86 -27.48
C TYR B 492 15.17 3.61 -26.44
N GLU B 493 14.37 4.61 -26.11
CA GLU B 493 13.28 4.35 -25.16
C GLU B 493 12.32 3.37 -25.83
N THR B 494 12.21 3.46 -27.16
CA THR B 494 11.32 2.59 -27.91
C THR B 494 11.64 1.10 -27.77
N PHE B 495 12.93 0.76 -27.71
CA PHE B 495 13.30 -0.64 -27.56
C PHE B 495 12.87 -1.13 -26.18
N TYR B 496 13.07 -0.31 -25.16
CA TYR B 496 12.70 -0.70 -23.81
C TYR B 496 11.17 -0.69 -23.61
N ALA B 497 10.47 0.10 -24.41
CA ALA B 497 9.01 0.16 -24.36
C ALA B 497 8.51 -1.21 -24.83
N TRP B 498 9.14 -1.75 -25.88
CA TRP B 498 8.74 -3.06 -26.36
C TRP B 498 9.03 -4.14 -25.30
N LEU B 499 10.16 -4.05 -24.63
CA LEU B 499 10.46 -5.06 -23.59
C LEU B 499 9.37 -4.99 -22.51
N VAL B 500 9.05 -3.78 -22.07
CA VAL B 500 8.01 -3.60 -21.05
C VAL B 500 6.69 -4.20 -21.54
N ALA B 501 6.31 -3.86 -22.77
CA ALA B 501 5.06 -4.36 -23.33
C ALA B 501 5.03 -5.88 -23.42
N LEU B 502 6.13 -6.47 -23.88
CA LEU B 502 6.21 -7.93 -24.01
C LEU B 502 6.17 -8.62 -22.65
N ARG B 503 6.86 -8.06 -21.67
CA ARG B 503 6.91 -8.66 -20.34
C ARG B 503 5.64 -8.47 -19.50
N ARG B 504 4.83 -7.47 -19.85
CA ARG B 504 3.59 -7.20 -19.12
C ARG B 504 2.55 -8.23 -19.57
N LYS B 505 2.15 -9.10 -18.66
CA LYS B 505 1.15 -10.13 -18.97
C LYS B 505 -0.21 -9.87 -18.33
N GLU B 506 -0.30 -8.87 -17.47
CA GLU B 506 -1.53 -8.56 -16.73
C GLU B 506 -2.62 -7.83 -17.51
N GLY B 507 -2.24 -7.15 -18.57
CA GLY B 507 -3.22 -6.42 -19.36
C GLY B 507 -2.59 -5.88 -20.61
N PRO B 508 -3.36 -5.19 -21.46
CA PRO B 508 -2.83 -4.64 -22.71
C PRO B 508 -1.87 -3.46 -22.52
N THR B 509 -1.14 -3.17 -23.59
CA THR B 509 -0.18 -2.09 -23.61
C THR B 509 -0.30 -1.36 -24.93
N ALA B 510 -0.33 -0.05 -24.86
CA ALA B 510 -0.41 0.76 -26.06
C ALA B 510 0.95 1.43 -26.20
N LEU B 511 1.57 1.29 -27.36
CA LEU B 511 2.86 1.91 -27.65
C LEU B 511 2.52 3.07 -28.57
N VAL B 512 2.88 4.27 -28.15
CA VAL B 512 2.58 5.47 -28.94
C VAL B 512 3.85 5.99 -29.59
N LEU B 513 3.88 5.96 -30.92
CA LEU B 513 5.05 6.34 -31.70
C LEU B 513 4.86 7.56 -32.62
N THR B 514 5.96 8.16 -33.04
CA THR B 514 5.94 9.35 -33.89
C THR B 514 6.03 9.05 -35.37
N ARG B 515 5.65 10.03 -36.17
CA ARG B 515 5.77 9.91 -37.61
C ARG B 515 7.08 10.59 -37.97
N GLN B 516 7.34 11.74 -37.35
CA GLN B 516 8.54 12.53 -37.62
C GLN B 516 9.77 12.01 -36.89
N ALA B 517 10.93 12.26 -37.47
CA ALA B 517 12.18 11.83 -36.85
C ALA B 517 12.50 12.71 -35.66
N VAL B 518 13.02 12.11 -34.59
CA VAL B 518 13.42 12.87 -33.42
C VAL B 518 14.86 12.48 -33.10
N PRO B 519 15.57 13.32 -32.32
CA PRO B 519 16.97 13.06 -31.95
C PRO B 519 17.10 11.81 -31.10
N LEU B 520 18.29 11.23 -31.10
CA LEU B 520 18.57 10.04 -30.29
C LEU B 520 18.99 10.52 -28.91
N LEU B 521 18.69 9.73 -27.89
CA LEU B 521 19.09 10.06 -26.53
C LEU B 521 20.19 9.08 -26.21
N SER B 522 20.83 9.25 -25.06
CA SER B 522 21.88 8.33 -24.66
C SER B 522 21.25 6.96 -24.47
N PRO B 523 21.85 5.90 -25.03
CA PRO B 523 21.34 4.54 -24.91
C PRO B 523 21.13 4.13 -23.46
N GLU B 524 22.15 4.38 -22.63
CA GLU B 524 22.11 4.03 -21.22
C GLU B 524 21.04 4.78 -20.42
N LYS B 525 20.81 6.04 -20.76
CA LYS B 525 19.80 6.81 -20.05
C LYS B 525 18.40 6.33 -20.40
N ALA B 526 18.19 5.98 -21.67
CA ALA B 526 16.90 5.52 -22.15
C ALA B 526 16.36 4.32 -21.35
N ARG B 527 17.23 3.66 -20.61
CA ARG B 527 16.85 2.51 -19.80
C ARG B 527 15.97 2.97 -18.63
N GLY B 528 16.00 4.27 -18.35
CA GLY B 528 15.20 4.83 -17.28
C GLY B 528 13.72 4.55 -17.55
N LEU B 529 13.39 4.35 -18.82
CA LEU B 529 12.03 4.04 -19.27
C LEU B 529 11.41 2.95 -18.39
N LEU B 530 12.24 1.97 -18.00
CA LEU B 530 11.77 0.85 -17.18
C LEU B 530 11.15 1.27 -15.84
N ARG B 531 11.40 2.51 -15.42
CA ARG B 531 10.84 3.03 -14.17
C ARG B 531 9.62 3.92 -14.46
N GLY B 532 9.18 3.93 -15.71
CA GLY B 532 8.03 4.74 -16.07
C GLY B 532 8.34 6.21 -16.21
N GLY B 533 9.11 6.72 -15.26
CA GLY B 533 9.50 8.11 -15.28
C GLY B 533 10.89 8.22 -14.67
N TYR B 534 11.74 9.09 -15.20
CA TYR B 534 13.09 9.25 -14.66
C TYR B 534 13.73 10.57 -15.07
N VAL B 535 14.77 10.95 -14.33
CA VAL B 535 15.49 12.18 -14.62
C VAL B 535 16.41 11.93 -15.81
N LEU B 536 16.12 12.61 -16.91
CA LEU B 536 16.89 12.47 -18.15
C LEU B 536 18.17 13.32 -18.09
N GLU B 537 18.01 14.60 -17.79
CA GLU B 537 19.15 15.51 -17.70
C GLU B 537 18.96 16.37 -16.47
N ASP B 538 19.76 16.08 -15.45
CA ASP B 538 19.70 16.79 -14.19
C ASP B 538 20.67 17.97 -14.20
N VAL B 539 20.56 18.84 -13.19
CA VAL B 539 21.42 20.00 -13.02
C VAL B 539 21.61 20.16 -11.52
N GLU B 540 22.65 20.86 -11.10
CA GLU B 540 22.89 21.01 -9.67
C GLU B 540 21.94 22.05 -9.07
N GLU B 541 21.45 21.81 -7.85
CA GLU B 541 20.59 22.81 -7.25
C GLU B 541 19.46 23.21 -8.19
N PRO B 542 18.60 22.26 -8.56
CA PRO B 542 17.48 22.52 -9.47
C PRO B 542 16.46 23.55 -8.97
N GLN B 543 16.11 24.50 -9.82
CA GLN B 543 15.13 25.51 -9.46
C GLN B 543 13.74 25.07 -9.93
N GLY B 544 13.70 24.00 -10.71
CA GLY B 544 12.44 23.51 -11.20
C GLY B 544 12.58 22.26 -12.04
N VAL B 545 11.46 21.79 -12.58
CA VAL B 545 11.45 20.60 -13.40
C VAL B 545 10.56 20.72 -14.62
N LEU B 546 11.06 20.22 -15.74
CA LEU B 546 10.32 20.20 -17.00
C LEU B 546 10.09 18.72 -17.23
N VAL B 547 8.84 18.29 -17.16
CA VAL B 547 8.53 16.88 -17.39
C VAL B 547 7.83 16.77 -18.74
N ALA B 548 8.20 15.76 -19.51
CA ALA B 548 7.62 15.59 -20.84
C ALA B 548 7.52 14.12 -21.21
N THR B 549 6.84 13.88 -22.32
CA THR B 549 6.63 12.52 -22.82
C THR B 549 6.94 12.53 -24.31
N GLY B 550 7.29 11.37 -24.83
CA GLY B 550 7.59 11.24 -26.24
C GLY B 550 8.47 12.31 -26.83
N SER B 551 8.10 12.74 -28.03
CA SER B 551 8.81 13.78 -28.76
C SER B 551 9.05 15.07 -27.97
N GLU B 552 8.14 15.39 -27.05
CA GLU B 552 8.30 16.61 -26.27
C GLU B 552 9.48 16.61 -25.30
N VAL B 553 10.04 15.44 -25.02
CA VAL B 553 11.19 15.37 -24.15
C VAL B 553 12.33 16.17 -24.81
N HIS B 554 12.42 16.08 -26.14
CA HIS B 554 13.44 16.78 -26.90
C HIS B 554 13.20 18.29 -26.90
N LEU B 555 11.94 18.71 -26.81
CA LEU B 555 11.63 20.12 -26.79
C LEU B 555 12.01 20.63 -25.41
N ALA B 556 11.72 19.81 -24.40
CA ALA B 556 12.03 20.15 -23.01
C ALA B 556 13.53 20.31 -22.81
N LEU B 557 14.33 19.53 -23.55
CA LEU B 557 15.78 19.61 -23.43
C LEU B 557 16.23 20.94 -24.01
N ARG B 558 15.59 21.36 -25.09
CA ARG B 558 15.92 22.63 -25.72
C ARG B 558 15.53 23.81 -24.83
N ALA B 559 14.41 23.67 -24.11
CA ALA B 559 13.95 24.74 -23.22
C ALA B 559 14.86 24.80 -22.00
N GLN B 560 15.38 23.63 -21.61
CA GLN B 560 16.29 23.56 -20.47
C GLN B 560 17.54 24.38 -20.80
N ALA B 561 18.06 24.18 -22.01
CA ALA B 561 19.25 24.91 -22.47
C ALA B 561 18.96 26.40 -22.56
N LEU B 562 17.83 26.75 -23.16
CA LEU B 562 17.45 28.14 -23.31
C LEU B 562 17.44 28.81 -21.93
N LEU B 563 16.85 28.13 -20.96
CA LEU B 563 16.79 28.64 -19.60
C LEU B 563 18.20 28.86 -19.07
N ARG B 564 19.07 27.88 -19.32
CA ARG B 564 20.45 27.97 -18.90
C ARG B 564 21.07 29.29 -19.35
N GLU B 565 20.75 29.73 -20.56
CA GLU B 565 21.28 30.98 -21.09
C GLU B 565 20.96 32.12 -20.13
N LYS B 566 19.73 32.13 -19.61
CA LYS B 566 19.30 33.17 -18.68
C LYS B 566 19.67 32.87 -17.23
N GLY B 567 20.45 31.82 -17.02
CA GLY B 567 20.89 31.47 -15.68
C GLY B 567 19.88 30.74 -14.81
N VAL B 568 18.87 30.15 -15.43
CA VAL B 568 17.84 29.41 -14.70
C VAL B 568 18.14 27.91 -14.84
N ARG B 569 18.24 27.23 -13.71
CA ARG B 569 18.57 25.81 -13.70
C ARG B 569 17.37 24.88 -13.56
N VAL B 570 17.09 24.11 -14.61
CA VAL B 570 15.98 23.17 -14.57
C VAL B 570 16.38 21.77 -15.02
N ARG B 571 15.78 20.79 -14.34
CA ARG B 571 16.00 19.38 -14.61
C ARG B 571 14.95 18.87 -15.59
N VAL B 572 15.36 18.02 -16.54
CA VAL B 572 14.40 17.47 -17.49
C VAL B 572 14.06 16.03 -17.14
N VAL B 573 12.78 15.78 -16.98
CA VAL B 573 12.27 14.46 -16.64
C VAL B 573 11.46 13.87 -17.78
N SER B 574 11.74 12.62 -18.12
CA SER B 574 11.04 11.91 -19.18
C SER B 574 10.04 10.98 -18.51
N LEU B 575 8.78 11.06 -18.92
CA LEU B 575 7.75 10.23 -18.32
C LEU B 575 7.03 9.43 -19.40
N PRO B 576 7.73 8.42 -19.97
CA PRO B 576 7.16 7.58 -21.02
C PRO B 576 5.89 6.84 -20.61
N SER B 577 5.69 6.64 -19.32
CA SER B 577 4.49 5.95 -18.88
C SER B 577 4.01 6.35 -17.49
N PHE B 578 2.81 6.92 -17.45
CA PHE B 578 2.16 7.34 -16.20
C PHE B 578 1.95 6.14 -15.29
N GLU B 579 1.45 5.04 -15.87
CA GLU B 579 1.16 3.85 -15.08
C GLU B 579 2.40 3.20 -14.48
N LEU B 580 3.44 3.03 -15.28
CA LEU B 580 4.65 2.42 -14.75
C LEU B 580 5.31 3.32 -13.69
N PHE B 581 5.22 4.64 -13.87
CA PHE B 581 5.81 5.54 -12.91
C PHE B 581 5.01 5.47 -11.59
N ALA B 582 3.68 5.54 -11.68
CA ALA B 582 2.84 5.47 -10.49
C ALA B 582 3.06 4.17 -9.72
N ALA B 583 3.44 3.11 -10.42
CA ALA B 583 3.68 1.84 -9.76
C ALA B 583 4.99 1.79 -8.95
N GLN B 584 5.80 2.84 -9.04
CA GLN B 584 7.09 2.91 -8.33
C GLN B 584 6.93 3.37 -6.89
N PRO B 585 7.91 3.04 -6.02
CA PRO B 585 7.83 3.47 -4.62
C PRO B 585 7.72 4.98 -4.55
N GLU B 586 6.95 5.47 -3.59
CA GLU B 586 6.75 6.91 -3.42
C GLU B 586 8.08 7.65 -3.35
N ALA B 587 9.02 7.11 -2.58
CA ALA B 587 10.34 7.73 -2.44
C ALA B 587 10.99 7.97 -3.80
N TYR B 588 10.96 6.98 -4.68
CA TYR B 588 11.55 7.14 -6.01
C TYR B 588 10.83 8.24 -6.77
N ARG B 589 9.50 8.24 -6.70
CA ARG B 589 8.71 9.24 -7.38
C ARG B 589 9.06 10.65 -6.89
N LYS B 590 9.20 10.78 -5.58
CA LYS B 590 9.54 12.08 -5.01
C LYS B 590 10.96 12.48 -5.35
N GLU B 591 11.79 11.51 -5.69
CA GLU B 591 13.18 11.79 -6.07
C GLU B 591 13.20 12.36 -7.49
N VAL B 592 12.36 11.79 -8.35
CA VAL B 592 12.27 12.24 -9.73
C VAL B 592 11.60 13.61 -9.76
N LEU B 593 10.58 13.77 -8.93
CA LEU B 593 9.87 15.03 -8.85
C LEU B 593 9.90 15.48 -7.39
N PRO B 594 10.96 16.21 -7.01
CA PRO B 594 11.07 16.69 -5.63
C PRO B 594 9.97 17.69 -5.28
N PRO B 595 9.17 17.36 -4.26
CA PRO B 595 8.08 18.24 -3.83
C PRO B 595 8.55 19.65 -3.47
N GLY B 596 7.71 20.62 -3.74
CA GLY B 596 8.07 21.99 -3.44
C GLY B 596 8.45 22.80 -4.67
N LEU B 597 9.32 22.25 -5.52
CA LEU B 597 9.73 22.97 -6.70
C LEU B 597 8.75 22.89 -7.87
N PRO B 598 8.58 24.02 -8.58
CA PRO B 598 7.68 24.15 -9.73
C PRO B 598 8.00 23.20 -10.88
N VAL B 599 6.94 22.68 -11.49
CA VAL B 599 7.07 21.76 -12.62
C VAL B 599 6.22 22.26 -13.80
N VAL B 600 6.80 22.21 -14.99
CA VAL B 600 6.09 22.61 -16.19
C VAL B 600 6.03 21.37 -17.06
N ALA B 601 4.82 20.99 -17.48
CA ALA B 601 4.66 19.81 -18.32
C ALA B 601 4.65 20.23 -19.78
N VAL B 602 5.08 19.31 -20.65
CA VAL B 602 5.09 19.57 -22.09
C VAL B 602 4.65 18.28 -22.77
N GLU B 603 3.59 18.36 -23.55
CA GLU B 603 3.06 17.20 -24.27
C GLU B 603 2.09 17.68 -25.35
N ALA B 604 2.29 17.23 -26.58
CA ALA B 604 1.40 17.65 -27.66
C ALA B 604 0.05 16.94 -27.61
N GLY B 605 -0.71 17.23 -26.57
CA GLY B 605 -2.03 16.64 -26.39
C GLY B 605 -2.79 17.44 -25.36
N ALA B 606 -4.03 17.04 -25.10
CA ALA B 606 -4.88 17.70 -24.11
C ALA B 606 -4.19 17.89 -22.76
N SER B 607 -4.50 19.00 -22.10
CA SER B 607 -3.91 19.31 -20.81
C SER B 607 -4.57 18.59 -19.62
N LEU B 608 -5.85 18.28 -19.77
CA LEU B 608 -6.62 17.62 -18.72
C LEU B 608 -5.89 16.40 -18.14
N GLY B 609 -5.60 16.45 -16.85
CA GLY B 609 -4.91 15.34 -16.20
C GLY B 609 -3.48 15.67 -15.79
N TRP B 610 -2.81 16.55 -16.53
CA TRP B 610 -1.44 16.92 -16.21
C TRP B 610 -1.25 17.60 -14.85
N GLU B 611 -2.36 18.06 -14.29
CA GLU B 611 -2.34 18.72 -12.98
C GLU B 611 -1.82 17.77 -11.92
N ARG B 612 -1.92 16.47 -12.20
CA ARG B 612 -1.44 15.47 -11.26
C ARG B 612 0.08 15.54 -11.08
N TYR B 613 0.79 16.10 -12.06
CA TYR B 613 2.25 16.19 -11.99
C TYR B 613 2.85 17.59 -12.17
N ALA B 614 2.14 18.48 -12.86
CA ALA B 614 2.67 19.81 -13.14
C ALA B 614 1.78 20.96 -12.68
N HIS B 615 2.42 22.08 -12.38
CA HIS B 615 1.73 23.29 -11.93
C HIS B 615 1.29 24.07 -13.15
N LYS B 616 2.00 23.86 -14.25
CA LYS B 616 1.68 24.53 -15.49
C LYS B 616 1.97 23.54 -16.62
N VAL B 617 1.21 23.64 -17.70
CA VAL B 617 1.40 22.72 -18.80
C VAL B 617 1.43 23.42 -20.15
N VAL B 618 2.34 22.99 -21.01
CA VAL B 618 2.41 23.52 -22.36
C VAL B 618 1.82 22.38 -23.18
N ALA B 619 0.53 22.49 -23.48
CA ALA B 619 -0.15 21.44 -24.23
C ALA B 619 -1.03 21.98 -25.35
N LEU B 620 -1.84 21.09 -25.92
CA LEU B 620 -2.74 21.45 -27.01
C LEU B 620 -4.17 21.10 -26.63
N ASP B 621 -5.03 22.11 -26.52
CA ASP B 621 -6.43 21.88 -26.17
C ASP B 621 -7.39 22.32 -27.26
N ARG B 622 -6.94 22.17 -28.49
CA ARG B 622 -7.69 22.49 -29.69
C ARG B 622 -7.24 21.47 -30.72
N PHE B 623 -8.02 21.31 -31.79
CA PHE B 623 -7.68 20.38 -32.86
C PHE B 623 -6.52 20.96 -33.67
N GLY B 624 -5.85 20.09 -34.41
CA GLY B 624 -4.67 20.50 -35.17
C GLY B 624 -4.85 21.34 -36.42
N ALA B 625 -3.94 21.10 -37.35
CA ALA B 625 -3.94 21.83 -38.60
C ALA B 625 -3.16 21.09 -39.66
N SER B 626 -3.55 21.32 -40.91
CA SER B 626 -2.89 20.71 -42.05
C SER B 626 -1.70 21.59 -42.40
N ALA B 627 -0.52 21.19 -41.95
CA ALA B 627 0.69 21.96 -42.24
C ALA B 627 1.93 21.08 -42.08
N PRO B 628 3.05 21.51 -42.69
CA PRO B 628 4.29 20.72 -42.58
C PRO B 628 4.93 20.84 -41.20
N TYR B 629 5.57 19.77 -40.77
CA TYR B 629 6.31 19.77 -39.51
C TYR B 629 7.70 20.26 -39.98
N PRO B 630 8.42 21.02 -39.15
CA PRO B 630 8.09 21.48 -37.79
C PRO B 630 7.20 22.70 -37.69
N GLU B 631 6.82 23.30 -38.82
CA GLU B 631 6.00 24.49 -38.77
C GLU B 631 4.72 24.32 -37.95
N VAL B 632 3.92 23.32 -38.29
CA VAL B 632 2.66 23.09 -37.60
C VAL B 632 2.90 22.92 -36.10
N TYR B 633 4.02 22.30 -35.76
CA TYR B 633 4.39 22.04 -34.38
C TYR B 633 4.73 23.36 -33.66
N GLU B 634 5.53 24.19 -34.31
CA GLU B 634 5.95 25.46 -33.73
C GLU B 634 4.80 26.48 -33.67
N ARG B 635 4.07 26.63 -34.77
CA ARG B 635 2.96 27.57 -34.80
C ARG B 635 1.82 27.21 -33.85
N LEU B 636 1.78 25.95 -33.41
CA LEU B 636 0.76 25.51 -32.47
C LEU B 636 1.26 25.68 -31.04
N GLY B 637 2.39 26.38 -30.91
CA GLY B 637 2.92 26.68 -29.59
C GLY B 637 3.97 25.80 -28.95
N PHE B 638 4.48 24.81 -29.65
CA PHE B 638 5.49 23.93 -29.08
C PHE B 638 6.89 24.36 -29.50
N THR B 639 7.42 25.35 -28.78
CA THR B 639 8.76 25.87 -29.05
C THR B 639 9.47 26.05 -27.72
N PRO B 640 10.82 26.03 -27.74
CA PRO B 640 11.56 26.21 -26.48
C PRO B 640 11.23 27.55 -25.81
N GLU B 641 11.06 28.60 -26.62
CA GLU B 641 10.72 29.92 -26.09
C GLU B 641 9.40 29.87 -25.30
N ARG B 642 8.40 29.18 -25.86
CA ARG B 642 7.12 29.06 -25.17
C ARG B 642 7.28 28.30 -23.86
N VAL B 643 7.96 27.17 -23.92
CA VAL B 643 8.17 26.35 -22.73
C VAL B 643 8.94 27.14 -21.69
N ALA B 644 10.01 27.80 -22.13
CA ALA B 644 10.83 28.60 -21.24
C ALA B 644 9.95 29.68 -20.63
N GLU B 645 9.22 30.37 -21.49
CA GLU B 645 8.33 31.45 -21.04
C GLU B 645 7.38 30.93 -19.97
N ALA B 646 6.84 29.73 -20.18
CA ALA B 646 5.91 29.12 -19.24
C ALA B 646 6.55 28.92 -17.87
N PHE B 647 7.77 28.40 -17.84
CA PHE B 647 8.43 28.17 -16.55
C PHE B 647 8.85 29.47 -15.87
N LEU B 648 9.36 30.42 -16.65
CA LEU B 648 9.79 31.69 -16.09
C LEU B 648 8.65 32.39 -15.37
N SER B 649 7.42 32.04 -15.74
CA SER B 649 6.27 32.65 -15.09
C SER B 649 5.94 31.94 -13.77
N LEU B 650 6.84 31.07 -13.32
CA LEU B 650 6.66 30.35 -12.06
C LEU B 650 7.83 30.61 -11.11
N VAL B 651 8.94 31.12 -11.65
CA VAL B 651 10.13 31.39 -10.86
C VAL B 651 10.51 32.87 -10.81
N ARG C 5 31.80 -28.18 -8.38
CA ARG C 5 30.71 -28.46 -9.37
C ARG C 5 29.38 -28.75 -8.69
N ASP C 6 29.38 -28.80 -7.36
CA ASP C 6 28.16 -29.06 -6.60
C ASP C 6 27.35 -27.76 -6.51
N LEU C 7 26.11 -27.81 -7.00
CA LEU C 7 25.24 -26.64 -7.00
C LEU C 7 24.85 -26.15 -5.62
N GLU C 8 24.82 -27.04 -4.63
CA GLU C 8 24.47 -26.64 -3.27
C GLU C 8 25.64 -25.86 -2.68
N THR C 9 26.84 -26.42 -2.85
CA THR C 9 28.04 -25.79 -2.33
C THR C 9 28.26 -24.44 -3.00
N LEU C 10 28.07 -24.40 -4.31
CA LEU C 10 28.24 -23.17 -5.07
C LEU C 10 27.33 -22.08 -4.51
N SER C 11 26.05 -22.41 -4.32
CA SER C 11 25.08 -21.46 -3.80
C SER C 11 25.42 -21.06 -2.36
N VAL C 12 25.90 -22.02 -1.59
CA VAL C 12 26.28 -21.74 -0.20
C VAL C 12 27.41 -20.74 -0.19
N ASN C 13 28.43 -21.00 -0.99
CA ASN C 13 29.57 -20.10 -1.08
C ASN C 13 29.11 -18.73 -1.59
N ALA C 14 28.10 -18.73 -2.45
CA ALA C 14 27.57 -17.48 -2.99
C ALA C 14 27.10 -16.59 -1.84
N ILE C 15 26.45 -17.20 -0.86
CA ILE C 15 25.96 -16.47 0.29
C ILE C 15 27.15 -15.96 1.10
N ARG C 16 28.11 -16.83 1.35
CA ARG C 16 29.30 -16.48 2.12
C ARG C 16 30.04 -15.29 1.54
N PHE C 17 30.48 -15.42 0.28
CA PHE C 17 31.25 -14.36 -0.35
C PHE C 17 30.48 -13.07 -0.58
N LEU C 18 29.17 -13.15 -0.75
CA LEU C 18 28.38 -11.94 -0.90
C LEU C 18 28.51 -11.20 0.43
N ALA C 19 28.47 -11.96 1.51
CA ALA C 19 28.58 -11.39 2.85
C ALA C 19 29.99 -10.86 3.06
N ILE C 20 30.99 -11.70 2.80
CA ILE C 20 32.38 -11.31 2.97
C ILE C 20 32.69 -10.02 2.22
N ASP C 21 32.44 -10.02 0.92
CA ASP C 21 32.71 -8.86 0.08
C ASP C 21 31.94 -7.62 0.49
N ALA C 22 30.67 -7.78 0.83
CA ALA C 22 29.85 -6.64 1.24
C ALA C 22 30.45 -5.98 2.48
N VAL C 23 30.97 -6.81 3.38
CA VAL C 23 31.57 -6.30 4.62
C VAL C 23 32.92 -5.69 4.32
N GLU C 24 33.66 -6.30 3.40
CA GLU C 24 34.97 -5.81 3.04
C GLU C 24 34.85 -4.43 2.40
N LYS C 25 33.85 -4.25 1.54
CA LYS C 25 33.64 -2.98 0.85
C LYS C 25 33.20 -1.88 1.80
N ALA C 26 32.40 -2.23 2.79
CA ALA C 26 31.95 -1.23 3.75
C ALA C 26 32.99 -1.06 4.84
N ARG C 27 33.98 -1.94 4.85
CA ARG C 27 35.04 -1.90 5.86
C ARG C 27 34.42 -1.90 7.25
N SER C 28 33.20 -2.42 7.33
CA SER C 28 32.44 -2.50 8.57
C SER C 28 31.44 -3.66 8.50
N GLY C 29 31.12 -4.25 9.63
CA GLY C 29 30.18 -5.35 9.65
C GLY C 29 30.72 -6.65 10.20
N HIS C 30 29.87 -7.68 10.20
CA HIS C 30 30.21 -9.00 10.72
C HIS C 30 30.17 -10.09 9.65
N PRO C 31 31.35 -10.64 9.28
CA PRO C 31 31.39 -11.70 8.26
C PRO C 31 31.49 -13.10 8.84
N GLY C 32 32.08 -13.19 10.02
CA GLY C 32 32.27 -14.49 10.66
C GLY C 32 31.06 -15.40 10.73
N PRO C 34 27.94 -15.07 9.33
CA PRO C 34 27.29 -15.35 8.05
C PRO C 34 28.02 -16.47 7.32
N GLY C 36 29.65 -19.06 8.65
CA GLY C 36 29.38 -20.37 9.22
C GLY C 36 27.94 -20.87 9.11
N ALA C 38 25.91 -20.04 6.57
CA ALA C 38 25.50 -19.94 5.18
C ALA C 38 24.61 -21.12 4.76
N PRO C 39 25.03 -22.36 5.05
CA PRO C 39 24.19 -23.50 4.66
C PRO C 39 22.76 -23.47 5.20
N LEU C 40 22.58 -23.09 6.47
CA LEU C 40 21.25 -23.02 7.04
C LEU C 40 20.44 -21.97 6.31
N ALA C 41 21.09 -20.86 5.96
CA ALA C 41 20.42 -19.79 5.25
C ALA C 41 19.92 -20.38 3.93
N TYR C 42 20.80 -21.14 3.28
CA TYR C 42 20.48 -21.78 2.02
C TYR C 42 19.20 -22.61 2.13
N LEU C 43 19.21 -23.61 3.00
CA LEU C 43 18.06 -24.49 3.19
C LEU C 43 16.73 -23.80 3.46
N LEU C 44 16.72 -22.85 4.40
CA LEU C 44 15.49 -22.16 4.75
C LEU C 44 14.79 -21.44 3.60
N PHE C 45 15.50 -20.57 2.91
CA PHE C 45 14.88 -19.82 1.81
C PHE C 45 14.79 -20.57 0.50
N ARG C 46 15.59 -21.62 0.36
CA ARG C 46 15.61 -22.39 -0.87
C ARG C 46 14.55 -23.51 -0.93
N GLU C 47 14.38 -24.25 0.17
CA GLU C 47 13.42 -25.35 0.18
C GLU C 47 12.47 -25.47 1.37
N VAL C 48 12.96 -25.15 2.57
CA VAL C 48 12.14 -25.25 3.78
C VAL C 48 10.89 -24.37 3.88
N ARG C 50 7.89 -21.43 2.83
CA ARG C 50 6.97 -21.04 1.77
C ARG C 50 6.94 -19.52 1.88
N HIS C 51 7.62 -18.86 0.96
CA HIS C 51 7.67 -17.41 0.96
C HIS C 51 7.69 -16.91 -0.47
N ASN C 52 7.06 -15.76 -0.69
CA ASN C 52 7.00 -15.18 -2.02
C ASN C 52 7.79 -13.88 -2.11
N PRO C 53 8.94 -13.92 -2.78
CA PRO C 53 9.75 -12.70 -2.90
C PRO C 53 9.00 -11.56 -3.60
N LEU C 54 7.98 -11.90 -4.38
CA LEU C 54 7.19 -10.88 -5.09
C LEU C 54 6.25 -10.16 -4.13
N ASP C 55 6.05 -10.73 -2.95
CA ASP C 55 5.19 -10.13 -1.94
C ASP C 55 5.57 -10.58 -0.55
N PRO C 56 6.46 -9.83 0.12
CA PRO C 56 6.90 -10.17 1.47
C PRO C 56 5.77 -10.06 2.50
N ASP C 57 4.68 -9.44 2.10
CA ASP C 57 3.54 -9.25 3.00
C ASP C 57 2.47 -10.34 2.87
N TRP C 58 2.80 -11.42 2.15
CA TRP C 58 1.86 -12.53 1.99
C TRP C 58 1.52 -13.08 3.37
N PRO C 59 0.27 -12.83 3.83
CA PRO C 59 -0.24 -13.25 5.13
C PRO C 59 0.07 -14.67 5.60
N ASP C 60 0.09 -15.62 4.68
CA ASP C 60 0.33 -17.01 5.07
C ASP C 60 1.75 -17.51 4.88
N ARG C 61 2.68 -16.59 4.68
CA ARG C 61 4.08 -16.95 4.47
C ARG C 61 4.68 -17.46 5.76
N ASP C 62 5.74 -18.24 5.67
CA ASP C 62 6.41 -18.71 6.87
C ASP C 62 7.23 -17.50 7.31
N ARG C 63 7.53 -17.40 8.59
CA ARG C 63 8.29 -16.25 9.08
C ARG C 63 9.64 -16.62 9.67
N PHE C 64 10.68 -15.96 9.16
CA PHE C 64 12.05 -16.17 9.62
C PHE C 64 12.48 -14.95 10.44
N VAL C 65 13.25 -15.17 11.49
CA VAL C 65 13.71 -14.09 12.36
C VAL C 65 15.19 -14.25 12.69
N LEU C 66 16.00 -13.30 12.23
CA LEU C 66 17.43 -13.34 12.50
C LEU C 66 17.65 -12.60 13.82
N SER C 67 17.41 -13.31 14.92
CA SER C 67 17.56 -12.75 16.26
C SER C 67 18.99 -12.25 16.48
N ALA C 68 19.96 -12.97 15.90
CA ALA C 68 21.36 -12.58 16.00
C ALA C 68 21.60 -11.58 14.86
N GLY C 69 21.04 -10.40 15.02
CA GLY C 69 21.13 -9.35 14.00
C GLY C 69 22.48 -8.96 13.40
N HIS C 70 23.57 -9.07 14.17
CA HIS C 70 24.86 -8.69 13.62
C HIS C 70 25.16 -9.39 12.30
N GLY C 71 24.62 -10.59 12.11
CA GLY C 71 24.85 -11.32 10.88
C GLY C 71 23.84 -10.95 9.80
N SER C 72 23.55 -9.66 9.71
CA SER C 72 22.57 -9.16 8.74
C SER C 72 22.84 -9.53 7.29
N LEU C 74 23.79 -12.09 6.11
CA LEU C 74 23.33 -13.44 5.86
C LEU C 74 21.89 -13.38 5.34
N LEU C 75 21.09 -12.50 5.95
CA LEU C 75 19.69 -12.34 5.54
C LEU C 75 19.65 -11.60 4.21
N TYR C 76 20.38 -10.49 4.12
CA TYR C 76 20.41 -9.70 2.89
C TYR C 76 20.88 -10.56 1.72
N ALA C 77 21.91 -11.36 1.96
CA ALA C 77 22.45 -12.22 0.91
C ALA C 77 21.37 -13.16 0.35
N VAL C 78 20.77 -13.96 1.22
CA VAL C 78 19.77 -14.91 0.76
C VAL C 78 18.52 -14.23 0.18
N LEU C 79 18.18 -13.04 0.66
CA LEU C 79 17.02 -12.32 0.14
C LEU C 79 17.29 -11.91 -1.31
N HIS C 80 18.51 -11.46 -1.58
CA HIS C 80 18.88 -11.05 -2.93
C HIS C 80 18.93 -12.26 -3.88
N LEU C 81 19.58 -13.34 -3.43
CA LEU C 81 19.71 -14.54 -4.24
C LEU C 81 18.38 -15.25 -4.57
N THR C 82 17.36 -15.06 -3.74
CA THR C 82 16.08 -15.72 -3.99
C THR C 82 15.11 -14.90 -4.80
N GLY C 83 15.53 -13.70 -5.19
CA GLY C 83 14.66 -12.86 -6.01
C GLY C 83 13.90 -11.76 -5.32
N TYR C 84 14.29 -11.39 -4.12
CA TYR C 84 13.61 -10.31 -3.42
C TYR C 84 14.04 -8.96 -4.00
N ASP C 85 13.25 -7.92 -3.74
CA ASP C 85 13.57 -6.59 -4.26
C ASP C 85 14.72 -5.96 -3.49
N LEU C 86 15.89 -6.59 -3.58
CA LEU C 86 17.10 -6.12 -2.90
C LEU C 86 18.27 -6.30 -3.87
N PRO C 87 18.39 -5.38 -4.85
CA PRO C 87 19.46 -5.43 -5.85
C PRO C 87 20.90 -5.38 -5.33
N LEU C 88 21.83 -5.88 -6.13
CA LEU C 88 23.25 -5.92 -5.76
C LEU C 88 23.77 -4.59 -5.27
N GLU C 89 23.46 -3.52 -6.01
CA GLU C 89 23.91 -2.21 -5.63
C GLU C 89 23.62 -1.94 -4.16
N GLU C 90 22.46 -2.41 -3.68
CA GLU C 90 22.11 -2.21 -2.28
C GLU C 90 23.06 -2.99 -1.38
N LEU C 91 23.48 -4.17 -1.83
CA LEU C 91 24.41 -4.97 -1.05
C LEU C 91 25.76 -4.26 -1.02
N LYS C 92 26.09 -3.57 -2.11
CA LYS C 92 27.34 -2.83 -2.19
C LYS C 92 27.20 -1.53 -1.40
N SER C 93 26.02 -1.34 -0.83
CA SER C 93 25.72 -0.15 -0.03
C SER C 93 25.49 -0.52 1.43
N PHE C 94 25.98 -1.71 1.80
CA PHE C 94 25.85 -2.22 3.15
C PHE C 94 26.37 -1.21 4.18
N ARG C 95 25.53 -0.90 5.16
CA ARG C 95 25.86 0.04 6.24
C ARG C 95 26.08 1.49 5.79
N GLN C 96 25.60 1.83 4.61
CA GLN C 96 25.75 3.18 4.09
C GLN C 96 24.45 3.96 4.23
N TRP C 97 24.56 5.27 4.34
CA TRP C 97 23.41 6.16 4.50
C TRP C 97 22.26 5.93 3.53
N GLY C 98 21.09 5.63 4.08
CA GLY C 98 19.90 5.44 3.26
C GLY C 98 19.75 4.13 2.51
N SER C 99 20.73 3.23 2.62
CA SER C 99 20.64 1.96 1.91
C SER C 99 19.61 1.04 2.53
N LYS C 100 19.18 0.03 1.78
CA LYS C 100 18.21 -0.93 2.29
C LYS C 100 18.94 -2.07 2.97
N THR C 101 20.23 -1.86 3.23
CA THR C 101 21.08 -2.88 3.86
C THR C 101 21.81 -2.36 5.09
N PRO C 102 21.06 -1.99 6.15
CA PRO C 102 21.66 -1.47 7.38
C PRO C 102 22.42 -2.56 8.16
N GLY C 103 23.31 -2.13 9.05
CA GLY C 103 24.11 -3.04 9.85
C GLY C 103 23.34 -4.13 10.56
N HIS C 104 22.12 -3.82 10.97
CA HIS C 104 21.27 -4.78 11.63
C HIS C 104 19.91 -4.72 10.95
N PRO C 105 19.23 -5.86 10.85
CA PRO C 105 17.91 -5.91 10.21
C PRO C 105 16.93 -4.87 10.74
N GLU C 106 16.20 -4.22 9.83
CA GLU C 106 15.21 -3.23 10.20
C GLU C 106 13.91 -3.52 9.47
N ARG C 107 12.88 -3.93 10.22
CA ARG C 107 11.60 -4.24 9.63
C ARG C 107 10.99 -2.97 9.03
N GLY C 108 10.68 -3.03 7.75
CA GLY C 108 10.11 -1.87 7.07
C GLY C 108 11.04 -1.25 6.05
N HIS C 109 12.35 -1.28 6.35
CA HIS C 109 13.34 -0.72 5.45
C HIS C 109 13.85 -1.71 4.43
N THR C 110 13.62 -3.01 4.68
CA THR C 110 14.08 -4.04 3.76
C THR C 110 13.06 -5.15 3.56
N PRO C 111 12.74 -5.45 2.29
CA PRO C 111 11.77 -6.51 2.01
C PRO C 111 12.29 -7.83 2.58
N GLY C 112 11.39 -8.63 3.17
CA GLY C 112 11.83 -9.90 3.71
C GLY C 112 12.36 -9.89 5.12
N VAL C 113 12.39 -8.72 5.77
CA VAL C 113 12.86 -8.63 7.14
C VAL C 113 11.63 -8.62 8.05
N GLU C 114 11.46 -9.69 8.82
CA GLU C 114 10.30 -9.84 9.70
C GLU C 114 10.28 -8.98 10.97
N VAL C 115 11.41 -8.93 11.68
CA VAL C 115 11.48 -8.14 12.90
C VAL C 115 12.85 -7.48 13.05
N THR C 116 12.85 -6.26 13.59
CA THR C 116 14.08 -5.52 13.80
C THR C 116 14.91 -6.20 14.89
N THR C 117 16.12 -6.60 14.54
CA THR C 117 16.97 -7.26 15.52
C THR C 117 18.31 -6.59 15.67
N GLY C 118 19.09 -7.08 16.63
CA GLY C 118 20.40 -6.51 16.92
C GLY C 118 20.62 -6.74 18.40
N PRO C 119 19.77 -6.15 19.25
CA PRO C 119 19.90 -6.31 20.70
C PRO C 119 19.58 -7.79 20.97
N LEU C 120 20.60 -8.57 21.31
CA LEU C 120 20.41 -10.00 21.56
C LEU C 120 19.21 -10.33 22.45
N GLY C 121 18.44 -11.33 22.04
CA GLY C 121 17.29 -11.76 22.81
C GLY C 121 15.94 -11.27 22.33
N GLN C 122 15.92 -10.15 21.62
CA GLN C 122 14.65 -9.60 21.15
C GLN C 122 13.97 -10.41 20.05
N GLY C 123 14.74 -10.80 19.04
CA GLY C 123 14.16 -11.55 17.95
C GLY C 123 13.56 -12.87 18.37
N ILE C 124 14.37 -13.71 18.99
CA ILE C 124 13.93 -15.02 19.45
C ILE C 124 12.69 -14.94 20.34
N SER C 125 12.65 -13.94 21.24
CA SER C 125 11.52 -13.78 22.15
C SER C 125 10.28 -13.19 21.47
N THR C 126 10.51 -12.35 20.46
CA THR C 126 9.40 -11.74 19.72
C THR C 126 8.76 -12.79 18.81
N ALA C 127 9.53 -13.82 18.46
CA ALA C 127 9.05 -14.89 17.60
C ALA C 127 7.93 -15.63 18.30
N VAL C 128 8.01 -15.70 19.62
CA VAL C 128 6.98 -16.37 20.39
C VAL C 128 5.65 -15.71 20.09
N GLY C 129 5.68 -14.38 19.99
CA GLY C 129 4.46 -13.64 19.69
C GLY C 129 3.93 -13.96 18.31
N LEU C 130 4.84 -14.11 17.35
CA LEU C 130 4.47 -14.45 15.97
C LEU C 130 3.82 -15.83 15.94
N ALA C 131 4.46 -16.79 16.60
CA ALA C 131 3.95 -18.16 16.65
C ALA C 131 2.59 -18.23 17.35
N LEU C 132 2.45 -17.53 18.46
CA LEU C 132 1.19 -17.53 19.21
C LEU C 132 0.11 -16.94 18.32
N ALA C 133 0.46 -15.86 17.63
CA ALA C 133 -0.48 -15.17 16.76
C ALA C 133 -1.09 -16.08 15.70
N GLU C 134 -0.27 -16.89 15.05
CA GLU C 134 -0.77 -17.75 14.00
C GLU C 134 -1.56 -18.93 14.57
N ARG C 135 -1.10 -19.46 15.70
CA ARG C 135 -1.77 -20.59 16.33
C ARG C 135 -3.22 -20.27 16.67
N LYS C 136 -3.46 -19.09 17.23
CA LYS C 136 -4.82 -18.74 17.59
C LYS C 136 -5.63 -18.08 16.47
N LEU C 137 -4.95 -17.49 15.50
CA LEU C 137 -5.66 -16.85 14.39
C LEU C 137 -6.23 -17.98 13.54
N ALA C 138 -5.53 -19.13 13.55
CA ALA C 138 -5.97 -20.30 12.81
C ALA C 138 -7.14 -20.89 13.55
N ALA C 139 -6.97 -21.08 14.86
CA ALA C 139 -8.03 -21.62 15.70
C ALA C 139 -9.30 -20.80 15.48
N GLU C 140 -9.12 -19.50 15.32
CA GLU C 140 -10.26 -18.60 15.11
C GLU C 140 -10.96 -18.73 13.77
N PHE C 141 -10.21 -18.85 12.69
CA PHE C 141 -10.82 -18.90 11.37
C PHE C 141 -10.70 -20.17 10.52
N ASN C 142 -9.80 -21.08 10.89
CA ASN C 142 -9.67 -22.31 10.12
C ASN C 142 -10.92 -23.14 10.34
N ARG C 143 -11.43 -23.75 9.27
CA ARG C 143 -12.63 -24.58 9.34
C ARG C 143 -12.60 -25.72 8.34
N PRO C 144 -13.58 -26.66 8.44
CA PRO C 144 -13.66 -27.81 7.53
C PRO C 144 -13.44 -27.47 6.06
N GLY C 145 -12.42 -28.07 5.46
CA GLY C 145 -12.14 -27.82 4.06
C GLY C 145 -11.68 -26.39 3.79
N HIS C 146 -11.28 -25.70 4.84
CA HIS C 146 -10.82 -24.32 4.70
C HIS C 146 -9.74 -23.97 5.72
N VAL C 147 -8.48 -24.25 5.35
CA VAL C 147 -7.34 -23.95 6.20
C VAL C 147 -6.73 -22.67 5.64
N VAL C 148 -7.16 -21.54 6.20
CA VAL C 148 -6.70 -20.24 5.74
C VAL C 148 -5.47 -19.70 6.47
N VAL C 149 -5.08 -20.36 7.56
CA VAL C 149 -3.92 -19.95 8.34
C VAL C 149 -3.10 -21.16 8.74
N ASP C 150 -1.89 -21.25 8.20
CA ASP C 150 -1.00 -22.36 8.51
C ASP C 150 0.45 -22.08 8.10
N HIS C 151 1.19 -21.39 8.95
CA HIS C 151 2.60 -21.08 8.66
C HIS C 151 3.47 -21.29 9.88
N TYR C 152 4.76 -21.54 9.65
CA TYR C 152 5.72 -21.77 10.73
C TYR C 152 6.60 -20.56 11.05
N THR C 153 7.21 -20.58 12.22
CA THR C 153 8.07 -19.49 12.66
C THR C 153 9.48 -20.02 12.91
N TYR C 154 10.43 -19.59 12.09
CA TYR C 154 11.83 -20.01 12.21
C TYR C 154 12.66 -18.88 12.80
N VAL C 155 13.73 -19.24 13.52
CA VAL C 155 14.58 -18.25 14.16
C VAL C 155 16.03 -18.70 14.24
N LEU C 156 16.95 -17.79 13.97
CA LEU C 156 18.38 -18.10 14.08
C LEU C 156 18.92 -17.29 15.25
N ALA C 157 19.46 -17.99 16.24
CA ALA C 157 20.00 -17.34 17.44
C ALA C 157 21.46 -17.67 17.69
N SER C 158 22.12 -16.79 18.42
CA SER C 158 23.52 -16.96 18.76
C SER C 158 23.60 -17.22 20.26
N ASP C 159 24.79 -17.49 20.76
CA ASP C 159 24.94 -17.75 22.19
C ASP C 159 24.34 -16.59 22.99
N GLY C 160 24.67 -15.37 22.58
CA GLY C 160 24.17 -14.20 23.25
C GLY C 160 22.67 -14.19 23.45
N ASP C 161 21.93 -14.56 22.41
CA ASP C 161 20.48 -14.58 22.51
C ASP C 161 20.02 -15.49 23.63
N LEU C 162 20.70 -16.63 23.77
CA LEU C 162 20.34 -17.62 24.79
C LEU C 162 20.83 -17.26 26.20
N GLU C 164 20.57 -13.97 27.35
CA GLU C 164 19.63 -12.93 27.78
C GLU C 164 18.44 -13.56 28.50
N GLY C 165 18.15 -13.05 29.69
CA GLY C 165 17.05 -13.58 30.47
C GLY C 165 15.72 -13.45 29.76
N VAL C 166 15.63 -12.50 28.83
CA VAL C 166 14.39 -12.32 28.10
C VAL C 166 14.03 -13.58 27.30
N SER C 167 15.05 -14.31 26.86
CA SER C 167 14.80 -15.52 26.07
C SER C 167 14.25 -16.68 26.92
N GLY C 168 14.74 -16.79 28.16
CA GLY C 168 14.26 -17.84 29.04
C GLY C 168 12.80 -17.58 29.36
N GLU C 169 12.50 -16.32 29.64
CA GLU C 169 11.13 -15.91 29.94
C GLU C 169 10.21 -16.32 28.81
N ALA C 170 10.61 -15.98 27.59
CA ALA C 170 9.84 -16.29 26.39
C ALA C 170 9.75 -17.79 26.12
N ALA C 171 10.87 -18.49 26.27
CA ALA C 171 10.89 -19.93 26.04
C ALA C 171 9.91 -20.60 26.99
N SER C 172 10.02 -20.28 28.28
CA SER C 172 9.13 -20.86 29.29
C SER C 172 7.68 -20.71 28.86
N LEU C 173 7.34 -19.54 28.35
CA LEU C 173 5.97 -19.30 27.90
C LEU C 173 5.63 -20.07 26.62
N ALA C 174 6.61 -20.24 25.73
CA ALA C 174 6.39 -20.97 24.49
C ALA C 174 6.04 -22.42 24.83
N GLY C 175 6.86 -23.06 25.65
CA GLY C 175 6.60 -24.43 26.06
C GLY C 175 5.25 -24.57 26.75
N HIS C 176 4.98 -23.68 27.71
CA HIS C 176 3.72 -23.68 28.46
C HIS C 176 2.51 -23.54 27.55
N TRP C 177 2.64 -22.76 26.48
CA TRP C 177 1.53 -22.54 25.56
C TRP C 177 1.34 -23.63 24.49
N GLY C 178 2.35 -24.46 24.29
CA GLY C 178 2.22 -25.51 23.29
C GLY C 178 2.37 -25.03 21.86
N LEU C 179 3.23 -24.03 21.64
CA LEU C 179 3.48 -23.50 20.30
C LEU C 179 4.27 -24.52 19.50
N SER C 180 3.54 -25.37 18.78
CA SER C 180 4.13 -26.45 17.98
C SER C 180 4.84 -26.03 16.69
N LYS C 181 4.47 -24.89 16.13
CA LYS C 181 5.09 -24.44 14.89
C LYS C 181 6.20 -23.41 15.06
N LEU C 182 6.80 -23.38 16.25
CA LEU C 182 7.90 -22.45 16.53
C LEU C 182 9.18 -23.27 16.50
N ILE C 183 10.11 -22.90 15.63
CA ILE C 183 11.37 -23.62 15.50
C ILE C 183 12.54 -22.67 15.55
N VAL C 184 13.49 -22.97 16.43
CA VAL C 184 14.67 -22.13 16.61
C VAL C 184 15.98 -22.85 16.39
N PHE C 185 16.84 -22.27 15.57
CA PHE C 185 18.15 -22.85 15.32
C PHE C 185 19.15 -22.02 16.12
N TRP C 186 20.04 -22.70 16.83
CA TRP C 186 21.05 -22.03 17.63
C TRP C 186 22.42 -22.33 17.06
N ASP C 187 23.16 -21.29 16.71
CA ASP C 187 24.50 -21.43 16.15
C ASP C 187 25.54 -21.62 17.25
N ASP C 188 25.82 -22.87 17.59
CA ASP C 188 26.81 -23.17 18.61
C ASP C 188 28.19 -23.20 18.00
N ASN C 189 28.84 -22.04 17.93
CA ASN C 189 30.19 -21.97 17.37
C ASN C 189 31.28 -21.80 18.43
N ARG C 190 30.86 -21.70 19.69
CA ARG C 190 31.80 -21.55 20.80
C ARG C 190 32.66 -20.28 20.80
N ILE C 191 32.17 -19.21 20.19
CA ILE C 191 32.91 -17.96 20.14
C ILE C 191 32.05 -16.75 20.52
N SER C 192 32.65 -15.83 21.26
CA SER C 192 32.00 -14.60 21.70
C SER C 192 32.95 -13.44 21.44
N ILE C 193 32.44 -12.21 21.54
CA ILE C 193 33.26 -11.03 21.30
C ILE C 193 34.55 -11.00 22.13
N ASP C 194 34.45 -11.35 23.40
CA ASP C 194 35.63 -11.34 24.27
C ASP C 194 36.56 -12.52 23.98
N GLY C 195 36.02 -13.58 23.40
CA GLY C 195 36.82 -14.75 23.09
C GLY C 195 36.03 -16.03 23.26
N PRO C 196 36.68 -17.12 23.73
CA PRO C 196 36.00 -18.40 23.92
C PRO C 196 34.74 -18.23 24.76
N THR C 197 33.61 -18.70 24.23
CA THR C 197 32.34 -18.59 24.93
C THR C 197 32.38 -19.22 26.33
N ASP C 198 33.24 -20.22 26.52
CA ASP C 198 33.35 -20.91 27.81
C ASP C 198 33.76 -19.99 28.96
N LEU C 199 33.86 -18.69 28.69
CA LEU C 199 34.23 -17.75 29.73
C LEU C 199 33.05 -17.36 30.63
N ALA C 200 31.82 -17.57 30.13
CA ALA C 200 30.64 -17.23 30.91
C ALA C 200 29.38 -18.00 30.51
N PHE C 201 29.54 -18.97 29.62
CA PHE C 201 28.39 -19.76 29.17
C PHE C 201 28.73 -21.25 29.08
N THR C 202 28.38 -22.00 30.12
CA THR C 202 28.65 -23.45 30.16
C THR C 202 27.44 -24.30 30.52
N GLU C 203 26.32 -23.66 30.82
CA GLU C 203 25.11 -24.40 31.18
C GLU C 203 24.66 -25.39 30.10
N ASP C 204 23.85 -26.35 30.51
CA ASP C 204 23.30 -27.34 29.59
C ASP C 204 22.03 -26.73 29.01
N VAL C 205 22.21 -25.84 28.04
CA VAL C 205 21.12 -25.14 27.38
C VAL C 205 19.97 -26.04 26.96
N LEU C 206 20.26 -27.09 26.20
CA LEU C 206 19.22 -28.01 25.75
C LEU C 206 18.44 -28.56 26.94
N ALA C 207 19.14 -28.87 28.03
CA ALA C 207 18.48 -29.37 29.23
C ALA C 207 17.52 -28.31 29.76
N ARG C 208 17.97 -27.06 29.75
CA ARG C 208 17.14 -25.95 30.23
C ARG C 208 15.87 -25.86 29.39
N TYR C 209 16.04 -25.80 28.07
CA TYR C 209 14.90 -25.71 27.16
C TYR C 209 14.00 -26.91 27.32
N ARG C 210 14.59 -28.05 27.64
CA ARG C 210 13.80 -29.26 27.83
C ARG C 210 12.91 -28.99 29.05
N ALA C 211 13.52 -28.39 30.07
CA ALA C 211 12.78 -28.05 31.29
C ALA C 211 11.60 -27.16 30.95
N TYR C 212 11.74 -26.33 29.92
CA TYR C 212 10.66 -25.44 29.52
C TYR C 212 9.56 -26.20 28.78
N GLY C 213 9.77 -27.50 28.58
CA GLY C 213 8.79 -28.32 27.88
C GLY C 213 8.91 -28.20 26.37
N TRP C 214 10.14 -28.02 25.90
CA TRP C 214 10.43 -27.89 24.46
C TRP C 214 10.96 -29.21 23.95
N GLN C 215 11.18 -29.29 22.65
CA GLN C 215 11.77 -30.48 22.06
C GLN C 215 13.16 -29.95 21.72
N THR C 216 14.18 -30.79 21.85
CA THR C 216 15.53 -30.37 21.53
C THR C 216 16.20 -31.39 20.62
N LEU C 217 16.78 -30.89 19.52
CA LEU C 217 17.47 -31.72 18.54
C LEU C 217 18.88 -31.20 18.36
N ARG C 218 19.75 -31.99 17.73
CA ARG C 218 21.13 -31.59 17.54
C ARG C 218 21.64 -31.90 16.13
N VAL C 219 22.48 -31.00 15.59
CA VAL C 219 23.07 -31.17 14.25
C VAL C 219 24.56 -30.87 14.38
N GLU C 220 25.37 -31.92 14.25
CA GLU C 220 26.83 -31.82 14.38
C GLU C 220 27.58 -30.99 13.34
N ASP C 221 26.94 -30.70 12.22
CA ASP C 221 27.59 -29.89 11.19
C ASP C 221 26.57 -29.13 10.36
N VAL C 222 26.63 -27.81 10.46
CA VAL C 222 25.70 -26.97 9.72
C VAL C 222 25.86 -27.20 8.22
N ASN C 223 27.06 -27.63 7.83
CA ASN C 223 27.35 -27.89 6.42
C ASN C 223 26.59 -29.10 5.86
N ASP C 224 26.12 -29.98 6.75
CA ASP C 224 25.39 -31.16 6.30
C ASP C 224 23.92 -30.83 6.13
N LEU C 225 23.54 -30.42 4.92
CA LEU C 225 22.17 -30.06 4.62
C LEU C 225 21.17 -31.15 4.94
N GLU C 226 21.54 -32.40 4.72
CA GLU C 226 20.62 -33.52 4.99
C GLU C 226 20.23 -33.56 6.46
N ALA C 227 21.21 -33.53 7.36
CA ALA C 227 20.94 -33.55 8.80
C ALA C 227 19.99 -32.40 9.14
N LEU C 228 20.25 -31.24 8.57
CA LEU C 228 19.41 -30.07 8.80
C LEU C 228 17.99 -30.32 8.30
N ARG C 229 17.86 -31.00 7.18
CA ARG C 229 16.54 -31.32 6.63
C ARG C 229 15.82 -32.24 7.61
N LYS C 230 16.57 -33.12 8.26
CA LYS C 230 16.01 -34.07 9.24
C LYS C 230 15.43 -33.30 10.42
N ALA C 231 16.30 -32.55 11.08
CA ALA C 231 15.92 -31.77 12.24
C ALA C 231 14.59 -31.08 11.97
N ILE C 232 14.59 -30.24 10.95
CA ILE C 232 13.40 -29.49 10.57
C ILE C 232 12.13 -30.36 10.47
N LYS C 233 12.20 -31.46 9.73
CA LYS C 233 11.05 -32.34 9.57
C LYS C 233 10.60 -32.89 10.92
N LEU C 234 11.57 -33.29 11.74
CA LEU C 234 11.27 -33.80 13.06
C LEU C 234 10.53 -32.73 13.86
N ALA C 235 11.07 -31.52 13.82
CA ALA C 235 10.50 -30.39 14.55
C ALA C 235 9.02 -30.20 14.24
N LYS C 236 8.67 -30.14 12.96
CA LYS C 236 7.28 -29.94 12.58
C LYS C 236 6.35 -31.05 13.06
N LEU C 237 6.89 -32.24 13.30
CA LEU C 237 6.07 -33.37 13.75
C LEU C 237 5.77 -33.30 15.24
N ASP C 238 6.68 -32.68 15.99
CA ASP C 238 6.52 -32.55 17.43
C ASP C 238 5.54 -31.44 17.78
N GLU C 239 4.68 -31.73 18.77
CA GLU C 239 3.66 -30.77 19.21
C GLU C 239 4.26 -29.67 20.08
N ARG C 240 5.51 -29.84 20.47
CA ARG C 240 6.20 -28.87 21.31
C ARG C 240 7.04 -27.91 20.48
N PRO C 241 7.43 -26.76 21.06
CA PRO C 241 8.25 -25.82 20.31
C PRO C 241 9.61 -26.52 20.25
N THR C 242 10.42 -26.24 19.24
CA THR C 242 11.69 -26.95 19.13
C THR C 242 12.95 -26.08 19.02
N LEU C 243 13.97 -26.47 19.78
CA LEU C 243 15.26 -25.78 19.74
C LEU C 243 16.28 -26.72 19.12
N ILE C 244 16.83 -26.34 17.98
CA ILE C 244 17.81 -27.16 17.28
C ILE C 244 19.20 -26.58 17.42
N ALA C 245 20.08 -27.29 18.13
CA ALA C 245 21.45 -26.83 18.32
C ALA C 245 22.25 -27.17 17.07
N VAL C 246 22.70 -26.13 16.36
CA VAL C 246 23.47 -26.33 15.13
C VAL C 246 24.93 -25.91 15.27
N ARG C 247 25.81 -26.89 15.14
CA ARG C 247 27.25 -26.64 15.27
C ARG C 247 27.86 -26.08 13.99
N SER C 248 28.69 -25.05 14.13
CA SER C 248 29.34 -24.43 12.98
C SER C 248 30.66 -23.81 13.43
N HIS C 249 31.43 -23.31 12.47
CA HIS C 249 32.72 -22.69 12.75
C HIS C 249 32.67 -21.24 12.24
N ILE C 250 32.82 -20.28 13.14
CA ILE C 250 32.78 -18.88 12.75
C ILE C 250 33.94 -18.60 11.81
N GLY C 251 33.70 -17.77 10.79
CA GLY C 251 34.76 -17.45 9.84
C GLY C 251 35.16 -18.70 9.09
N PHE C 252 34.20 -19.61 8.92
CA PHE C 252 34.42 -20.88 8.22
C PHE C 252 35.11 -20.71 6.88
N GLY C 253 36.31 -21.28 6.77
CA GLY C 253 37.06 -21.23 5.53
C GLY C 253 38.15 -20.18 5.42
N SER C 254 38.23 -19.27 6.40
CA SER C 254 39.23 -18.21 6.37
C SER C 254 40.33 -18.48 7.40
N PRO C 255 41.42 -17.69 7.36
CA PRO C 255 42.50 -17.86 8.32
C PRO C 255 42.01 -17.51 9.72
N LYS C 256 41.04 -16.62 9.78
CA LYS C 256 40.47 -16.15 11.04
C LYS C 256 39.39 -17.11 11.58
N GLN C 257 39.25 -18.28 10.96
CA GLN C 257 38.27 -19.26 11.40
C GLN C 257 38.43 -19.63 12.87
N ASP C 258 37.31 -19.87 13.56
CA ASP C 258 37.33 -20.20 14.98
C ASP C 258 38.06 -19.14 15.80
N SER C 259 37.90 -17.89 15.43
CA SER C 259 38.56 -16.79 16.14
C SER C 259 37.64 -15.57 16.26
N ALA C 260 37.80 -14.83 17.35
CA ALA C 260 37.01 -13.63 17.61
C ALA C 260 37.29 -12.62 16.50
N LYS C 261 38.52 -12.63 16.01
CA LYS C 261 38.96 -11.74 14.93
C LYS C 261 37.97 -11.75 13.77
N ALA C 262 37.31 -12.89 13.60
CA ALA C 262 36.35 -13.08 12.52
C ALA C 262 34.93 -12.57 12.80
N HIS C 263 34.66 -12.15 14.03
CA HIS C 263 33.33 -11.70 14.39
C HIS C 263 32.84 -10.31 13.99
N GLY C 264 33.58 -9.26 14.36
CA GLY C 264 33.12 -7.91 14.06
C GLY C 264 33.97 -6.95 13.24
N GLU C 265 34.76 -7.47 12.31
CA GLU C 265 35.60 -6.60 11.48
C GLU C 265 35.84 -7.24 10.11
N PRO C 266 36.14 -6.42 9.09
CA PRO C 266 36.40 -6.95 7.75
C PRO C 266 37.51 -7.99 7.80
N LEU C 267 37.45 -8.97 6.91
CA LEU C 267 38.47 -10.00 6.89
C LEU C 267 39.81 -9.40 6.46
N GLY C 268 39.76 -8.44 5.55
CA GLY C 268 40.98 -7.82 5.06
C GLY C 268 41.43 -8.50 3.77
N PRO C 269 42.00 -7.73 2.83
CA PRO C 269 42.47 -8.26 1.53
C PRO C 269 43.14 -9.63 1.60
N GLU C 270 44.10 -9.79 2.51
CA GLU C 270 44.82 -11.04 2.65
C GLU C 270 43.86 -12.19 3.00
N ALA C 271 43.13 -12.03 4.10
CA ALA C 271 42.18 -13.05 4.55
C ALA C 271 41.14 -13.40 3.48
N VAL C 272 40.68 -12.39 2.74
CA VAL C 272 39.68 -12.62 1.70
C VAL C 272 40.27 -13.45 0.56
N GLU C 273 41.44 -13.07 0.07
CA GLU C 273 42.08 -13.81 -1.01
C GLU C 273 42.34 -15.24 -0.55
N ALA C 274 42.72 -15.40 0.71
CA ALA C 274 43.01 -16.72 1.25
C ALA C 274 41.75 -17.59 1.28
N THR C 275 40.62 -16.96 1.59
CA THR C 275 39.35 -17.66 1.66
C THR C 275 38.80 -18.07 0.30
N ARG C 276 38.88 -17.17 -0.69
CA ARG C 276 38.39 -17.50 -2.03
C ARG C 276 39.16 -18.73 -2.48
N ARG C 277 40.42 -18.79 -2.06
CA ARG C 277 41.32 -19.87 -2.38
C ARG C 277 40.87 -21.17 -1.71
N ASN C 278 40.69 -21.11 -0.39
CA ASN C 278 40.28 -22.29 0.39
C ASN C 278 38.95 -22.89 -0.02
N LEU C 279 38.01 -22.05 -0.44
CA LEU C 279 36.70 -22.56 -0.84
C LEU C 279 36.56 -22.73 -2.35
N GLY C 280 37.64 -22.45 -3.08
CA GLY C 280 37.62 -22.58 -4.52
C GLY C 280 36.60 -21.69 -5.17
N TRP C 281 36.57 -20.43 -4.75
CA TRP C 281 35.63 -19.45 -5.28
C TRP C 281 36.39 -18.45 -6.14
N PRO C 282 36.45 -18.71 -7.46
CA PRO C 282 37.14 -17.86 -8.44
C PRO C 282 36.37 -16.62 -8.88
N TYR C 283 35.29 -16.29 -8.20
CA TYR C 283 34.48 -15.14 -8.58
C TYR C 283 34.86 -13.87 -7.83
N PRO C 284 34.91 -12.73 -8.55
CA PRO C 284 35.25 -11.44 -7.96
C PRO C 284 34.14 -10.97 -7.03
N PRO C 285 34.42 -9.96 -6.19
CA PRO C 285 33.43 -9.42 -5.25
C PRO C 285 32.08 -9.09 -5.85
N PHE C 286 31.03 -9.50 -5.14
CA PHE C 286 29.65 -9.25 -5.53
C PHE C 286 29.18 -9.99 -6.77
N VAL C 287 30.04 -10.86 -7.32
CA VAL C 287 29.67 -11.60 -8.50
C VAL C 287 29.24 -13.02 -8.19
N VAL C 288 28.02 -13.35 -8.60
CA VAL C 288 27.47 -14.68 -8.38
C VAL C 288 27.12 -15.29 -9.73
N PRO C 289 27.60 -16.52 -10.01
CA PRO C 289 27.29 -17.17 -11.29
C PRO C 289 25.80 -17.27 -11.59
N GLU C 290 25.45 -17.19 -12.86
CA GLU C 290 24.05 -17.26 -13.32
C GLU C 290 23.36 -18.55 -12.86
N GLU C 291 24.13 -19.62 -12.70
CA GLU C 291 23.59 -20.89 -12.28
C GLU C 291 22.95 -20.76 -10.91
N VAL C 292 23.65 -20.09 -9.99
CA VAL C 292 23.13 -19.89 -8.66
C VAL C 292 21.82 -19.12 -8.76
N TYR C 293 21.87 -17.95 -9.41
CA TYR C 293 20.68 -17.13 -9.56
C TYR C 293 19.47 -17.92 -10.05
N ARG C 294 19.64 -18.65 -11.14
CA ARG C 294 18.55 -19.46 -11.69
C ARG C 294 18.12 -20.54 -10.71
N HIS C 295 19.10 -21.07 -9.98
CA HIS C 295 18.86 -22.12 -9.00
C HIS C 295 18.23 -21.61 -7.70
N ASP C 297 16.38 -18.61 -7.64
CA ASP C 297 15.16 -17.86 -7.97
C ASP C 297 13.94 -18.57 -7.37
N ARG C 299 10.90 -16.76 -7.36
CA ARG C 299 9.79 -15.98 -7.89
C ARG C 299 8.57 -16.79 -8.34
N GLU C 300 8.80 -17.89 -9.05
CA GLU C 300 7.70 -18.70 -9.54
C GLU C 300 6.99 -19.47 -8.44
N LYS C 301 7.76 -20.22 -7.64
CA LYS C 301 7.21 -21.00 -6.54
C LYS C 301 6.47 -20.10 -5.55
N GLY C 302 6.94 -18.85 -5.44
CA GLY C 302 6.31 -17.90 -4.54
C GLY C 302 4.95 -17.47 -5.04
N ARG C 303 4.90 -17.05 -6.30
CA ARG C 303 3.64 -16.62 -6.91
C ARG C 303 2.65 -17.77 -6.88
N ALA C 304 3.19 -18.99 -6.99
CA ALA C 304 2.37 -20.20 -6.97
C ALA C 304 1.78 -20.44 -5.59
N TRP C 305 2.62 -20.30 -4.56
CA TRP C 305 2.17 -20.49 -3.19
C TRP C 305 1.10 -19.46 -2.84
N GLN C 306 1.37 -18.21 -3.17
CA GLN C 306 0.42 -17.13 -2.88
C GLN C 306 -0.88 -17.26 -3.68
N GLU C 307 -0.77 -17.61 -4.95
CA GLU C 307 -1.96 -17.76 -5.78
C GLU C 307 -2.87 -18.86 -5.24
N ALA C 308 -2.25 -19.94 -4.75
CA ALA C 308 -3.00 -21.06 -4.20
C ALA C 308 -3.77 -20.61 -2.97
N TRP C 309 -3.12 -19.81 -2.14
CA TRP C 309 -3.71 -19.28 -0.93
C TRP C 309 -4.82 -18.31 -1.32
N GLU C 310 -4.58 -17.59 -2.42
CA GLU C 310 -5.57 -16.63 -2.91
C GLU C 310 -6.86 -17.35 -3.28
N LYS C 311 -6.73 -18.54 -3.87
CA LYS C 311 -7.91 -19.31 -4.25
C LYS C 311 -8.61 -19.94 -3.05
N ALA C 312 -7.85 -20.34 -2.04
CA ALA C 312 -8.45 -20.92 -0.85
C ALA C 312 -9.31 -19.86 -0.16
N LEU C 313 -8.82 -18.62 -0.17
CA LEU C 313 -9.55 -17.52 0.44
C LEU C 313 -10.79 -17.18 -0.39
N GLU C 314 -10.69 -17.37 -1.70
CA GLU C 314 -11.82 -17.11 -2.59
C GLU C 314 -12.93 -18.08 -2.20
N ALA C 315 -12.54 -19.33 -2.00
CA ALA C 315 -13.47 -20.38 -1.61
C ALA C 315 -14.06 -20.05 -0.24
N TYR C 316 -13.17 -19.80 0.71
CA TYR C 316 -13.54 -19.45 2.06
C TYR C 316 -14.60 -18.33 2.03
N ALA C 317 -14.34 -17.31 1.23
CA ALA C 317 -15.25 -16.17 1.11
C ALA C 317 -16.68 -16.60 0.78
N ARG C 318 -16.82 -17.53 -0.17
CA ARG C 318 -18.12 -18.01 -0.60
C ARG C 318 -18.74 -18.99 0.39
N ALA C 319 -17.89 -19.69 1.14
CA ALA C 319 -18.37 -20.66 2.12
C ALA C 319 -18.55 -20.05 3.52
N TYR C 320 -17.93 -18.89 3.75
CA TYR C 320 -18.03 -18.21 5.05
C TYR C 320 -17.93 -16.69 4.89
N PRO C 321 -18.96 -16.07 4.29
CA PRO C 321 -19.02 -14.62 4.05
C PRO C 321 -18.63 -13.74 5.24
N ASP C 322 -19.22 -14.00 6.40
CA ASP C 322 -18.97 -13.23 7.61
C ASP C 322 -17.56 -13.39 8.18
N LEU C 323 -16.99 -14.59 8.05
CA LEU C 323 -15.65 -14.82 8.55
C LEU C 323 -14.61 -14.19 7.63
N HIS C 324 -14.74 -14.44 6.34
CA HIS C 324 -13.82 -13.90 5.34
C HIS C 324 -13.68 -12.39 5.44
N GLN C 325 -14.81 -11.68 5.49
CA GLN C 325 -14.79 -10.22 5.59
C GLN C 325 -13.97 -9.81 6.80
N GLU C 326 -14.25 -10.43 7.94
CA GLU C 326 -13.54 -10.13 9.18
C GLU C 326 -12.04 -10.34 9.04
N LEU C 327 -11.65 -11.43 8.40
CA LEU C 327 -10.23 -11.71 8.20
C LEU C 327 -9.57 -10.57 7.46
N ARG C 329 -10.45 -7.88 7.01
CA ARG C 329 -10.57 -6.66 7.79
C ARG C 329 -9.45 -6.60 8.83
N ARG C 330 -9.19 -7.72 9.49
CA ARG C 330 -8.14 -7.77 10.51
C ARG C 330 -6.76 -7.87 9.88
N LEU C 331 -6.63 -8.66 8.82
CA LEU C 331 -5.34 -8.81 8.16
C LEU C 331 -4.91 -7.48 7.56
N ARG C 332 -5.86 -6.60 7.34
CA ARG C 332 -5.57 -5.29 6.77
C ARG C 332 -5.49 -4.24 7.87
N GLY C 333 -5.44 -4.69 9.12
CA GLY C 333 -5.36 -3.77 10.24
C GLY C 333 -6.57 -2.87 10.30
N GLU C 334 -7.59 -3.18 9.51
CA GLU C 334 -8.83 -2.41 9.51
C GLU C 334 -9.45 -2.45 10.90
N LEU C 335 -9.74 -1.27 11.44
CA LEU C 335 -10.34 -1.18 12.77
C LEU C 335 -11.85 -1.08 12.60
N PRO C 336 -12.61 -1.92 13.31
CA PRO C 336 -14.07 -1.85 13.17
C PRO C 336 -14.62 -0.57 13.79
N PRO C 337 -15.86 -0.21 13.47
CA PRO C 337 -16.42 1.02 14.04
C PRO C 337 -16.53 0.87 15.56
N LEU C 338 -16.01 1.85 16.30
CA LEU C 338 -16.08 1.80 17.76
C LEU C 338 -17.06 2.80 18.37
N PRO C 339 -17.61 2.46 19.53
CA PRO C 339 -18.56 3.33 20.23
C PRO C 339 -17.76 4.46 20.85
N GLU C 340 -18.00 5.69 20.40
CA GLU C 340 -17.27 6.83 20.93
C GLU C 340 -17.93 7.49 22.12
N GLU C 341 -18.88 6.77 22.73
CA GLU C 341 -19.56 7.27 23.91
C GLU C 341 -18.96 6.54 25.10
N PRO C 342 -18.39 7.29 26.06
CA PRO C 342 -17.79 6.64 27.23
C PRO C 342 -18.84 6.02 28.13
N PRO C 343 -18.46 4.98 28.88
CA PRO C 343 -19.41 4.33 29.79
C PRO C 343 -19.84 5.31 30.88
N SER C 344 -20.91 4.96 31.60
CA SER C 344 -21.39 5.84 32.66
C SER C 344 -20.71 5.54 33.98
N PHE C 345 -20.30 6.59 34.67
CA PHE C 345 -19.65 6.46 35.98
C PHE C 345 -20.41 7.27 37.01
N ASP C 346 -20.63 6.68 38.17
CA ASP C 346 -21.36 7.34 39.25
C ASP C 346 -20.46 7.78 40.41
N LYS C 347 -19.70 6.83 40.95
CA LYS C 347 -18.83 7.10 42.08
C LYS C 347 -17.37 7.27 41.67
N PRO C 348 -16.61 8.09 42.42
CA PRO C 348 -15.20 8.29 42.09
C PRO C 348 -14.54 6.92 41.95
N ILE C 349 -13.66 6.75 40.97
CA ILE C 349 -12.99 5.49 40.77
C ILE C 349 -11.60 5.68 40.21
N ALA C 350 -10.75 4.66 40.39
CA ALA C 350 -9.39 4.68 39.90
C ALA C 350 -9.44 4.59 38.39
N THR C 351 -8.45 5.18 37.72
CA THR C 351 -8.43 5.14 36.26
C THR C 351 -8.11 3.73 35.77
N ARG C 352 -7.52 2.90 36.62
CA ARG C 352 -7.19 1.54 36.23
C ARG C 352 -8.48 0.74 36.10
N ALA C 353 -9.46 1.08 36.93
CA ALA C 353 -10.75 0.41 36.89
C ALA C 353 -11.63 1.05 35.81
N ALA C 354 -11.43 2.34 35.57
CA ALA C 354 -12.19 3.04 34.54
C ALA C 354 -11.70 2.52 33.20
N SER C 355 -10.49 1.98 33.21
CA SER C 355 -9.87 1.42 32.02
C SER C 355 -10.55 0.09 31.73
N GLY C 356 -10.83 -0.64 32.79
CA GLY C 356 -11.50 -1.92 32.65
C GLY C 356 -12.92 -1.70 32.13
N ARG C 357 -13.58 -0.68 32.67
CA ARG C 357 -14.94 -0.36 32.24
C ARG C 357 -14.91 -0.01 30.75
N ALA C 358 -13.81 0.61 30.32
CA ALA C 358 -13.66 1.00 28.92
C ALA C 358 -13.43 -0.25 28.07
N LEU C 359 -12.70 -1.22 28.62
CA LEU C 359 -12.42 -2.46 27.91
C LEU C 359 -13.68 -3.28 27.76
N ASN C 360 -14.53 -3.25 28.78
CA ASN C 360 -15.79 -4.01 28.75
C ASN C 360 -16.69 -3.51 27.64
N LEU C 361 -16.57 -2.21 27.32
CA LEU C 361 -17.37 -1.61 26.26
C LEU C 361 -16.69 -1.77 24.90
N LEU C 362 -15.35 -1.78 24.89
CA LEU C 362 -14.59 -1.88 23.66
C LEU C 362 -14.28 -3.30 23.16
N ALA C 363 -13.87 -4.19 24.06
CA ALA C 363 -13.51 -5.56 23.69
C ALA C 363 -14.59 -6.32 22.92
N PRO C 364 -15.85 -6.26 23.37
CA PRO C 364 -16.92 -6.98 22.67
C PRO C 364 -16.91 -6.75 21.16
N ARG C 365 -16.74 -5.50 20.74
CA ARG C 365 -16.71 -5.19 19.31
C ARG C 365 -15.33 -5.25 18.68
N LEU C 366 -14.36 -5.80 19.41
CA LEU C 366 -12.99 -5.95 18.90
C LEU C 366 -12.46 -7.37 19.11
N PRO C 367 -12.91 -8.33 18.30
CA PRO C 367 -12.45 -9.71 18.45
C PRO C 367 -10.96 -9.89 18.19
N GLU C 368 -10.33 -8.90 17.55
CA GLU C 368 -8.90 -8.97 17.29
C GLU C 368 -8.13 -8.56 18.56
N LEU C 369 -8.81 -7.77 19.40
CA LEU C 369 -8.24 -7.25 20.65
C LEU C 369 -7.88 -8.32 21.67
N LEU C 370 -6.60 -8.42 21.99
CA LEU C 370 -6.10 -9.39 22.95
C LEU C 370 -5.61 -8.66 24.20
N GLY C 371 -5.97 -9.19 25.37
CA GLY C 371 -5.56 -8.59 26.62
C GLY C 371 -4.54 -9.45 27.33
N GLY C 372 -3.91 -8.91 28.36
CA GLY C 372 -2.92 -9.65 29.11
C GLY C 372 -2.42 -8.89 30.32
N SER C 373 -1.54 -9.51 31.10
CA SER C 373 -0.99 -8.90 32.29
C SER C 373 0.13 -9.78 32.82
N ALA C 374 1.10 -9.18 33.51
CA ALA C 374 2.23 -9.92 34.07
C ALA C 374 2.02 -10.23 35.56
N ASP C 375 1.12 -11.18 35.82
CA ASP C 375 0.75 -11.63 37.17
C ASP C 375 0.18 -10.51 38.03
N LEU C 376 -0.67 -9.68 37.42
CA LEU C 376 -1.30 -8.57 38.10
C LEU C 376 -2.66 -8.30 37.48
N THR C 377 -3.28 -9.36 36.96
CA THR C 377 -4.60 -9.25 36.32
C THR C 377 -5.59 -8.45 37.15
N PRO C 378 -5.82 -8.86 38.40
CA PRO C 378 -6.76 -8.17 39.29
C PRO C 378 -6.34 -6.72 39.58
N SER C 379 -5.04 -6.48 39.62
CA SER C 379 -4.51 -5.14 39.90
C SER C 379 -4.54 -4.22 38.68
N ASN C 380 -4.48 -4.80 37.49
CA ASN C 380 -4.47 -4.01 36.25
C ASN C 380 -5.81 -3.83 35.57
N ASN C 381 -6.81 -4.62 35.95
CA ASN C 381 -8.14 -4.52 35.34
C ASN C 381 -7.99 -4.65 33.83
N THR C 382 -7.12 -5.56 33.40
CA THR C 382 -6.86 -5.78 31.99
C THR C 382 -7.76 -6.83 31.34
N LYS C 383 -8.38 -7.70 32.14
CA LYS C 383 -9.25 -8.73 31.60
C LYS C 383 -10.67 -8.21 31.37
N ALA C 384 -10.94 -7.80 30.14
CA ALA C 384 -12.24 -7.25 29.79
C ALA C 384 -13.35 -8.27 30.05
N GLU C 385 -14.56 -7.77 30.27
CA GLU C 385 -15.70 -8.66 30.49
C GLU C 385 -15.97 -9.39 29.19
N GLY C 386 -15.98 -10.72 29.26
CA GLY C 386 -16.23 -11.51 28.06
C GLY C 386 -14.97 -12.17 27.55
N GLU C 388 -11.82 -14.78 27.95
CA GLU C 388 -11.49 -16.03 28.61
C GLU C 388 -10.00 -16.23 28.49
N ASP C 389 -9.43 -16.95 29.46
CA ASP C 389 -8.00 -17.20 29.46
C ASP C 389 -7.59 -18.04 28.26
N PHE C 390 -6.45 -17.68 27.66
CA PHE C 390 -5.93 -18.45 26.55
C PHE C 390 -5.11 -19.58 27.15
N SER C 391 -5.18 -20.75 26.53
CA SER C 391 -4.43 -21.91 27.00
C SER C 391 -4.44 -22.98 25.94
N ARG C 392 -3.47 -23.88 26.00
CA ARG C 392 -3.39 -24.97 25.04
C ARG C 392 -4.78 -25.58 24.90
N ALA C 393 -5.45 -25.72 26.04
CA ALA C 393 -6.80 -26.28 26.08
C ALA C 393 -7.83 -25.31 25.50
N ASN C 394 -7.64 -24.01 25.76
CA ASN C 394 -8.57 -22.99 25.27
C ASN C 394 -7.82 -22.03 24.33
N PRO C 395 -7.32 -22.56 23.19
CA PRO C 395 -6.58 -21.74 22.23
C PRO C 395 -7.35 -20.54 21.73
N LEU C 396 -8.67 -20.54 21.93
CA LEU C 396 -9.50 -19.43 21.49
C LEU C 396 -9.57 -18.36 22.57
N GLY C 397 -8.87 -18.58 23.67
CA GLY C 397 -8.87 -17.62 24.77
C GLY C 397 -8.14 -16.35 24.34
N ARG C 398 -8.71 -15.20 24.68
CA ARG C 398 -8.12 -13.93 24.29
C ARG C 398 -7.35 -13.20 25.39
N TYR C 399 -7.30 -13.75 26.59
CA TYR C 399 -6.56 -13.11 27.68
C TYR C 399 -5.33 -13.94 27.96
N LEU C 400 -4.20 -13.28 28.20
CA LEU C 400 -2.97 -14.00 28.46
C LEU C 400 -2.36 -13.76 29.84
N HIS C 401 -1.98 -14.85 30.50
CA HIS C 401 -1.32 -14.80 31.79
C HIS C 401 0.15 -14.99 31.47
N PHE C 402 0.90 -13.90 31.45
CA PHE C 402 2.33 -13.92 31.13
C PHE C 402 3.23 -14.38 32.27
N GLY C 403 2.69 -14.48 33.47
CA GLY C 403 3.51 -14.86 34.61
C GLY C 403 4.32 -13.64 34.99
N VAL C 404 5.40 -13.84 35.75
CA VAL C 404 6.23 -12.72 36.16
C VAL C 404 7.39 -12.51 35.20
N ARG C 405 7.06 -12.13 33.98
CA ARG C 405 8.07 -11.90 32.96
C ARG C 405 7.63 -10.70 32.13
N GLU C 406 7.83 -9.50 32.68
CA GLU C 406 7.44 -8.27 31.99
C GLU C 406 8.12 -8.13 30.65
N HIS C 407 9.42 -8.41 30.62
CA HIS C 407 10.20 -8.28 29.40
C HIS C 407 9.67 -9.17 28.28
N ALA C 408 9.51 -10.46 28.58
CA ALA C 408 9.00 -11.39 27.59
C ALA C 408 7.63 -10.92 27.17
N GLY C 410 6.61 -7.99 26.91
CA GLY C 410 6.80 -6.91 25.96
C GLY C 410 7.07 -7.43 24.55
N ALA C 411 8.05 -8.32 24.44
CA ALA C 411 8.41 -8.89 23.15
C ALA C 411 7.25 -9.66 22.51
N ILE C 412 6.61 -10.52 23.31
CA ILE C 412 5.50 -11.31 22.79
C ILE C 412 4.39 -10.38 22.30
N LEU C 413 4.18 -9.28 23.02
CA LEU C 413 3.18 -8.31 22.63
C LEU C 413 3.53 -7.79 21.24
N ASN C 414 4.82 -7.57 21.00
CA ASN C 414 5.29 -7.07 19.71
C ASN C 414 5.11 -8.11 18.61
N GLY C 415 5.41 -9.37 18.92
CA GLY C 415 5.24 -10.41 17.94
C GLY C 415 3.77 -10.51 17.56
N LEU C 416 2.89 -10.46 18.55
CA LEU C 416 1.47 -10.55 18.32
C LEU C 416 0.97 -9.42 17.40
N ASN C 417 1.46 -8.21 17.65
CA ASN C 417 1.06 -7.06 16.85
C ASN C 417 1.81 -6.97 15.52
N LEU C 418 2.90 -7.74 15.40
CA LEU C 418 3.69 -7.76 14.17
C LEU C 418 3.13 -8.75 13.16
N HIS C 419 2.72 -9.91 13.66
CA HIS C 419 2.18 -10.98 12.83
C HIS C 419 1.05 -10.53 11.90
N GLY C 420 0.03 -9.90 12.47
CA GLY C 420 -1.08 -9.45 11.66
C GLY C 420 -2.39 -10.11 12.08
N GLY C 421 -3.47 -9.33 12.07
CA GLY C 421 -4.77 -9.87 12.43
C GLY C 421 -5.14 -9.67 13.88
N TYR C 422 -4.17 -9.21 14.69
CA TYR C 422 -4.41 -8.99 16.12
C TYR C 422 -4.01 -7.59 16.61
N ARG C 423 -4.44 -7.29 17.82
CA ARG C 423 -4.13 -6.05 18.49
C ARG C 423 -3.98 -6.46 19.95
N ALA C 424 -2.74 -6.44 20.44
CA ALA C 424 -2.49 -6.87 21.81
C ALA C 424 -1.97 -5.79 22.76
N TYR C 425 -2.47 -5.82 23.99
CA TYR C 425 -2.05 -4.88 25.03
C TYR C 425 -1.68 -5.70 26.26
N GLY C 426 -0.74 -5.18 27.05
CA GLY C 426 -0.32 -5.88 28.25
C GLY C 426 -0.18 -4.94 29.43
N GLY C 427 -0.53 -5.42 30.62
CA GLY C 427 -0.45 -4.58 31.80
C GLY C 427 0.60 -4.98 32.83
N THR C 428 0.84 -4.06 33.76
CA THR C 428 1.80 -4.24 34.85
C THR C 428 1.92 -2.89 35.57
N PHE C 429 2.78 -2.82 36.58
CA PHE C 429 2.95 -1.57 37.31
C PHE C 429 3.91 -0.67 36.54
N LEU C 430 3.60 0.63 36.50
CA LEU C 430 4.44 1.59 35.80
C LEU C 430 5.90 1.41 36.13
N VAL C 431 6.21 1.22 37.40
CA VAL C 431 7.59 1.05 37.83
C VAL C 431 8.30 -0.12 37.21
N PHE C 432 7.55 -1.14 36.79
CA PHE C 432 8.18 -2.31 36.19
C PHE C 432 8.39 -2.18 34.69
N SER C 433 8.15 -1.00 34.16
CA SER C 433 8.36 -0.74 32.75
C SER C 433 9.87 -0.87 32.55
N ASP C 434 10.61 -0.76 33.66
CA ASP C 434 12.06 -0.85 33.64
C ASP C 434 12.55 -2.23 33.24
N TYR C 435 11.82 -3.27 33.64
CA TYR C 435 12.22 -4.63 33.28
C TYR C 435 12.02 -4.87 31.79
N ARG C 437 12.09 -2.22 29.16
CA ARG C 437 12.50 -1.14 28.27
C ARG C 437 12.97 -1.56 26.89
N PRO C 438 13.85 -2.57 26.81
CA PRO C 438 14.34 -3.00 25.50
C PRO C 438 13.20 -3.31 24.52
N ALA C 439 12.17 -3.99 25.01
CA ALA C 439 11.02 -4.35 24.18
C ALA C 439 10.17 -3.14 23.84
N ILE C 440 10.09 -2.18 24.75
CA ILE C 440 9.28 -1.00 24.47
C ILE C 440 9.92 -0.22 23.34
N ARG C 441 11.24 -0.06 23.41
CA ARG C 441 11.99 0.67 22.41
C ARG C 441 11.93 -0.03 21.05
N LEU C 442 12.08 -1.35 21.06
CA LEU C 442 12.03 -2.11 19.82
C LEU C 442 10.74 -1.82 19.08
N ALA C 443 9.64 -1.77 19.83
CA ALA C 443 8.34 -1.48 19.26
C ALA C 443 8.34 -0.07 18.67
N ALA C 444 8.89 0.87 19.42
CA ALA C 444 8.96 2.26 18.96
C ALA C 444 9.75 2.31 17.65
N LEU C 445 10.87 1.59 17.62
CA LEU C 445 11.74 1.53 16.45
C LEU C 445 11.03 0.98 15.21
N GLY C 447 7.79 0.77 14.86
CA GLY C 447 6.54 1.46 14.60
C GLY C 447 5.36 0.55 14.85
N VAL C 448 5.57 -0.48 15.68
CA VAL C 448 4.51 -1.43 16.02
C VAL C 448 3.59 -0.81 17.07
N PRO C 449 2.28 -0.78 16.80
CA PRO C 449 1.25 -0.22 17.69
C PRO C 449 0.92 -0.99 18.96
N THR C 450 1.94 -1.50 19.64
CA THR C 450 1.67 -2.24 20.87
C THR C 450 1.20 -1.27 21.95
N VAL C 451 0.31 -1.74 22.80
CA VAL C 451 -0.23 -0.92 23.87
C VAL C 451 0.24 -1.44 25.22
N PHE C 452 1.05 -0.64 25.91
CA PHE C 452 1.55 -1.03 27.21
C PHE C 452 0.72 -0.37 28.29
N VAL C 453 0.06 -1.18 29.11
CA VAL C 453 -0.77 -0.68 30.19
C VAL C 453 0.04 -0.66 31.48
N PHE C 454 0.22 0.54 32.03
CA PHE C 454 0.97 0.69 33.28
C PHE C 454 0.07 1.28 34.35
N THR C 455 -0.11 0.53 35.44
CA THR C 455 -0.95 0.97 36.55
C THR C 455 -0.08 1.36 37.75
N HIS C 456 -0.72 1.83 38.82
CA HIS C 456 0.03 2.22 40.03
C HIS C 456 1.12 3.22 39.61
N ASP C 457 0.69 4.26 38.92
CA ASP C 457 1.56 5.29 38.37
C ASP C 457 2.31 6.25 39.31
N SER C 458 2.08 6.18 40.61
CA SER C 458 2.78 7.10 41.49
C SER C 458 2.83 6.70 42.97
N ILE C 459 3.45 7.56 43.77
CA ILE C 459 3.58 7.35 45.21
C ILE C 459 2.18 7.14 45.78
N ALA C 460 1.17 7.64 45.07
CA ALA C 460 -0.21 7.52 45.50
C ALA C 460 -0.61 6.04 45.64
N LEU C 461 0.21 5.14 45.10
CA LEU C 461 -0.11 3.72 45.19
C LEU C 461 -0.13 3.33 46.66
N GLY C 462 0.48 4.17 47.50
CA GLY C 462 0.49 3.92 48.93
C GLY C 462 1.52 3.03 49.58
N GLU C 463 1.04 2.26 50.55
CA GLU C 463 1.83 1.34 51.37
C GLU C 463 2.93 0.52 50.72
N ASP C 464 2.77 0.09 49.47
CA ASP C 464 3.81 -0.71 48.83
C ASP C 464 5.22 -0.13 48.92
N GLY C 465 5.32 1.19 49.04
CA GLY C 465 6.64 1.80 49.17
C GLY C 465 7.39 2.24 47.93
N PRO C 466 8.61 2.81 48.11
CA PRO C 466 9.52 3.31 47.09
C PRO C 466 9.97 2.38 45.98
N THR C 467 10.15 1.10 46.28
CA THR C 467 10.59 0.16 45.25
C THR C 467 9.51 -0.01 44.19
N HIS C 468 8.27 0.30 44.55
CA HIS C 468 7.14 0.18 43.65
C HIS C 468 6.62 1.51 43.11
N GLN C 469 6.97 2.60 43.78
CA GLN C 469 6.49 3.92 43.35
C GLN C 469 7.40 4.52 42.28
N PRO C 470 6.80 4.89 41.13
CA PRO C 470 7.53 5.49 40.01
C PRO C 470 7.89 6.94 40.34
N VAL C 471 8.94 7.44 39.69
CA VAL C 471 9.37 8.82 39.86
C VAL C 471 9.88 9.30 38.51
N GLU C 472 11.00 8.74 38.07
CA GLU C 472 11.63 9.11 36.81
C GLU C 472 10.98 8.44 35.58
N HIS C 473 10.09 7.50 35.82
CA HIS C 473 9.45 6.74 34.75
C HIS C 473 8.67 7.50 33.67
N LEU C 474 7.79 8.44 34.04
CA LEU C 474 7.03 9.18 33.04
C LEU C 474 7.94 9.95 32.09
N SER C 476 11.08 9.38 31.68
CA SER C 476 11.96 8.37 31.09
C SER C 476 11.35 7.85 29.79
N LEU C 477 10.03 7.70 29.77
CA LEU C 477 9.35 7.20 28.57
C LEU C 477 9.10 8.31 27.55
N ARG C 478 8.65 9.47 28.02
CA ARG C 478 8.38 10.60 27.11
C ARG C 478 9.62 10.96 26.29
N ALA C 479 10.79 10.61 26.80
CA ALA C 479 12.04 10.90 26.13
C ALA C 479 12.28 10.03 24.89
N PRO C 481 11.66 8.30 21.32
CA PRO C 481 10.98 8.63 20.07
C PRO C 481 9.86 7.64 19.75
N ASN C 482 8.83 8.12 19.06
CA ASN C 482 7.70 7.31 18.63
C ASN C 482 6.99 6.55 19.75
N LEU C 483 6.76 7.21 20.88
CA LEU C 483 6.09 6.58 22.00
C LEU C 483 5.05 7.53 22.58
N PHE C 484 3.79 7.13 22.55
CA PHE C 484 2.75 7.96 23.13
C PHE C 484 2.61 7.54 24.59
N VAL C 485 2.68 8.53 25.48
CA VAL C 485 2.55 8.27 26.90
C VAL C 485 1.33 9.06 27.33
N ILE C 486 0.24 8.35 27.59
CA ILE C 486 -0.99 9.01 27.99
C ILE C 486 -1.34 8.72 29.45
N ARG C 487 -1.57 9.79 30.20
CA ARG C 487 -1.90 9.69 31.61
C ARG C 487 -3.26 10.36 31.84
N PRO C 488 -4.35 9.59 31.65
CA PRO C 488 -5.71 10.11 31.84
C PRO C 488 -5.97 10.57 33.27
N ALA C 489 -6.62 11.71 33.42
CA ALA C 489 -6.90 12.26 34.74
C ALA C 489 -8.09 11.62 35.45
N ASP C 490 -9.08 11.17 34.69
CA ASP C 490 -10.26 10.54 35.27
C ASP C 490 -10.79 9.39 34.42
N ALA C 491 -11.94 8.86 34.82
CA ALA C 491 -12.56 7.74 34.12
C ALA C 491 -12.85 8.06 32.66
N TYR C 492 -13.49 9.20 32.43
CA TYR C 492 -13.83 9.60 31.07
C TYR C 492 -12.61 9.83 30.16
N GLU C 493 -11.54 10.42 30.71
CA GLU C 493 -10.33 10.66 29.92
C GLU C 493 -9.67 9.32 29.58
N THR C 494 -9.84 8.35 30.46
CA THR C 494 -9.27 7.02 30.28
C THR C 494 -9.90 6.33 29.07
N PHE C 495 -11.16 6.66 28.82
CA PHE C 495 -11.88 6.09 27.69
C PHE C 495 -11.33 6.66 26.39
N TYR C 496 -11.29 7.99 26.31
CA TYR C 496 -10.77 8.65 25.13
C TYR C 496 -9.29 8.31 24.94
N ALA C 497 -8.65 7.89 26.02
CA ALA C 497 -7.24 7.50 25.97
C ALA C 497 -7.14 6.16 25.26
N TRP C 498 -8.10 5.28 25.51
CA TRP C 498 -8.13 3.97 24.87
C TRP C 498 -8.43 4.11 23.38
N LEU C 499 -9.36 5.00 23.05
CA LEU C 499 -9.69 5.21 21.64
C LEU C 499 -8.44 5.71 20.93
N VAL C 500 -7.75 6.68 21.54
CA VAL C 500 -6.53 7.21 20.96
C VAL C 500 -5.47 6.12 20.77
N ALA C 501 -5.24 5.32 21.80
CA ALA C 501 -4.25 4.25 21.70
C ALA C 501 -4.61 3.29 20.57
N LEU C 502 -5.88 2.88 20.51
CA LEU C 502 -6.33 1.97 19.47
C LEU C 502 -6.16 2.54 18.07
N ARG C 503 -6.57 3.79 17.87
CA ARG C 503 -6.46 4.42 16.55
C ARG C 503 -5.03 4.77 16.15
N ARG C 504 -4.14 4.97 17.12
CA ARG C 504 -2.74 5.27 16.81
C ARG C 504 -2.07 3.97 16.39
N LYS C 505 -1.52 3.95 15.18
CA LYS C 505 -0.84 2.76 14.67
C LYS C 505 0.59 3.05 14.19
N GLU C 506 1.03 4.29 14.38
CA GLU C 506 2.37 4.69 13.96
C GLU C 506 3.43 4.10 14.89
N GLY C 507 3.06 3.88 16.14
CA GLY C 507 3.98 3.32 17.11
C GLY C 507 3.27 2.90 18.38
N PRO C 508 4.02 2.42 19.38
CA PRO C 508 3.39 1.98 20.63
C PRO C 508 2.78 3.11 21.45
N THR C 509 1.98 2.72 22.42
CA THR C 509 1.33 3.66 23.31
C THR C 509 1.43 3.10 24.72
N ALA C 510 1.57 3.98 25.70
CA ALA C 510 1.65 3.58 27.10
C ALA C 510 0.55 4.34 27.82
N LEU C 511 -0.37 3.60 28.43
CA LEU C 511 -1.46 4.23 29.17
C LEU C 511 -1.06 4.16 30.63
N VAL C 512 -0.99 5.32 31.28
CA VAL C 512 -0.59 5.39 32.68
C VAL C 512 -1.85 5.52 33.52
N LEU C 513 -2.09 4.54 34.39
CA LEU C 513 -3.29 4.52 35.22
C LEU C 513 -3.02 4.56 36.72
N THR C 514 -3.97 5.12 37.47
CA THR C 514 -3.86 5.25 38.91
C THR C 514 -4.30 4.00 39.66
N ARG C 515 -3.77 3.82 40.86
CA ARG C 515 -4.18 2.69 41.68
C ARG C 515 -5.39 3.15 42.48
N GLN C 516 -5.26 4.36 43.05
CA GLN C 516 -6.31 4.94 43.87
C GLN C 516 -7.48 5.55 43.08
N ALA C 517 -8.60 5.70 43.76
CA ALA C 517 -9.80 6.28 43.16
C ALA C 517 -9.65 7.79 43.06
N VAL C 518 -10.21 8.39 42.01
CA VAL C 518 -10.13 9.84 41.83
C VAL C 518 -11.46 10.40 41.34
N PRO C 519 -11.65 11.72 41.51
CA PRO C 519 -12.90 12.36 41.07
C PRO C 519 -13.16 12.16 39.59
N LEU C 520 -14.39 12.43 39.18
CA LEU C 520 -14.78 12.30 37.78
C LEU C 520 -14.85 13.70 37.19
N LEU C 521 -14.62 13.77 35.89
CA LEU C 521 -14.69 15.04 35.19
C LEU C 521 -15.90 14.92 34.27
N SER C 522 -16.14 15.92 33.43
CA SER C 522 -17.26 15.87 32.52
C SER C 522 -16.87 15.06 31.29
N PRO C 523 -17.68 14.08 30.91
CA PRO C 523 -17.36 13.26 29.73
C PRO C 523 -17.13 14.14 28.50
N GLU C 524 -17.75 15.32 28.49
CA GLU C 524 -17.60 16.25 27.37
C GLU C 524 -16.37 17.13 27.58
N LYS C 525 -15.83 17.08 28.79
CA LYS C 525 -14.62 17.84 29.12
C LYS C 525 -13.42 16.96 28.78
N ALA C 526 -13.49 15.71 29.24
CA ALA C 526 -12.43 14.73 29.02
C ALA C 526 -12.17 14.52 27.52
N ARG C 527 -13.17 14.82 26.71
CA ARG C 527 -13.06 14.69 25.25
C ARG C 527 -11.80 15.41 24.79
N GLY C 528 -11.51 16.53 25.43
CA GLY C 528 -10.33 17.32 25.09
C GLY C 528 -9.07 16.50 25.00
N LEU C 529 -9.01 15.40 25.75
CA LEU C 529 -7.82 14.54 25.75
C LEU C 529 -7.39 14.19 24.33
N LEU C 530 -8.32 14.26 23.39
CA LEU C 530 -8.03 13.96 21.99
C LEU C 530 -7.04 14.95 21.43
N ARG C 531 -6.89 16.07 22.12
CA ARG C 531 -5.98 17.12 21.69
C ARG C 531 -4.66 17.07 22.44
N GLY C 532 -4.52 16.10 23.34
CA GLY C 532 -3.29 15.96 24.11
C GLY C 532 -3.26 16.87 25.33
N GLY C 533 -3.65 18.13 25.12
CA GLY C 533 -3.68 19.10 26.20
C GLY C 533 -4.80 20.09 25.92
N TYR C 534 -5.59 20.41 26.93
CA TYR C 534 -6.69 21.35 26.77
C TYR C 534 -7.01 22.08 28.06
N VAL C 535 -7.80 23.15 27.95
CA VAL C 535 -8.21 23.96 29.09
C VAL C 535 -9.42 23.31 29.76
N LEU C 536 -9.21 22.70 30.91
CA LEU C 536 -10.28 22.02 31.65
C LEU C 536 -11.19 23.00 32.39
N GLU C 537 -10.58 23.89 33.17
CA GLU C 537 -11.32 24.89 33.93
C GLU C 537 -10.72 26.27 33.65
N ASP C 538 -11.45 27.07 32.89
CA ASP C 538 -11.04 28.40 32.50
C ASP C 538 -11.60 29.48 33.43
N VAL C 539 -11.07 30.70 33.31
CA VAL C 539 -11.51 31.84 34.10
C VAL C 539 -11.35 33.10 33.25
N GLU C 540 -12.11 34.14 33.57
CA GLU C 540 -12.05 35.39 32.84
C GLU C 540 -10.65 35.97 32.91
N GLU C 541 -10.00 36.09 31.76
CA GLU C 541 -8.64 36.60 31.66
C GLU C 541 -7.78 36.16 32.84
N PRO C 542 -7.34 34.89 32.82
CA PRO C 542 -6.51 34.30 33.88
C PRO C 542 -5.20 35.03 34.12
N GLN C 543 -4.72 34.96 35.35
CA GLN C 543 -3.47 35.61 35.73
C GLN C 543 -2.33 34.59 35.64
N GLY C 544 -2.69 33.34 35.36
CA GLY C 544 -1.70 32.29 35.24
C GLY C 544 -2.34 30.97 34.89
N VAL C 545 -1.54 29.91 34.86
CA VAL C 545 -2.06 28.59 34.53
C VAL C 545 -1.45 27.46 35.37
N LEU C 546 -2.28 26.49 35.72
CA LEU C 546 -1.85 25.33 36.46
C LEU C 546 -2.00 24.15 35.52
N VAL C 547 -0.87 23.64 35.03
CA VAL C 547 -0.87 22.50 34.11
C VAL C 547 -0.59 21.24 34.91
N ALA C 548 -1.37 20.19 34.65
CA ALA C 548 -1.19 18.93 35.37
C ALA C 548 -1.54 17.73 34.51
N THR C 549 -1.15 16.55 34.99
CA THR C 549 -1.42 15.32 34.28
C THR C 549 -1.96 14.25 35.24
N GLY C 550 -2.71 13.30 34.69
CA GLY C 550 -3.25 12.23 35.51
C GLY C 550 -3.96 12.71 36.76
N SER C 551 -3.73 12.00 37.85
CA SER C 551 -4.35 12.31 39.14
C SER C 551 -4.12 13.73 39.62
N GLU C 552 -2.95 14.29 39.29
CA GLU C 552 -2.63 15.65 39.73
C GLU C 552 -3.52 16.73 39.12
N VAL C 553 -4.30 16.36 38.10
CA VAL C 553 -5.20 17.34 37.49
C VAL C 553 -6.22 17.76 38.55
N HIS C 554 -6.61 16.81 39.39
CA HIS C 554 -7.57 17.09 40.44
C HIS C 554 -6.96 17.98 41.51
N LEU C 555 -5.70 17.71 41.85
CA LEU C 555 -5.01 18.50 42.86
C LEU C 555 -4.99 19.95 42.37
N ALA C 556 -4.78 20.12 41.08
CA ALA C 556 -4.73 21.45 40.46
C ALA C 556 -6.06 22.18 40.60
N LEU C 557 -7.15 21.50 40.24
CA LEU C 557 -8.48 22.09 40.35
C LEU C 557 -8.70 22.55 41.78
N ARG C 558 -8.38 21.67 42.73
CA ARG C 558 -8.53 22.00 44.13
C ARG C 558 -7.72 23.27 44.42
N ALA C 559 -6.50 23.33 43.87
CA ALA C 559 -5.63 24.48 44.06
C ALA C 559 -6.24 25.72 43.43
N GLN C 560 -6.84 25.55 42.25
CA GLN C 560 -7.47 26.67 41.56
C GLN C 560 -8.52 27.32 42.45
N ALA C 561 -9.27 26.48 43.16
CA ALA C 561 -10.33 26.94 44.05
C ALA C 561 -9.79 27.72 45.26
N LEU C 562 -8.65 27.30 45.78
CA LEU C 562 -8.05 27.99 46.92
C LEU C 562 -7.54 29.36 46.48
N LEU C 563 -6.92 29.40 45.30
CA LEU C 563 -6.40 30.65 44.76
C LEU C 563 -7.56 31.62 44.51
N ARG C 564 -8.66 31.09 43.98
CA ARG C 564 -9.84 31.92 43.71
C ARG C 564 -10.30 32.49 45.04
N GLU C 565 -10.23 31.65 46.06
CA GLU C 565 -10.60 32.03 47.42
C GLU C 565 -9.76 33.24 47.83
N LYS C 566 -8.59 33.36 47.21
CA LYS C 566 -7.65 34.45 47.49
C LYS C 566 -7.64 35.56 46.45
N GLY C 567 -8.64 35.60 45.58
CA GLY C 567 -8.71 36.64 44.57
C GLY C 567 -7.71 36.48 43.43
N VAL C 568 -7.13 35.30 43.30
CA VAL C 568 -6.15 35.03 42.25
C VAL C 568 -6.79 34.09 41.23
N ARG C 569 -6.92 34.55 39.99
CA ARG C 569 -7.55 33.78 38.92
C ARG C 569 -6.56 32.97 38.10
N VAL C 570 -6.68 31.65 38.14
CA VAL C 570 -5.79 30.80 37.38
C VAL C 570 -6.57 29.81 36.51
N ARG C 571 -6.02 29.54 35.33
CA ARG C 571 -6.62 28.60 34.39
C ARG C 571 -6.02 27.23 34.64
N VAL C 572 -6.83 26.18 34.56
CA VAL C 572 -6.31 24.84 34.77
C VAL C 572 -6.30 24.06 33.46
N VAL C 573 -5.15 23.47 33.16
CA VAL C 573 -4.98 22.68 31.95
C VAL C 573 -4.65 21.23 32.27
N SER C 574 -5.21 20.32 31.47
CA SER C 574 -4.97 18.90 31.63
C SER C 574 -4.12 18.51 30.43
N LEU C 575 -2.96 17.92 30.70
CA LEU C 575 -2.04 17.54 29.65
C LEU C 575 -1.79 16.03 29.67
N PRO C 576 -2.82 15.23 29.34
CA PRO C 576 -2.70 13.77 29.34
C PRO C 576 -1.61 13.22 28.43
N SER C 577 -1.22 13.98 27.40
CA SER C 577 -0.18 13.51 26.50
C SER C 577 0.69 14.60 25.90
N PHE C 578 1.97 14.60 26.29
CA PHE C 578 2.95 15.56 25.78
C PHE C 578 3.08 15.45 24.26
N GLU C 579 3.20 14.21 23.77
CA GLU C 579 3.37 13.99 22.35
C GLU C 579 2.13 14.29 21.51
N LEU C 580 0.95 13.95 22.01
CA LEU C 580 -0.27 14.21 21.26
C LEU C 580 -0.53 15.71 21.25
N PHE C 581 -0.19 16.38 22.35
CA PHE C 581 -0.37 17.82 22.47
C PHE C 581 0.61 18.54 21.55
N ALA C 582 1.84 18.03 21.51
CA ALA C 582 2.88 18.63 20.67
C ALA C 582 2.53 18.53 19.19
N ALA C 583 1.81 17.47 18.82
CA ALA C 583 1.43 17.28 17.42
C ALA C 583 0.45 18.34 16.97
N GLN C 584 -0.32 18.90 17.91
CA GLN C 584 -1.31 19.92 17.60
C GLN C 584 -0.67 21.15 16.97
N PRO C 585 -1.46 21.92 16.21
CA PRO C 585 -0.96 23.14 15.56
C PRO C 585 -0.60 24.20 16.59
N GLU C 586 0.48 24.94 16.30
CA GLU C 586 0.96 25.99 17.20
C GLU C 586 -0.13 26.91 17.75
N ALA C 587 -0.95 27.47 16.87
CA ALA C 587 -2.01 28.38 17.28
C ALA C 587 -2.85 27.79 18.42
N TYR C 588 -3.09 26.49 18.36
CA TYR C 588 -3.88 25.82 19.38
C TYR C 588 -3.14 25.76 20.71
N ARG C 589 -1.87 25.37 20.66
CA ARG C 589 -1.05 25.28 21.87
C ARG C 589 -0.94 26.65 22.54
N LYS C 590 -0.96 27.72 21.73
CA LYS C 590 -0.87 29.07 22.24
C LYS C 590 -2.14 29.42 23.01
N GLU C 591 -3.27 28.91 22.55
CA GLU C 591 -4.55 29.16 23.22
C GLU C 591 -4.50 28.55 24.62
N VAL C 592 -4.30 27.24 24.66
CA VAL C 592 -4.24 26.49 25.91
C VAL C 592 -3.22 27.08 26.90
N LEU C 593 -2.02 27.31 26.41
CA LEU C 593 -0.94 27.87 27.23
C LEU C 593 -0.49 29.18 26.60
N PRO C 594 -1.25 30.26 26.83
CA PRO C 594 -0.92 31.57 26.26
C PRO C 594 0.42 32.13 26.75
N PRO C 595 1.28 32.55 25.81
CA PRO C 595 2.58 33.10 26.17
C PRO C 595 2.44 34.34 27.06
N GLY C 596 3.39 34.53 27.96
CA GLY C 596 3.33 35.67 28.86
C GLY C 596 2.69 35.32 30.20
N LEU C 597 2.03 34.17 30.26
CA LEU C 597 1.39 33.76 31.49
C LEU C 597 2.25 32.77 32.28
N PRO C 598 2.38 33.01 33.60
CA PRO C 598 3.17 32.12 34.48
C PRO C 598 2.49 30.77 34.58
N VAL C 599 3.26 29.70 34.45
CA VAL C 599 2.70 28.37 34.50
C VAL C 599 3.31 27.46 35.57
N VAL C 600 2.45 26.92 36.44
CA VAL C 600 2.91 26.01 37.47
C VAL C 600 2.43 24.62 37.11
N ALA C 601 3.37 23.69 36.97
CA ALA C 601 3.06 22.32 36.62
C ALA C 601 3.01 21.46 37.87
N VAL C 602 2.11 20.49 37.87
CA VAL C 602 1.95 19.57 38.99
C VAL C 602 1.91 18.14 38.47
N GLU C 603 2.89 17.34 38.88
CA GLU C 603 2.97 15.95 38.47
C GLU C 603 3.75 15.17 39.52
N ALA C 604 3.16 14.08 40.01
CA ALA C 604 3.83 13.26 41.01
C ALA C 604 4.96 12.46 40.37
N GLY C 605 5.95 13.17 39.84
CA GLY C 605 7.08 12.51 39.21
C GLY C 605 8.25 13.46 39.09
N ALA C 606 9.35 12.99 38.49
CA ALA C 606 10.55 13.81 38.33
C ALA C 606 10.25 15.14 37.62
N SER C 607 10.94 16.20 38.04
CA SER C 607 10.74 17.53 37.45
C SER C 607 11.43 17.70 36.10
N LEU C 608 12.57 17.03 35.92
CA LEU C 608 13.33 17.13 34.67
C LEU C 608 12.48 17.03 33.41
N GLY C 609 12.37 18.14 32.68
CA GLY C 609 11.59 18.15 31.46
C GLY C 609 10.39 19.07 31.50
N TRP C 610 9.86 19.34 32.68
CA TRP C 610 8.70 20.22 32.78
C TRP C 610 9.00 21.65 32.38
N GLU C 611 10.29 22.00 32.39
CA GLU C 611 10.71 23.34 32.01
C GLU C 611 10.21 23.68 30.62
N ARG C 612 9.85 22.65 29.85
CA ARG C 612 9.34 22.83 28.50
C ARG C 612 7.97 23.52 28.47
N TYR C 613 7.15 23.27 29.48
CA TYR C 613 5.81 23.88 29.54
C TYR C 613 5.54 24.74 30.77
N ALA C 614 6.41 24.67 31.77
CA ALA C 614 6.15 25.44 32.99
C ALA C 614 7.34 26.23 33.53
N HIS C 615 7.05 27.27 34.30
CA HIS C 615 8.08 28.11 34.91
C HIS C 615 8.49 27.50 36.23
N LYS C 616 7.55 26.82 36.88
CA LYS C 616 7.81 26.16 38.15
C LYS C 616 7.06 24.83 38.10
N VAL C 617 7.51 23.88 38.91
CA VAL C 617 6.85 22.59 38.93
C VAL C 617 6.82 21.92 40.29
N VAL C 618 5.62 21.53 40.71
CA VAL C 618 5.44 20.84 41.96
C VAL C 618 5.59 19.38 41.57
N ALA C 619 6.81 18.87 41.70
CA ALA C 619 7.10 17.50 41.31
C ALA C 619 7.75 16.71 42.43
N LEU C 620 8.31 15.55 42.08
CA LEU C 620 8.98 14.68 43.04
C LEU C 620 10.33 14.25 42.46
N ASP C 621 11.41 14.63 43.12
CA ASP C 621 12.74 14.27 42.65
C ASP C 621 13.53 13.45 43.65
N ARG C 622 12.82 12.57 44.33
CA ARG C 622 13.40 11.66 45.30
C ARG C 622 12.49 10.44 45.32
N PHE C 623 13.03 9.31 45.78
CA PHE C 623 12.24 8.10 45.85
C PHE C 623 11.12 8.26 46.88
N GLY C 624 10.08 7.44 46.75
CA GLY C 624 8.93 7.56 47.65
C GLY C 624 9.09 7.08 49.08
N ALA C 625 8.02 6.53 49.61
CA ALA C 625 8.02 6.03 50.98
C ALA C 625 6.82 5.12 51.22
N SER C 626 7.00 4.14 52.12
CA SER C 626 5.92 3.23 52.46
C SER C 626 4.99 3.90 53.44
N ALA C 627 3.77 4.18 52.99
CA ALA C 627 2.76 4.84 53.80
C ALA C 627 1.48 4.84 52.98
N PRO C 628 0.32 4.89 53.65
CA PRO C 628 -1.00 4.90 53.02
C PRO C 628 -1.33 6.17 52.26
N TYR C 629 -2.32 6.07 51.37
CA TYR C 629 -2.81 7.20 50.59
C TYR C 629 -4.04 7.66 51.35
N PRO C 630 -4.31 8.97 51.38
CA PRO C 630 -3.59 10.10 50.78
C PRO C 630 -2.39 10.63 51.58
N GLU C 631 -2.23 10.18 52.81
CA GLU C 631 -1.13 10.67 53.65
C GLU C 631 0.25 10.71 52.97
N VAL C 632 0.64 9.61 52.33
CA VAL C 632 1.94 9.54 51.67
C VAL C 632 2.03 10.53 50.52
N TYR C 633 0.89 10.75 49.88
CA TYR C 633 0.80 11.66 48.74
C TYR C 633 0.90 13.11 49.25
N GLU C 634 0.17 13.39 50.33
CA GLU C 634 0.16 14.72 50.92
C GLU C 634 1.48 15.11 51.57
N ARG C 635 2.09 14.19 52.31
CA ARG C 635 3.35 14.47 52.98
C ARG C 635 4.55 14.46 52.06
N LEU C 636 4.36 14.04 50.82
CA LEU C 636 5.46 14.04 49.87
C LEU C 636 5.42 15.35 49.09
N GLY C 637 4.56 16.26 49.54
CA GLY C 637 4.47 17.57 48.92
C GLY C 637 3.32 17.86 47.99
N PHE C 638 2.39 16.92 47.83
CA PHE C 638 1.27 17.13 46.94
C PHE C 638 -0.04 17.49 47.63
N THR C 639 -0.19 18.78 47.89
CA THR C 639 -1.38 19.31 48.55
C THR C 639 -1.83 20.59 47.87
N PRO C 640 -3.12 20.93 47.96
CA PRO C 640 -3.56 22.17 47.30
C PRO C 640 -2.77 23.36 47.88
N GLU C 641 -2.46 23.28 49.17
CA GLU C 641 -1.71 24.30 49.87
C GLU C 641 -0.35 24.49 49.19
N ARG C 642 0.34 23.38 48.94
CA ARG C 642 1.64 23.40 48.29
C ARG C 642 1.59 23.99 46.88
N VAL C 643 0.63 23.55 46.09
CA VAL C 643 0.49 24.02 44.72
C VAL C 643 0.09 25.50 44.70
N ALA C 644 -0.83 25.86 45.58
CA ALA C 644 -1.31 27.23 45.69
C ALA C 644 -0.17 28.18 46.03
N GLU C 645 0.62 27.83 47.05
CA GLU C 645 1.73 28.70 47.46
C GLU C 645 2.85 28.73 46.43
N ALA C 646 2.97 27.67 45.63
CA ALA C 646 4.00 27.62 44.60
C ALA C 646 3.67 28.67 43.53
N PHE C 647 2.39 28.78 43.17
CA PHE C 647 1.98 29.76 42.18
C PHE C 647 2.14 31.17 42.72
N LEU C 648 1.63 31.39 43.93
CA LEU C 648 1.71 32.70 44.58
C LEU C 648 3.14 33.24 44.65
N SER C 649 4.10 32.36 44.88
CA SER C 649 5.50 32.78 44.98
C SER C 649 6.13 32.97 43.60
N LEU C 650 5.35 32.73 42.56
CA LEU C 650 5.83 32.88 41.19
C LEU C 650 5.20 34.09 40.54
N VAL C 651 3.93 34.35 40.87
CA VAL C 651 3.20 35.48 40.32
C VAL C 651 3.97 36.77 40.51
N ARG D 5 11.18 -28.20 73.45
CA ARG D 5 10.80 -28.84 72.15
C ARG D 5 9.49 -28.30 71.61
N ASP D 6 8.50 -28.17 72.50
CA ASP D 6 7.18 -27.66 72.13
C ASP D 6 7.16 -26.15 71.91
N LEU D 7 8.29 -25.50 72.19
CA LEU D 7 8.38 -24.06 72.01
C LEU D 7 8.55 -23.72 70.53
N GLU D 8 8.77 -24.75 69.72
CA GLU D 8 8.92 -24.56 68.28
C GLU D 8 7.59 -24.06 67.75
N THR D 9 6.59 -24.94 67.77
CA THR D 9 5.26 -24.58 67.31
C THR D 9 4.81 -23.24 67.89
N LEU D 10 5.24 -22.98 69.13
CA LEU D 10 4.89 -21.73 69.80
C LEU D 10 5.54 -20.55 69.09
N SER D 11 6.87 -20.58 69.02
CA SER D 11 7.62 -19.52 68.35
C SER D 11 7.08 -19.37 66.93
N VAL D 12 6.93 -20.51 66.25
CA VAL D 12 6.44 -20.53 64.87
C VAL D 12 5.13 -19.79 64.71
N ASN D 13 4.19 -20.01 65.62
CA ASN D 13 2.91 -19.31 65.55
C ASN D 13 3.04 -17.86 66.00
N ALA D 14 4.16 -17.55 66.63
CA ALA D 14 4.43 -16.19 67.10
C ALA D 14 4.68 -15.33 65.86
N ILE D 15 5.50 -15.87 64.97
CA ILE D 15 5.82 -15.17 63.74
C ILE D 15 4.56 -15.04 62.90
N ARG D 16 3.90 -16.16 62.65
CA ARG D 16 2.68 -16.13 61.86
C ARG D 16 1.69 -15.05 62.30
N PHE D 17 1.39 -15.00 63.60
CA PHE D 17 0.45 -14.01 64.09
C PHE D 17 1.01 -12.59 64.17
N LEU D 18 2.28 -12.44 64.53
CA LEU D 18 2.85 -11.10 64.56
C LEU D 18 2.48 -10.44 63.22
N ALA D 19 2.65 -11.19 62.13
CA ALA D 19 2.33 -10.70 60.80
C ALA D 19 0.82 -10.56 60.63
N ILE D 20 0.08 -11.58 61.01
CA ILE D 20 -1.38 -11.54 60.89
C ILE D 20 -1.91 -10.24 61.46
N ASP D 21 -1.45 -9.93 62.67
CA ASP D 21 -1.88 -8.74 63.39
C ASP D 21 -1.40 -7.43 62.75
N ALA D 22 -0.11 -7.36 62.41
CA ALA D 22 0.44 -6.16 61.80
C ALA D 22 -0.30 -5.79 60.51
N VAL D 23 -0.51 -6.76 59.63
CA VAL D 23 -1.20 -6.50 58.38
C VAL D 23 -2.63 -6.07 58.69
N GLU D 24 -3.29 -6.83 59.57
CA GLU D 24 -4.67 -6.56 59.97
C GLU D 24 -4.86 -5.14 60.51
N LYS D 25 -3.87 -4.63 61.22
CA LYS D 25 -3.97 -3.28 61.78
C LYS D 25 -3.72 -2.25 60.69
N ALA D 26 -2.72 -2.52 59.86
CA ALA D 26 -2.38 -1.62 58.76
C ALA D 26 -3.45 -1.71 57.68
N ARG D 27 -4.25 -2.77 57.74
CA ARG D 27 -5.32 -3.01 56.76
C ARG D 27 -4.67 -3.04 55.37
N SER D 28 -3.39 -3.41 55.33
CA SER D 28 -2.61 -3.48 54.10
C SER D 28 -1.40 -4.38 54.33
N GLY D 29 -0.97 -5.11 53.29
CA GLY D 29 0.19 -5.99 53.41
C GLY D 29 -0.02 -7.43 52.92
N HIS D 30 1.03 -8.23 53.03
CA HIS D 30 1.00 -9.63 52.59
C HIS D 30 1.17 -10.63 53.73
N PRO D 31 0.04 -11.21 54.20
CA PRO D 31 0.00 -12.19 55.28
C PRO D 31 0.10 -13.67 54.87
N GLY D 32 -0.61 -14.03 53.81
CA GLY D 32 -0.62 -15.40 53.35
C GLY D 32 0.73 -16.11 53.22
N PRO D 34 3.90 -15.08 54.68
CA PRO D 34 4.58 -15.20 55.98
C PRO D 34 3.98 -16.28 56.87
N GLY D 36 3.18 -18.96 56.07
CA GLY D 36 3.69 -20.27 55.65
C GLY D 36 5.17 -20.56 55.62
N ALA D 38 7.27 -19.20 57.99
CA ALA D 38 7.75 -18.95 59.35
C ALA D 38 8.81 -19.97 59.80
N PRO D 39 8.47 -21.27 59.81
CA PRO D 39 9.42 -22.29 60.23
C PRO D 39 10.81 -22.15 59.61
N LEU D 40 10.88 -21.73 58.35
CA LEU D 40 12.17 -21.55 57.70
C LEU D 40 12.87 -20.35 58.30
N ALA D 41 12.12 -19.26 58.46
CA ALA D 41 12.68 -18.05 59.06
C ALA D 41 13.09 -18.40 60.48
N TYR D 42 12.15 -19.00 61.21
CA TYR D 42 12.40 -19.42 62.58
C TYR D 42 13.61 -20.33 62.66
N LEU D 43 13.77 -21.17 61.64
CA LEU D 43 14.88 -22.11 61.59
C LEU D 43 16.18 -21.43 61.18
N LEU D 44 16.14 -20.63 60.12
CA LEU D 44 17.31 -19.94 59.62
C LEU D 44 18.04 -19.08 60.66
N PHE D 45 17.33 -18.13 61.25
CA PHE D 45 17.95 -17.24 62.22
C PHE D 45 18.48 -17.95 63.47
N ARG D 46 17.57 -18.48 64.28
CA ARG D 46 17.97 -19.13 65.51
C ARG D 46 19.02 -20.24 65.38
N GLU D 47 18.66 -21.33 64.71
CA GLU D 47 19.56 -22.47 64.57
C GLU D 47 20.70 -22.44 63.56
N VAL D 48 20.37 -22.38 62.27
CA VAL D 48 21.39 -22.42 61.21
C VAL D 48 22.24 -21.17 60.93
N ARG D 50 24.43 -17.69 61.62
CA ARG D 50 25.31 -17.02 62.58
C ARG D 50 25.14 -15.52 62.36
N HIS D 51 24.45 -14.86 63.28
CA HIS D 51 24.21 -13.43 63.17
C HIS D 51 24.22 -12.77 64.54
N ASN D 52 24.57 -11.49 64.59
CA ASN D 52 24.60 -10.74 65.84
C ASN D 52 23.53 -9.65 65.84
N PRO D 53 22.36 -9.93 66.43
CA PRO D 53 21.26 -8.96 66.48
C PRO D 53 21.69 -7.68 67.17
N LEU D 54 22.95 -7.68 67.61
CA LEU D 54 23.55 -6.55 68.30
C LEU D 54 24.36 -5.70 67.34
N ASP D 55 24.79 -6.31 66.23
CA ASP D 55 25.58 -5.61 65.24
C ASP D 55 25.37 -6.16 63.83
N PRO D 56 24.33 -5.67 63.12
CA PRO D 56 24.00 -6.12 61.76
C PRO D 56 25.16 -5.93 60.78
N ASP D 57 26.16 -5.15 61.19
CA ASP D 57 27.31 -4.90 60.33
C ASP D 57 28.45 -5.90 60.51
N TRP D 58 28.22 -6.93 61.31
CA TRP D 58 29.24 -7.94 61.52
C TRP D 58 29.57 -8.53 60.14
N PRO D 59 30.75 -8.16 59.60
CA PRO D 59 31.25 -8.59 58.29
C PRO D 59 31.13 -10.06 57.92
N ASP D 60 31.10 -10.95 58.92
CA ASP D 60 31.01 -12.37 58.63
C ASP D 60 29.69 -13.07 58.91
N ARG D 61 28.63 -12.30 59.18
CA ARG D 61 27.33 -12.90 59.46
C ARG D 61 26.78 -13.69 58.28
N ASP D 62 25.72 -14.46 58.53
CA ASP D 62 25.06 -15.24 57.47
C ASP D 62 24.01 -14.32 56.86
N ARG D 63 24.32 -13.80 55.67
CA ARG D 63 23.42 -12.90 54.96
C ARG D 63 22.13 -13.59 54.56
N PHE D 64 21.00 -12.98 54.89
CA PHE D 64 19.69 -13.52 54.54
C PHE D 64 18.97 -12.55 53.61
N VAL D 65 19.07 -12.78 52.30
CA VAL D 65 18.42 -11.92 51.34
C VAL D 65 16.98 -12.41 51.13
N LEU D 66 16.03 -11.50 51.31
CA LEU D 66 14.62 -11.83 51.15
C LEU D 66 14.09 -11.37 49.78
N SER D 67 14.38 -12.16 48.75
CA SER D 67 13.96 -11.85 47.38
C SER D 67 12.50 -11.44 47.31
N ALA D 68 11.64 -12.25 47.93
CA ALA D 68 10.20 -11.98 47.94
C ALA D 68 9.90 -10.96 49.05
N GLY D 69 10.31 -9.72 48.83
CA GLY D 69 10.10 -8.67 49.80
C GLY D 69 8.67 -8.42 50.23
N HIS D 70 7.72 -8.81 49.42
CA HIS D 70 6.30 -8.61 49.75
C HIS D 70 5.90 -9.33 51.03
N GLY D 71 6.82 -10.12 51.58
CA GLY D 71 6.57 -10.83 52.81
C GLY D 71 7.47 -10.27 53.89
N SER D 72 7.62 -8.95 53.89
CA SER D 72 8.46 -8.22 54.83
C SER D 72 8.22 -8.55 56.29
N LEU D 74 7.63 -11.05 57.62
CA LEU D 74 8.35 -12.29 57.90
C LEU D 74 9.74 -11.98 58.45
N LEU D 75 10.46 -11.11 57.75
CA LEU D 75 11.81 -10.72 58.15
C LEU D 75 11.75 -9.73 59.30
N TYR D 76 10.62 -9.01 59.41
CA TYR D 76 10.47 -8.04 60.48
C TYR D 76 10.22 -8.72 61.82
N ALA D 77 9.15 -9.51 61.90
CA ALA D 77 8.83 -10.22 63.13
C ALA D 77 10.04 -10.98 63.65
N VAL D 78 10.62 -11.82 62.79
CA VAL D 78 11.78 -12.59 63.20
C VAL D 78 12.92 -11.72 63.71
N LEU D 79 13.19 -10.61 63.03
CA LEU D 79 14.27 -9.71 63.45
C LEU D 79 14.05 -9.20 64.88
N HIS D 80 12.80 -8.97 65.22
CA HIS D 80 12.42 -8.49 66.55
C HIS D 80 12.53 -9.64 67.56
N LEU D 81 11.80 -10.72 67.30
CA LEU D 81 11.80 -11.89 68.17
C LEU D 81 13.21 -12.38 68.48
N THR D 82 14.13 -12.20 67.53
CA THR D 82 15.50 -12.66 67.75
C THR D 82 16.32 -11.62 68.52
N GLY D 83 15.80 -10.40 68.64
CA GLY D 83 16.53 -9.38 69.39
C GLY D 83 17.12 -8.19 68.66
N TYR D 84 16.73 -7.97 67.41
CA TYR D 84 17.26 -6.84 66.67
C TYR D 84 16.62 -5.53 67.13
N ASP D 85 17.25 -4.42 66.76
CA ASP D 85 16.75 -3.10 67.13
C ASP D 85 15.46 -2.79 66.39
N LEU D 86 14.39 -3.53 66.72
CA LEU D 86 13.08 -3.34 66.10
C LEU D 86 11.98 -3.52 67.13
N PRO D 87 11.66 -2.44 67.87
CA PRO D 87 10.62 -2.44 68.90
C PRO D 87 9.26 -2.91 68.44
N LEU D 88 8.49 -3.47 69.37
CA LEU D 88 7.15 -3.95 69.07
C LEU D 88 6.33 -2.78 68.54
N GLU D 89 6.79 -1.57 68.84
CA GLU D 89 6.11 -0.35 68.41
C GLU D 89 6.23 -0.16 66.89
N GLU D 90 7.36 -0.56 66.34
CA GLU D 90 7.58 -0.44 64.89
C GLU D 90 6.75 -1.44 64.10
N LEU D 91 6.53 -2.62 64.68
CA LEU D 91 5.74 -3.65 64.01
C LEU D 91 4.28 -3.21 64.03
N LYS D 92 3.93 -2.40 65.03
CA LYS D 92 2.57 -1.89 65.16
C LYS D 92 2.38 -0.70 64.22
N SER D 93 3.45 -0.31 63.54
CA SER D 93 3.41 0.81 62.60
C SER D 93 3.86 0.38 61.20
N PHE D 94 3.87 -0.94 60.97
CA PHE D 94 4.26 -1.50 59.69
C PHE D 94 3.52 -0.80 58.55
N ARG D 95 4.26 -0.41 57.52
CA ARG D 95 3.69 0.27 56.35
C ARG D 95 3.14 1.66 56.65
N GLN D 96 3.69 2.32 57.67
CA GLN D 96 3.22 3.65 58.02
C GLN D 96 4.33 4.69 57.86
N TRP D 97 3.91 5.93 57.62
CA TRP D 97 4.85 7.03 57.41
C TRP D 97 6.02 7.08 58.40
N GLY D 98 7.23 7.01 57.86
CA GLY D 98 8.43 7.06 58.68
C GLY D 98 8.80 5.85 59.50
N SER D 99 7.86 4.92 59.69
CA SER D 99 8.12 3.71 60.48
C SER D 99 9.38 2.98 60.00
N LYS D 100 9.83 2.01 60.77
CA LYS D 100 11.01 1.23 60.42
C LYS D 100 10.61 -0.08 59.76
N THR D 101 9.31 -0.24 59.51
CA THR D 101 8.80 -1.46 58.89
C THR D 101 8.03 -1.13 57.60
N PRO D 102 8.74 -0.72 56.54
CA PRO D 102 8.10 -0.38 55.26
C PRO D 102 7.60 -1.61 54.51
N GLY D 103 6.50 -1.44 53.78
CA GLY D 103 5.91 -2.53 53.02
C GLY D 103 6.91 -3.50 52.42
N HIS D 104 8.07 -2.98 52.02
CA HIS D 104 9.12 -3.80 51.45
C HIS D 104 10.46 -3.49 52.08
N PRO D 105 11.30 -4.52 52.26
CA PRO D 105 12.61 -4.36 52.86
C PRO D 105 13.39 -3.20 52.26
N GLU D 106 14.08 -2.45 53.12
CA GLU D 106 14.88 -1.32 52.68
C GLU D 106 16.24 -1.31 53.36
N ARG D 107 17.28 -1.66 52.60
CA ARG D 107 18.65 -1.68 53.10
C ARG D 107 19.01 -0.35 53.76
N GLY D 108 19.79 -0.41 54.83
CA GLY D 108 20.22 0.80 55.53
C GLY D 108 19.11 1.64 56.14
N HIS D 109 17.95 1.05 56.37
CA HIS D 109 16.84 1.77 56.96
C HIS D 109 16.34 0.98 58.16
N THR D 110 16.30 -0.34 58.00
CA THR D 110 15.87 -1.25 59.06
C THR D 110 17.04 -2.17 59.40
N PRO D 111 17.39 -2.27 60.71
CA PRO D 111 18.50 -3.14 61.10
C PRO D 111 18.17 -4.58 60.72
N GLY D 112 19.11 -5.27 60.10
CA GLY D 112 18.88 -6.65 59.72
C GLY D 112 18.59 -6.83 58.24
N VAL D 113 18.04 -5.80 57.60
CA VAL D 113 17.73 -5.87 56.18
C VAL D 113 19.02 -5.75 55.37
N GLU D 114 19.37 -6.83 54.68
CA GLU D 114 20.59 -6.90 53.87
C GLU D 114 20.44 -6.30 52.47
N VAL D 115 19.25 -6.44 51.91
CA VAL D 115 18.99 -5.96 50.56
C VAL D 115 17.59 -5.38 50.42
N THR D 116 17.48 -4.31 49.66
CA THR D 116 16.18 -3.68 49.43
C THR D 116 15.52 -4.59 48.39
N THR D 117 14.37 -5.16 48.73
CA THR D 117 13.69 -6.05 47.81
C THR D 117 12.27 -5.61 47.53
N GLY D 118 11.64 -6.33 46.60
CA GLY D 118 10.27 -6.00 46.21
C GLY D 118 10.23 -6.31 44.73
N PRO D 119 11.19 -5.78 43.96
CA PRO D 119 11.22 -6.03 42.52
C PRO D 119 11.70 -7.48 42.34
N LEU D 120 10.76 -8.36 42.02
CA LEU D 120 11.08 -9.78 41.86
C LEU D 120 12.36 -10.06 41.07
N GLY D 121 13.23 -10.88 41.64
CA GLY D 121 14.47 -11.22 40.98
C GLY D 121 15.68 -10.44 41.47
N GLN D 122 15.44 -9.24 41.97
CA GLN D 122 16.55 -8.40 42.45
C GLN D 122 17.35 -9.06 43.56
N GLY D 123 16.65 -9.59 44.56
CA GLY D 123 17.33 -10.22 45.68
C GLY D 123 18.14 -11.44 45.28
N ILE D 124 17.46 -12.45 44.74
CA ILE D 124 18.11 -13.69 44.33
C ILE D 124 19.31 -13.35 43.44
N SER D 125 19.09 -12.41 42.52
CA SER D 125 20.14 -11.99 41.59
C SER D 125 21.31 -11.31 42.28
N THR D 126 21.02 -10.32 43.11
CA THR D 126 22.07 -9.60 43.81
C THR D 126 22.73 -10.50 44.84
N ALA D 127 21.96 -11.44 45.37
CA ALA D 127 22.48 -12.38 46.35
C ALA D 127 23.66 -13.12 45.72
N VAL D 128 23.69 -13.16 44.38
CA VAL D 128 24.76 -13.82 43.66
C VAL D 128 26.04 -13.00 43.78
N GLY D 129 25.91 -11.68 43.68
CA GLY D 129 27.07 -10.83 43.82
C GLY D 129 27.47 -10.86 45.29
N LEU D 130 26.48 -11.11 46.13
CA LEU D 130 26.68 -11.19 47.56
C LEU D 130 27.44 -12.48 47.85
N ALA D 131 27.09 -13.55 47.15
CA ALA D 131 27.74 -14.84 47.33
C ALA D 131 29.11 -14.80 46.67
N LEU D 132 29.17 -14.17 45.50
CA LEU D 132 30.43 -14.04 44.77
C LEU D 132 31.34 -13.22 45.67
N ALA D 133 30.72 -12.36 46.46
CA ALA D 133 31.41 -11.48 47.39
C ALA D 133 32.29 -12.21 48.41
N GLU D 134 31.65 -12.98 49.28
CA GLU D 134 32.35 -13.71 50.33
C GLU D 134 33.36 -14.74 49.79
N ARG D 135 33.14 -15.20 48.56
CA ARG D 135 34.03 -16.19 47.97
C ARG D 135 35.30 -15.54 47.45
N LYS D 136 35.13 -14.47 46.68
CA LYS D 136 36.23 -13.73 46.08
C LYS D 136 37.19 -13.17 47.12
N LEU D 137 36.66 -12.70 48.24
CA LEU D 137 37.48 -12.13 49.30
C LEU D 137 38.11 -13.20 50.18
N ALA D 138 37.37 -14.29 50.41
CA ALA D 138 37.87 -15.38 51.23
C ALA D 138 39.07 -16.05 50.56
N ALA D 139 39.17 -15.88 49.25
CA ALA D 139 40.27 -16.46 48.49
C ALA D 139 41.43 -15.48 48.36
N GLU D 140 41.12 -14.20 48.53
CA GLU D 140 42.13 -13.17 48.42
C GLU D 140 42.86 -12.95 49.75
N PHE D 141 42.19 -13.27 50.85
CA PHE D 141 42.78 -13.07 52.18
C PHE D 141 43.04 -14.32 53.02
N ASN D 142 42.01 -15.09 53.33
CA ASN D 142 42.14 -16.32 54.13
C ASN D 142 43.50 -17.01 53.99
N ARG D 143 44.02 -17.49 55.11
CA ARG D 143 45.31 -18.18 55.14
C ARG D 143 45.27 -19.37 56.10
N PRO D 144 46.30 -20.23 56.07
CA PRO D 144 46.34 -21.40 56.96
C PRO D 144 46.01 -21.07 58.41
N GLY D 145 44.92 -21.65 58.92
CA GLY D 145 44.51 -21.40 60.29
C GLY D 145 43.87 -20.03 60.45
N HIS D 146 44.17 -19.14 59.52
CA HIS D 146 43.63 -17.78 59.53
C HIS D 146 42.48 -17.66 58.54
N VAL D 147 41.29 -18.04 58.99
CA VAL D 147 40.10 -17.97 58.15
C VAL D 147 39.26 -16.75 58.57
N VAL D 148 39.73 -15.57 58.17
CA VAL D 148 39.04 -14.33 58.50
C VAL D 148 37.71 -14.21 57.74
N VAL D 149 37.68 -14.78 56.54
CA VAL D 149 36.49 -14.72 55.70
C VAL D 149 35.81 -16.09 55.53
N ASP D 150 34.59 -16.20 56.02
CA ASP D 150 33.84 -17.44 55.90
C ASP D 150 32.37 -17.32 56.29
N HIS D 151 31.51 -16.97 55.33
CA HIS D 151 30.09 -16.85 55.62
C HIS D 151 29.15 -17.31 54.51
N TYR D 152 27.99 -17.84 54.91
CA TYR D 152 26.99 -18.33 53.98
C TYR D 152 26.05 -17.20 53.50
N THR D 153 25.35 -17.47 52.40
CA THR D 153 24.40 -16.53 51.81
C THR D 153 23.09 -17.25 51.59
N TYR D 154 22.05 -16.83 52.29
CA TYR D 154 20.75 -17.46 52.16
C TYR D 154 19.77 -16.55 51.45
N VAL D 155 18.86 -17.14 50.69
CA VAL D 155 17.87 -16.37 49.95
C VAL D 155 16.51 -17.04 50.02
N LEU D 156 15.45 -16.24 50.08
CA LEU D 156 14.09 -16.77 50.11
C LEU D 156 13.31 -16.17 48.96
N ALA D 157 13.03 -16.98 47.93
CA ALA D 157 12.32 -16.51 46.75
C ALA D 157 10.96 -17.18 46.56
N SER D 158 10.13 -16.59 45.70
CA SER D 158 8.80 -17.11 45.41
C SER D 158 8.72 -17.74 44.02
N ASP D 159 7.52 -17.79 43.45
CA ASP D 159 7.37 -18.34 42.10
C ASP D 159 7.74 -17.22 41.14
N GLY D 160 7.24 -16.02 41.44
CA GLY D 160 7.51 -14.87 40.62
C GLY D 160 8.99 -14.60 40.43
N ASP D 161 9.76 -14.74 41.51
CA ASP D 161 11.20 -14.50 41.44
C ASP D 161 11.84 -15.39 40.39
N LEU D 162 11.54 -16.68 40.46
CA LEU D 162 12.12 -17.64 39.53
C LEU D 162 11.64 -17.45 38.11
N GLU D 164 11.26 -14.41 36.69
CA GLU D 164 12.00 -13.26 36.15
C GLU D 164 13.26 -13.74 35.42
N GLY D 165 13.65 -13.00 34.37
CA GLY D 165 14.82 -13.37 33.59
C GLY D 165 16.18 -13.10 34.19
N VAL D 166 16.30 -12.10 35.05
CA VAL D 166 17.59 -11.79 35.66
C VAL D 166 18.06 -12.91 36.60
N SER D 167 17.12 -13.55 37.28
CA SER D 167 17.47 -14.63 38.20
C SER D 167 18.09 -15.74 37.37
N GLY D 168 17.46 -16.05 36.24
CA GLY D 168 17.96 -17.09 35.36
C GLY D 168 19.37 -16.71 34.96
N GLU D 169 19.55 -15.45 34.57
CA GLU D 169 20.86 -14.94 34.17
C GLU D 169 21.86 -15.15 35.30
N ALA D 170 21.46 -14.74 36.50
CA ALA D 170 22.31 -14.85 37.68
C ALA D 170 22.69 -16.30 37.97
N ALA D 171 21.67 -17.16 38.03
CA ALA D 171 21.89 -18.58 38.29
C ALA D 171 22.94 -19.13 37.33
N SER D 172 22.86 -18.73 36.07
CA SER D 172 23.79 -19.17 35.04
C SER D 172 25.24 -18.79 35.37
N LEU D 173 25.47 -17.56 35.82
CA LEU D 173 26.81 -17.12 36.17
C LEU D 173 27.24 -17.77 37.48
N ALA D 174 26.29 -17.91 38.40
CA ALA D 174 26.57 -18.52 39.69
C ALA D 174 27.09 -19.91 39.38
N GLY D 175 26.26 -20.70 38.71
CA GLY D 175 26.65 -22.06 38.33
C GLY D 175 28.02 -22.05 37.69
N HIS D 176 28.18 -21.27 36.62
CA HIS D 176 29.45 -21.20 35.91
C HIS D 176 30.60 -20.97 36.87
N TRP D 177 30.45 -19.97 37.75
CA TRP D 177 31.49 -19.65 38.72
C TRP D 177 31.61 -20.65 39.87
N GLY D 178 30.49 -21.23 40.28
CA GLY D 178 30.52 -22.21 41.35
C GLY D 178 30.50 -21.61 42.75
N LEU D 179 29.30 -21.18 43.16
CA LEU D 179 29.12 -20.59 44.50
C LEU D 179 28.28 -21.56 45.34
N SER D 180 28.98 -22.50 45.99
CA SER D 180 28.34 -23.53 46.83
C SER D 180 27.77 -23.01 48.13
N LYS D 181 28.18 -21.81 48.52
CA LYS D 181 27.72 -21.20 49.76
C LYS D 181 26.37 -20.50 49.55
N LEU D 182 25.89 -20.48 48.32
CA LEU D 182 24.60 -19.87 48.02
C LEU D 182 23.49 -20.89 48.22
N ILE D 183 22.51 -20.53 49.03
CA ILE D 183 21.38 -21.42 49.29
C ILE D 183 20.07 -20.69 49.13
N VAL D 184 19.27 -21.14 48.17
CA VAL D 184 18.00 -20.50 47.92
C VAL D 184 16.82 -21.37 48.31
N PHE D 185 15.81 -20.75 48.90
CA PHE D 185 14.61 -21.47 49.30
C PHE D 185 13.45 -20.94 48.47
N TRP D 186 12.72 -21.84 47.85
CA TRP D 186 11.59 -21.45 47.01
C TRP D 186 10.27 -21.93 47.62
N ASP D 187 9.42 -20.98 47.96
CA ASP D 187 8.13 -21.26 48.55
C ASP D 187 7.19 -21.83 47.49
N ASP D 188 7.19 -23.16 47.36
CA ASP D 188 6.35 -23.84 46.39
C ASP D 188 4.91 -23.93 46.91
N ASN D 189 4.11 -22.91 46.61
CA ASN D 189 2.73 -22.90 47.07
C ASN D 189 1.73 -22.85 45.91
N ARG D 190 2.23 -22.99 44.69
CA ARG D 190 1.41 -22.98 43.48
C ARG D 190 0.37 -21.86 43.40
N ILE D 191 0.65 -20.74 44.04
CA ILE D 191 -0.29 -19.62 44.00
C ILE D 191 0.34 -18.31 43.53
N SER D 192 -0.35 -17.63 42.62
CA SER D 192 0.11 -16.35 42.09
C SER D 192 -1.04 -15.37 42.20
N ILE D 193 -0.72 -14.08 42.07
CA ILE D 193 -1.74 -13.05 42.15
C ILE D 193 -2.91 -13.37 41.22
N ASP D 194 -2.59 -13.83 40.02
CA ASP D 194 -3.60 -14.17 39.02
C ASP D 194 -4.46 -15.36 39.43
N GLY D 195 -3.91 -16.22 40.29
CA GLY D 195 -4.64 -17.40 40.74
C GLY D 195 -3.68 -18.58 40.78
N PRO D 196 -4.13 -19.77 40.36
CA PRO D 196 -3.24 -20.94 40.38
C PRO D 196 -2.04 -20.62 39.51
N THR D 197 -0.83 -20.85 40.02
CA THR D 197 0.36 -20.55 39.23
C THR D 197 0.40 -21.28 37.91
N ASP D 198 -0.18 -22.48 37.86
CA ASP D 198 -0.19 -23.27 36.63
C ASP D 198 -0.89 -22.51 35.50
N LEU D 199 -1.44 -21.35 35.81
CA LEU D 199 -2.11 -20.54 34.80
C LEU D 199 -1.05 -19.98 33.85
N ALA D 200 0.21 -19.95 34.30
CA ALA D 200 1.28 -19.42 33.48
C ALA D 200 2.68 -19.93 33.83
N PHE D 201 2.77 -20.79 34.84
CA PHE D 201 4.07 -21.33 35.25
C PHE D 201 3.97 -22.83 35.44
N THR D 202 4.31 -23.60 34.40
CA THR D 202 4.24 -25.05 34.47
C THR D 202 5.57 -25.70 34.09
N GLU D 203 6.65 -24.92 34.15
CA GLU D 203 7.95 -25.45 33.79
C GLU D 203 8.49 -26.31 34.92
N ASP D 204 9.56 -27.05 34.65
CA ASP D 204 10.20 -27.90 35.65
C ASP D 204 11.43 -27.13 36.11
N VAL D 205 11.23 -26.20 37.03
CA VAL D 205 12.31 -25.35 37.53
C VAL D 205 13.53 -26.09 38.05
N LEU D 206 13.31 -27.14 38.84
CA LEU D 206 14.41 -27.92 39.38
C LEU D 206 15.22 -28.48 38.21
N ALA D 207 14.52 -28.96 37.20
CA ALA D 207 15.17 -29.50 36.01
C ALA D 207 16.03 -28.39 35.44
N ARG D 208 15.46 -27.19 35.36
CA ARG D 208 16.18 -26.04 34.82
C ARG D 208 17.41 -25.67 35.64
N TYR D 209 17.25 -25.55 36.95
CA TYR D 209 18.38 -25.17 37.78
C TYR D 209 19.53 -26.15 37.74
N ARG D 210 19.24 -27.44 37.68
CA ARG D 210 20.33 -28.41 37.63
C ARG D 210 21.08 -28.14 36.34
N ALA D 211 20.32 -27.78 35.29
CA ALA D 211 20.93 -27.46 34.00
C ALA D 211 21.91 -26.29 34.17
N TYR D 212 21.55 -25.31 34.99
CA TYR D 212 22.42 -24.16 35.24
C TYR D 212 23.70 -24.59 35.94
N GLY D 213 23.67 -25.78 36.52
CA GLY D 213 24.82 -26.29 37.24
C GLY D 213 24.56 -26.16 38.72
N TRP D 214 23.27 -26.15 39.07
CA TRP D 214 22.85 -26.03 40.47
C TRP D 214 22.46 -27.39 41.06
N GLN D 215 22.25 -27.39 42.36
CA GLN D 215 21.85 -28.59 43.09
C GLN D 215 20.42 -28.33 43.53
N THR D 216 19.55 -29.31 43.40
CA THR D 216 18.15 -29.12 43.81
C THR D 216 17.64 -30.14 44.82
N LEU D 217 16.98 -29.65 45.86
CA LEU D 217 16.41 -30.50 46.91
C LEU D 217 14.92 -30.23 47.01
N ARG D 218 14.18 -31.15 47.61
CA ARG D 218 12.73 -30.99 47.73
C ARG D 218 12.17 -31.38 49.10
N VAL D 219 11.59 -30.42 49.81
CA VAL D 219 10.99 -30.67 51.12
C VAL D 219 9.49 -30.62 50.91
N GLU D 220 8.81 -31.73 51.22
CA GLU D 220 7.36 -31.84 51.04
C GLU D 220 6.50 -31.00 51.98
N ASP D 221 7.02 -30.67 53.15
CA ASP D 221 6.26 -29.88 54.11
C ASP D 221 7.17 -28.89 54.82
N VAL D 222 6.83 -27.61 54.71
CA VAL D 222 7.62 -26.55 55.33
C VAL D 222 7.69 -26.73 56.84
N ASN D 223 6.57 -27.12 57.46
CA ASN D 223 6.50 -27.31 58.91
C ASN D 223 7.47 -28.37 59.42
N ASP D 224 7.70 -29.41 58.63
CA ASP D 224 8.61 -30.48 59.03
C ASP D 224 10.03 -29.92 59.21
N LEU D 225 10.33 -29.43 60.42
CA LEU D 225 11.64 -28.87 60.69
C LEU D 225 12.80 -29.78 60.33
N GLU D 226 12.79 -31.01 60.83
CA GLU D 226 13.86 -31.95 60.53
C GLU D 226 14.15 -31.97 59.04
N ALA D 227 13.08 -32.09 58.25
CA ALA D 227 13.20 -32.12 56.81
C ALA D 227 14.01 -30.91 56.35
N LEU D 228 13.64 -29.74 56.87
CA LEU D 228 14.34 -28.49 56.55
C LEU D 228 15.79 -28.57 57.00
N ARG D 229 16.00 -29.04 58.23
CA ARG D 229 17.34 -29.16 58.77
C ARG D 229 18.21 -30.02 57.87
N LYS D 230 17.75 -31.23 57.59
CA LYS D 230 18.48 -32.15 56.73
C LYS D 230 18.77 -31.53 55.38
N ALA D 231 17.76 -30.89 54.80
CA ALA D 231 17.91 -30.25 53.50
C ALA D 231 19.12 -29.32 53.47
N ILE D 232 19.14 -28.35 54.38
CA ILE D 232 20.22 -27.38 54.45
C ILE D 232 21.59 -28.04 54.66
N LYS D 233 21.62 -29.08 55.49
CA LYS D 233 22.86 -29.81 55.76
C LYS D 233 23.44 -30.38 54.47
N LEU D 234 22.57 -30.83 53.59
CA LEU D 234 23.00 -31.40 52.31
C LEU D 234 23.59 -30.29 51.44
N ALA D 235 22.91 -29.15 51.39
CA ALA D 235 23.35 -28.01 50.59
C ALA D 235 24.71 -27.47 51.03
N LYS D 236 24.96 -27.46 52.33
CA LYS D 236 26.22 -26.97 52.86
C LYS D 236 27.38 -27.70 52.20
N LEU D 237 27.23 -29.02 52.08
CA LEU D 237 28.25 -29.88 51.52
C LEU D 237 28.50 -29.75 50.02
N ASP D 238 27.42 -29.58 49.24
CA ASP D 238 27.54 -29.44 47.79
C ASP D 238 28.57 -28.39 47.42
N GLU D 239 29.23 -28.59 46.29
CA GLU D 239 30.23 -27.64 45.81
C GLU D 239 29.59 -26.69 44.78
N ARG D 240 28.26 -26.70 44.74
CA ARG D 240 27.52 -25.85 43.82
C ARG D 240 26.32 -25.26 44.54
N PRO D 241 25.75 -24.15 44.02
CA PRO D 241 24.59 -23.56 44.70
C PRO D 241 23.45 -24.56 44.82
N THR D 242 22.46 -24.25 45.66
CA THR D 242 21.36 -25.17 45.85
C THR D 242 19.98 -24.49 45.89
N LEU D 243 19.04 -25.07 45.15
CA LEU D 243 17.69 -24.56 45.14
C LEU D 243 16.81 -25.60 45.86
N ILE D 244 16.28 -25.23 47.01
CA ILE D 244 15.43 -26.15 47.78
C ILE D 244 13.95 -25.84 47.60
N ALA D 245 13.26 -26.70 46.88
CA ALA D 245 11.83 -26.53 46.66
C ALA D 245 11.13 -26.87 47.96
N VAL D 246 10.61 -25.83 48.62
CA VAL D 246 9.91 -25.99 49.89
C VAL D 246 8.42 -25.81 49.71
N ARG D 247 7.68 -26.91 49.84
CA ARG D 247 6.22 -26.88 49.68
C ARG D 247 5.56 -26.16 50.84
N SER D 248 4.64 -25.27 50.54
CA SER D 248 3.92 -24.52 51.57
C SER D 248 2.49 -24.21 51.18
N HIS D 249 1.71 -23.83 52.17
CA HIS D 249 0.30 -23.50 51.96
C HIS D 249 0.06 -22.04 52.35
N ILE D 250 -0.12 -21.19 51.35
CA ILE D 250 -0.35 -19.77 51.59
C ILE D 250 -1.58 -19.61 52.50
N GLY D 251 -1.42 -18.83 53.57
CA GLY D 251 -2.53 -18.61 54.49
C GLY D 251 -2.87 -19.85 55.30
N PHE D 252 -1.85 -20.53 55.82
CA PHE D 252 -2.04 -21.74 56.62
C PHE D 252 -2.73 -21.48 57.95
N GLY D 253 -3.68 -22.35 58.29
CA GLY D 253 -4.41 -22.21 59.54
C GLY D 253 -5.59 -21.27 59.36
N SER D 254 -5.70 -20.68 58.18
CA SER D 254 -6.80 -19.76 57.90
C SER D 254 -7.77 -20.38 56.91
N PRO D 255 -8.99 -19.83 56.83
CA PRO D 255 -10.02 -20.33 55.92
C PRO D 255 -9.62 -20.13 54.46
N LYS D 256 -8.85 -19.06 54.21
CA LYS D 256 -8.42 -18.75 52.86
C LYS D 256 -7.03 -19.29 52.49
N GLN D 257 -6.71 -20.49 52.97
CA GLN D 257 -5.42 -21.09 52.65
C GLN D 257 -5.46 -21.57 51.20
N ASP D 258 -4.30 -21.57 50.53
CA ASP D 258 -4.21 -21.98 49.13
C ASP D 258 -5.19 -21.15 48.29
N SER D 259 -5.37 -19.89 48.68
CA SER D 259 -6.28 -19.00 47.96
C SER D 259 -5.61 -17.67 47.65
N ALA D 260 -5.80 -17.20 46.41
CA ALA D 260 -5.21 -15.94 45.97
C ALA D 260 -5.64 -14.80 46.89
N LYS D 261 -6.80 -14.96 47.53
CA LYS D 261 -7.32 -13.94 48.44
C LYS D 261 -6.48 -13.89 49.72
N ALA D 262 -5.52 -14.79 49.83
CA ALA D 262 -4.66 -14.85 51.00
C ALA D 262 -3.33 -14.14 50.77
N HIS D 263 -3.06 -13.78 49.52
CA HIS D 263 -1.80 -13.12 49.16
C HIS D 263 -1.58 -11.69 49.68
N GLY D 264 -2.19 -10.72 49.01
CA GLY D 264 -1.99 -9.33 49.41
C GLY D 264 -3.20 -8.60 49.94
N GLU D 265 -3.62 -8.96 51.16
CA GLU D 265 -4.77 -8.31 51.79
C GLU D 265 -5.01 -8.90 53.16
N PRO D 266 -5.51 -8.07 54.10
CA PRO D 266 -5.79 -8.53 55.46
C PRO D 266 -6.71 -9.74 55.47
N LEU D 267 -6.52 -10.62 56.46
CA LEU D 267 -7.33 -11.82 56.57
C LEU D 267 -8.73 -11.41 57.00
N GLY D 268 -8.81 -10.28 57.68
CA GLY D 268 -10.10 -9.77 58.13
C GLY D 268 -10.45 -10.30 59.51
N PRO D 269 -11.49 -9.75 60.15
CA PRO D 269 -11.88 -10.23 61.48
C PRO D 269 -12.26 -11.71 61.48
N GLU D 270 -13.34 -12.05 60.78
CA GLU D 270 -13.81 -13.42 60.71
C GLU D 270 -12.68 -14.44 60.51
N ALA D 271 -11.79 -14.16 59.55
CA ALA D 271 -10.69 -15.06 59.26
C ALA D 271 -9.66 -15.15 60.39
N VAL D 272 -9.16 -14.01 60.84
CA VAL D 272 -8.16 -14.00 61.91
C VAL D 272 -8.62 -14.83 63.10
N GLU D 273 -9.88 -14.64 63.51
CA GLU D 273 -10.45 -15.38 64.62
C GLU D 273 -10.39 -16.87 64.30
N ALA D 274 -10.83 -17.22 63.10
CA ALA D 274 -10.84 -18.61 62.64
C ALA D 274 -9.42 -19.16 62.58
N THR D 275 -8.44 -18.27 62.48
CA THR D 275 -7.05 -18.70 62.41
C THR D 275 -6.55 -19.02 63.81
N ARG D 276 -6.72 -18.08 64.73
CA ARG D 276 -6.28 -18.28 66.10
C ARG D 276 -6.90 -19.57 66.64
N ARG D 277 -8.18 -19.74 66.37
CA ARG D 277 -8.93 -20.91 66.81
C ARG D 277 -8.43 -22.19 66.17
N ASN D 278 -8.11 -22.12 64.88
CA ASN D 278 -7.62 -23.28 64.14
C ASN D 278 -6.16 -23.62 64.50
N LEU D 279 -5.38 -22.60 64.84
CA LEU D 279 -3.97 -22.81 65.20
C LEU D 279 -3.75 -22.86 66.70
N GLY D 280 -4.83 -22.74 67.46
CA GLY D 280 -4.71 -22.76 68.91
C GLY D 280 -3.82 -21.66 69.45
N TRP D 281 -4.16 -20.41 69.10
CA TRP D 281 -3.39 -19.26 69.56
C TRP D 281 -4.29 -18.26 70.28
N PRO D 282 -4.39 -18.38 71.62
CA PRO D 282 -5.20 -17.53 72.50
C PRO D 282 -4.65 -16.12 72.76
N TYR D 283 -3.36 -15.94 72.51
CA TYR D 283 -2.69 -14.66 72.73
C TYR D 283 -3.29 -13.52 71.90
N PRO D 284 -3.51 -12.35 72.53
CA PRO D 284 -4.08 -11.18 71.85
C PRO D 284 -3.11 -10.62 70.81
N PRO D 285 -3.62 -9.80 69.87
CA PRO D 285 -2.78 -9.21 68.83
C PRO D 285 -1.51 -8.59 69.39
N PHE D 286 -0.37 -8.98 68.85
CA PHE D 286 0.92 -8.46 69.28
C PHE D 286 1.39 -8.97 70.65
N VAL D 287 0.68 -9.96 71.20
CA VAL D 287 1.07 -10.52 72.48
C VAL D 287 1.82 -11.82 72.26
N VAL D 288 3.10 -11.82 72.59
CA VAL D 288 3.94 -13.01 72.42
C VAL D 288 4.62 -13.40 73.73
N PRO D 289 4.34 -14.62 74.23
CA PRO D 289 4.93 -15.12 75.48
C PRO D 289 6.43 -14.86 75.63
N GLU D 290 6.83 -14.50 76.84
CA GLU D 290 8.22 -14.21 77.15
C GLU D 290 9.15 -15.34 76.73
N GLU D 291 8.86 -16.55 77.20
CA GLU D 291 9.67 -17.72 76.87
C GLU D 291 10.02 -17.76 75.38
N VAL D 292 9.15 -17.22 74.54
CA VAL D 292 9.40 -17.18 73.10
C VAL D 292 10.58 -16.25 72.88
N TYR D 293 10.48 -15.06 73.46
CA TYR D 293 11.54 -14.06 73.37
C TYR D 293 12.84 -14.63 73.92
N ARG D 294 12.76 -15.20 75.11
CA ARG D 294 13.92 -15.79 75.78
C ARG D 294 14.58 -16.83 74.88
N HIS D 295 13.74 -17.63 74.24
CA HIS D 295 14.20 -18.68 73.34
C HIS D 295 14.83 -18.12 72.06
N ASP D 297 15.86 -15.11 71.58
CA ASP D 297 16.90 -14.13 71.84
C ASP D 297 18.29 -14.62 71.44
N ARG D 299 20.75 -12.58 71.22
CA ARG D 299 21.61 -11.53 71.75
C ARG D 299 22.99 -12.01 72.21
N GLU D 300 23.03 -12.93 73.17
CA GLU D 300 24.30 -13.44 73.68
C GLU D 300 25.02 -14.33 72.68
N LYS D 301 24.25 -15.08 71.91
CA LYS D 301 24.83 -15.96 70.91
C LYS D 301 25.51 -15.04 69.89
N GLY D 302 25.00 -13.81 69.79
CA GLY D 302 25.54 -12.82 68.87
C GLY D 302 26.96 -12.37 69.16
N ARG D 303 27.13 -11.58 70.21
CA ARG D 303 28.46 -11.10 70.57
C ARG D 303 29.39 -12.29 70.72
N ALA D 304 28.81 -13.45 71.03
CA ALA D 304 29.57 -14.68 71.19
C ALA D 304 30.19 -15.07 69.85
N TRP D 305 29.42 -14.94 68.78
CA TRP D 305 29.92 -15.27 67.45
C TRP D 305 30.87 -14.19 66.95
N GLN D 306 30.53 -12.94 67.19
CA GLN D 306 31.35 -11.83 66.75
C GLN D 306 32.68 -11.73 67.49
N GLU D 307 32.65 -11.88 68.81
CA GLU D 307 33.87 -11.80 69.61
C GLU D 307 34.89 -12.81 69.10
N ALA D 308 34.43 -14.04 68.86
CA ALA D 308 35.29 -15.10 68.37
C ALA D 308 35.95 -14.65 67.08
N TRP D 309 35.16 -14.00 66.21
CA TRP D 309 35.66 -13.50 64.94
C TRP D 309 36.67 -12.38 65.21
N GLU D 310 36.29 -11.48 66.12
CA GLU D 310 37.15 -10.35 66.49
C GLU D 310 38.51 -10.90 66.91
N LYS D 311 38.49 -11.81 67.88
CA LYS D 311 39.72 -12.42 68.38
C LYS D 311 40.50 -13.07 67.25
N ALA D 312 39.77 -13.72 66.34
CA ALA D 312 40.41 -14.37 65.21
C ALA D 312 41.14 -13.34 64.36
N LEU D 313 40.57 -12.14 64.26
CA LEU D 313 41.17 -11.06 63.50
C LEU D 313 42.44 -10.58 64.18
N GLU D 314 42.47 -10.71 65.51
CA GLU D 314 43.63 -10.29 66.31
C GLU D 314 44.84 -11.14 65.93
N ALA D 315 44.71 -12.45 66.14
CA ALA D 315 45.79 -13.37 65.82
C ALA D 315 46.15 -13.17 64.36
N TYR D 316 45.13 -13.05 63.53
CA TYR D 316 45.30 -12.83 62.10
C TYR D 316 46.12 -11.56 61.91
N ALA D 317 45.73 -10.50 62.62
CA ALA D 317 46.42 -9.23 62.55
C ALA D 317 47.92 -9.48 62.73
N ARG D 318 48.29 -9.90 63.93
CA ARG D 318 49.69 -10.17 64.24
C ARG D 318 50.29 -11.13 63.23
N ALA D 319 49.54 -12.18 62.90
CA ALA D 319 49.99 -13.20 61.95
C ALA D 319 50.59 -12.64 60.67
N TYR D 320 49.89 -11.70 60.02
CA TYR D 320 50.38 -11.10 58.79
C TYR D 320 50.69 -9.62 59.01
N PRO D 321 51.46 -8.98 58.09
CA PRO D 321 51.70 -7.57 58.43
C PRO D 321 50.91 -6.46 57.73
N ASP D 322 51.09 -6.30 56.43
CA ASP D 322 50.37 -5.24 55.72
C ASP D 322 49.12 -5.83 55.09
N LEU D 323 49.07 -7.15 55.10
CA LEU D 323 47.94 -7.87 54.56
C LEU D 323 46.83 -7.83 55.60
N HIS D 324 46.89 -6.82 56.47
CA HIS D 324 45.88 -6.63 57.51
C HIS D 324 45.33 -5.21 57.40
N GLN D 325 46.24 -4.24 57.30
CA GLN D 325 45.85 -2.85 57.16
C GLN D 325 45.25 -2.65 55.78
N GLU D 326 44.74 -3.75 55.22
CA GLU D 326 44.12 -3.77 53.90
C GLU D 326 42.72 -4.31 54.09
N LEU D 327 42.65 -5.49 54.68
CA LEU D 327 41.40 -6.17 54.95
C LEU D 327 40.51 -5.22 55.77
N ARG D 329 41.13 -1.61 55.96
CA ARG D 329 40.93 -0.41 55.15
C ARG D 329 39.94 -0.63 53.98
N ARG D 330 40.24 -1.58 53.10
CA ARG D 330 39.33 -1.89 52.00
C ARG D 330 37.96 -2.20 52.60
N LEU D 331 37.94 -2.57 53.87
CA LEU D 331 36.68 -2.91 54.55
C LEU D 331 36.10 -1.66 55.21
N ARG D 332 36.90 -0.60 55.21
CA ARG D 332 36.50 0.67 55.79
C ARG D 332 36.03 1.63 54.70
N GLY D 333 36.00 1.14 53.46
CA GLY D 333 35.57 1.98 52.35
C GLY D 333 36.50 3.15 52.08
N GLU D 334 37.55 3.27 52.89
CA GLU D 334 38.52 4.34 52.73
C GLU D 334 39.30 4.12 51.45
N LEU D 335 39.46 5.17 50.66
CA LEU D 335 40.22 5.08 49.42
C LEU D 335 41.67 5.49 49.70
N PRO D 336 42.60 5.14 48.81
CA PRO D 336 44.01 5.48 49.01
C PRO D 336 44.45 6.68 48.17
N PRO D 337 45.69 7.16 48.37
CA PRO D 337 46.18 8.31 47.61
C PRO D 337 46.34 7.94 46.14
N LEU D 338 45.43 8.43 45.31
CA LEU D 338 45.45 8.14 43.89
C LEU D 338 45.96 9.35 43.11
N PRO D 339 46.36 9.13 41.85
CA PRO D 339 46.86 10.22 41.01
C PRO D 339 45.96 11.45 41.00
N GLU D 340 46.46 12.55 40.46
CA GLU D 340 45.71 13.79 40.38
C GLU D 340 45.99 14.38 39.01
N GLU D 341 46.94 13.78 38.31
CA GLU D 341 47.33 14.20 36.97
C GLU D 341 46.89 13.13 35.98
N PRO D 342 46.21 13.52 34.90
CA PRO D 342 45.77 12.53 33.91
C PRO D 342 46.96 12.02 33.11
N PRO D 343 46.84 10.82 32.51
CA PRO D 343 47.95 10.29 31.72
C PRO D 343 48.19 11.15 30.49
N SER D 344 49.35 10.96 29.85
CA SER D 344 49.68 11.73 28.65
C SER D 344 48.78 11.42 27.47
N PHE D 345 48.63 12.41 26.60
CA PHE D 345 47.81 12.30 25.41
C PHE D 345 48.38 13.26 24.37
N ASP D 346 48.60 12.78 23.15
CA ASP D 346 49.17 13.62 22.10
C ASP D 346 48.32 13.63 20.84
N LYS D 347 47.36 12.73 20.77
CA LYS D 347 46.50 12.66 19.59
C LYS D 347 45.04 12.43 19.96
N PRO D 348 44.11 12.75 19.03
CA PRO D 348 42.69 12.55 19.31
C PRO D 348 42.44 11.09 19.66
N ILE D 349 41.66 10.88 20.71
CA ILE D 349 41.35 9.54 21.19
C ILE D 349 39.87 9.46 21.60
N ALA D 350 39.30 8.26 21.56
CA ALA D 350 37.91 8.08 21.95
C ALA D 350 37.90 8.04 23.47
N THR D 351 36.95 8.73 24.09
CA THR D 351 36.89 8.75 25.54
C THR D 351 36.84 7.35 26.12
N ARG D 352 36.38 6.38 25.31
CA ARG D 352 36.32 5.01 25.79
C ARG D 352 37.76 4.49 25.90
N ALA D 353 38.58 4.88 24.93
CA ALA D 353 39.98 4.48 24.94
C ALA D 353 40.66 5.32 26.03
N ALA D 354 40.35 6.61 26.03
CA ALA D 354 40.92 7.52 27.02
C ALA D 354 40.61 6.96 28.40
N SER D 355 39.44 6.34 28.52
CA SER D 355 39.01 5.75 29.78
C SER D 355 39.98 4.61 30.11
N GLY D 356 40.18 3.72 29.14
CA GLY D 356 41.07 2.59 29.35
C GLY D 356 42.40 3.02 29.93
N ARG D 357 42.89 4.16 29.47
CA ARG D 357 44.16 4.69 29.96
C ARG D 357 44.05 5.10 31.42
N ALA D 358 42.95 5.78 31.75
CA ALA D 358 42.71 6.22 33.12
C ALA D 358 42.77 5.01 34.04
N LEU D 359 42.26 3.88 33.56
CA LEU D 359 42.28 2.66 34.34
C LEU D 359 43.68 2.04 34.32
N ASN D 360 44.46 2.35 33.29
CA ASN D 360 45.82 1.81 33.20
C ASN D 360 46.72 2.48 34.23
N LEU D 361 46.27 3.61 34.77
CA LEU D 361 47.05 4.34 35.75
C LEU D 361 46.47 4.27 37.15
N LEU D 362 45.20 3.88 37.28
CA LEU D 362 44.55 3.80 38.58
C LEU D 362 44.48 2.37 39.14
N ALA D 363 44.40 1.38 38.25
CA ALA D 363 44.30 -0.02 38.66
C ALA D 363 45.28 -0.47 39.74
N PRO D 364 46.60 -0.35 39.48
CA PRO D 364 47.61 -0.78 40.45
C PRO D 364 47.35 -0.31 41.89
N ARG D 365 47.27 1.01 42.08
CA ARG D 365 47.04 1.59 43.40
C ARG D 365 45.69 1.15 43.95
N LEU D 366 44.85 0.60 43.08
CA LEU D 366 43.54 0.15 43.48
C LEU D 366 43.40 -1.37 43.40
N PRO D 367 43.88 -2.08 44.43
CA PRO D 367 43.79 -3.55 44.44
C PRO D 367 42.40 -4.03 44.87
N GLU D 368 41.46 -3.10 44.99
CA GLU D 368 40.10 -3.44 45.40
C GLU D 368 39.09 -3.20 44.29
N LEU D 369 39.59 -2.83 43.11
CA LEU D 369 38.75 -2.55 41.96
C LEU D 369 38.40 -3.79 41.12
N LEU D 370 37.11 -4.04 40.95
CA LEU D 370 36.66 -5.17 40.14
C LEU D 370 35.92 -4.60 38.94
N GLY D 371 36.49 -4.76 37.74
CA GLY D 371 35.87 -4.25 36.54
C GLY D 371 35.00 -5.27 35.82
N GLY D 372 35.11 -5.29 34.50
CA GLY D 372 34.34 -6.23 33.72
C GLY D 372 33.54 -5.61 32.58
N SER D 373 32.93 -6.48 31.78
CA SER D 373 32.14 -6.04 30.64
C SER D 373 31.14 -7.14 30.29
N ALA D 374 30.04 -6.77 29.66
CA ALA D 374 29.03 -7.73 29.25
C ALA D 374 29.33 -8.18 27.82
N ASP D 375 30.44 -8.87 27.65
CA ASP D 375 30.89 -9.40 26.35
C ASP D 375 31.28 -8.29 25.37
N LEU D 376 31.84 -7.22 25.91
CA LEU D 376 32.27 -6.09 25.09
C LEU D 376 33.58 -5.54 25.63
N THR D 377 34.38 -6.43 26.20
CA THR D 377 35.66 -6.07 26.77
C THR D 377 36.56 -5.30 25.79
N PRO D 378 36.72 -5.81 24.57
CA PRO D 378 37.57 -5.09 23.61
C PRO D 378 36.91 -3.81 23.11
N SER D 379 35.61 -3.70 23.33
CA SER D 379 34.84 -2.54 22.87
C SER D 379 34.65 -1.46 23.93
N ASN D 380 34.64 -1.89 25.20
CA ASN D 380 34.45 -0.97 26.31
C ASN D 380 35.75 -0.53 26.96
N ASN D 381 36.85 -1.16 26.56
CA ASN D 381 38.16 -0.83 27.12
C ASN D 381 38.02 -0.91 28.64
N THR D 382 37.39 -1.98 29.10
CA THR D 382 37.16 -2.18 30.53
C THR D 382 38.16 -3.09 31.23
N LYS D 383 39.00 -3.78 30.48
CA LYS D 383 39.99 -4.65 31.09
C LYS D 383 41.26 -3.86 31.32
N ALA D 384 41.44 -3.40 32.56
CA ALA D 384 42.60 -2.61 32.93
C ALA D 384 43.90 -3.38 32.70
N GLU D 385 44.93 -2.65 32.31
CA GLU D 385 46.23 -3.25 32.07
C GLU D 385 46.69 -3.95 33.35
N GLY D 386 47.43 -5.04 33.20
CA GLY D 386 47.90 -5.76 34.37
C GLY D 386 46.82 -6.63 35.00
N GLU D 388 44.04 -9.50 35.42
CA GLU D 388 43.90 -10.88 34.98
C GLU D 388 42.44 -11.29 35.11
N ASP D 389 42.04 -12.29 34.32
CA ASP D 389 40.66 -12.77 34.36
C ASP D 389 40.36 -13.61 35.59
N PHE D 390 39.07 -13.72 35.89
CA PHE D 390 38.59 -14.50 37.04
C PHE D 390 37.82 -15.71 36.53
N SER D 391 37.74 -16.75 37.37
CA SER D 391 37.02 -17.97 37.03
C SER D 391 37.08 -18.91 38.22
N ARG D 392 36.13 -19.83 38.31
CA ARG D 392 36.13 -20.80 39.40
C ARG D 392 37.51 -21.43 39.49
N ALA D 393 38.18 -21.54 38.36
CA ALA D 393 39.52 -22.09 38.31
C ALA D 393 40.42 -21.16 39.09
N ASN D 394 40.34 -19.87 38.76
CA ASN D 394 41.14 -18.84 39.42
C ASN D 394 40.23 -17.83 40.12
N PRO D 395 39.98 -18.03 41.42
CA PRO D 395 39.14 -17.13 42.20
C PRO D 395 39.78 -15.78 42.56
N LEU D 396 41.00 -15.55 42.08
CA LEU D 396 41.71 -14.31 42.36
C LEU D 396 41.43 -13.24 41.31
N GLY D 397 41.23 -13.68 40.07
CA GLY D 397 40.96 -12.76 38.96
C GLY D 397 40.18 -11.52 39.31
N ARG D 398 40.66 -10.37 38.84
CA ARG D 398 40.00 -9.10 39.09
C ARG D 398 39.05 -8.70 37.96
N TYR D 399 39.30 -9.19 36.75
CA TYR D 399 38.43 -8.87 35.63
C TYR D 399 37.32 -9.90 35.51
N LEU D 400 36.09 -9.43 35.30
CA LEU D 400 34.95 -10.33 35.20
C LEU D 400 34.24 -10.29 33.84
N HIS D 401 33.97 -11.47 33.30
CA HIS D 401 33.26 -11.60 32.04
C HIS D 401 31.86 -12.06 32.39
N PHE D 402 30.89 -11.19 32.17
CA PHE D 402 29.50 -11.52 32.49
C PHE D 402 28.81 -12.13 31.27
N GLY D 403 29.50 -12.19 30.15
CA GLY D 403 28.87 -12.72 28.96
C GLY D 403 27.79 -11.72 28.58
N VAL D 404 26.76 -12.18 27.87
CA VAL D 404 25.69 -11.28 27.46
C VAL D 404 24.51 -11.25 28.40
N ARG D 405 24.76 -10.78 29.63
CA ARG D 405 23.73 -10.67 30.65
C ARG D 405 23.95 -9.33 31.35
N GLU D 406 23.40 -8.26 30.77
CA GLU D 406 23.56 -6.93 31.35
C GLU D 406 22.92 -6.81 32.72
N HIS D 407 21.64 -7.16 32.80
CA HIS D 407 20.88 -7.07 34.04
C HIS D 407 21.62 -7.76 35.18
N ALA D 408 21.94 -9.05 35.00
CA ALA D 408 22.66 -9.81 36.01
C ALA D 408 23.95 -9.10 36.39
N GLY D 410 24.37 -6.08 36.46
CA GLY D 410 23.95 -4.98 37.31
C GLY D 410 23.63 -5.42 38.73
N ALA D 411 22.74 -6.39 38.87
CA ALA D 411 22.35 -6.89 40.17
C ALA D 411 23.54 -7.47 40.92
N ILE D 412 24.50 -8.01 40.17
CA ILE D 412 25.70 -8.58 40.77
C ILE D 412 26.69 -7.49 41.13
N LEU D 413 26.81 -6.47 40.28
CA LEU D 413 27.72 -5.36 40.58
C LEU D 413 27.27 -4.75 41.90
N ASN D 414 25.96 -4.71 42.10
CA ASN D 414 25.41 -4.17 43.35
C ASN D 414 25.79 -5.11 44.48
N GLY D 415 26.61 -6.10 44.15
CA GLY D 415 27.08 -7.06 45.14
C GLY D 415 28.52 -6.76 45.51
N LEU D 416 29.42 -6.88 44.55
CA LEU D 416 30.83 -6.61 44.80
C LEU D 416 31.04 -5.38 45.69
N ASN D 417 30.20 -4.37 45.50
CA ASN D 417 30.29 -3.13 46.28
C ASN D 417 29.53 -3.16 47.59
N LEU D 418 28.41 -3.89 47.62
CA LEU D 418 27.59 -4.01 48.82
C LEU D 418 28.13 -4.97 49.88
N HIS D 419 29.33 -5.52 49.66
CA HIS D 419 29.89 -6.46 50.60
C HIS D 419 31.07 -5.92 51.40
N GLY D 420 31.92 -5.14 50.74
CA GLY D 420 33.08 -4.58 51.43
C GLY D 420 34.39 -5.07 50.85
N GLY D 421 35.42 -4.24 50.92
CA GLY D 421 36.71 -4.62 50.40
C GLY D 421 36.82 -4.51 48.89
N TYR D 422 35.69 -4.41 48.21
CA TYR D 422 35.68 -4.30 46.75
C TYR D 422 34.89 -3.10 46.22
N ARG D 423 35.37 -2.56 45.11
CA ARG D 423 34.72 -1.46 44.42
C ARG D 423 34.66 -1.90 42.97
N ALA D 424 33.52 -2.43 42.55
CA ALA D 424 33.37 -2.95 41.20
C ALA D 424 32.56 -2.13 40.19
N TYR D 425 33.04 -2.12 38.96
CA TYR D 425 32.40 -1.42 37.86
C TYR D 425 32.26 -2.39 36.69
N GLY D 426 31.30 -2.12 35.81
CA GLY D 426 31.08 -2.98 34.66
C GLY D 426 30.67 -2.16 33.46
N GLY D 427 31.00 -2.65 32.26
CA GLY D 427 30.66 -1.92 31.06
C GLY D 427 29.84 -2.65 30.00
N THR D 428 29.23 -1.84 29.14
CA THR D 428 28.42 -2.29 28.01
C THR D 428 28.11 -1.02 27.22
N PHE D 429 27.29 -1.14 26.18
CA PHE D 429 26.93 0.03 25.38
C PHE D 429 25.81 0.75 26.11
N LEU D 430 25.81 2.08 26.02
CA LEU D 430 24.79 2.89 26.67
C LEU D 430 23.38 2.45 26.30
N VAL D 431 23.17 2.11 25.03
CA VAL D 431 21.86 1.69 24.57
C VAL D 431 21.36 0.51 25.40
N PHE D 432 22.27 -0.36 25.82
CA PHE D 432 21.88 -1.53 26.57
C PHE D 432 21.64 -1.27 28.05
N SER D 433 21.75 -0.02 28.48
CA SER D 433 21.49 0.29 29.87
C SER D 433 20.02 -0.06 30.11
N ASP D 434 19.28 -0.19 29.01
CA ASP D 434 17.86 -0.52 29.05
C ASP D 434 17.59 -1.92 29.63
N TYR D 435 18.53 -2.84 29.41
CA TYR D 435 18.39 -4.21 29.92
C TYR D 435 18.63 -4.31 31.42
N ARG D 437 18.21 -1.83 33.71
CA ARG D 437 17.55 -0.68 34.32
C ARG D 437 17.07 -0.83 35.77
N PRO D 438 16.47 -1.98 36.12
CA PRO D 438 15.97 -2.17 37.49
C PRO D 438 17.06 -2.24 38.56
N ALA D 439 18.25 -2.70 38.17
CA ALA D 439 19.35 -2.81 39.09
C ALA D 439 20.05 -1.46 39.27
N ILE D 440 20.01 -0.63 38.23
CA ILE D 440 20.61 0.68 38.32
C ILE D 440 19.78 1.45 39.34
N ARG D 441 18.46 1.35 39.20
CA ARG D 441 17.55 2.02 40.12
C ARG D 441 17.74 1.45 41.52
N LEU D 442 17.95 0.14 41.61
CA LEU D 442 18.15 -0.47 42.93
C LEU D 442 19.40 0.09 43.57
N ALA D 443 20.46 0.28 42.78
CA ALA D 443 21.71 0.83 43.30
C ALA D 443 21.48 2.29 43.73
N ALA D 444 20.51 2.94 43.09
CA ALA D 444 20.18 4.33 43.42
C ALA D 444 19.34 4.41 44.68
N LEU D 445 18.52 3.39 44.92
CA LEU D 445 17.66 3.34 46.10
C LEU D 445 18.38 2.95 47.37
N GLY D 447 21.90 3.31 47.73
CA GLY D 447 23.02 4.19 47.94
C GLY D 447 24.32 3.49 47.61
N VAL D 448 24.24 2.38 46.88
CA VAL D 448 25.44 1.63 46.50
C VAL D 448 26.17 2.33 45.37
N PRO D 449 27.45 2.68 45.59
CA PRO D 449 28.29 3.37 44.61
C PRO D 449 28.77 2.51 43.43
N THR D 450 27.84 1.81 42.77
CA THR D 450 28.21 0.99 41.63
C THR D 450 28.59 1.90 40.48
N VAL D 451 29.62 1.52 39.73
CA VAL D 451 30.05 2.34 38.60
C VAL D 451 29.71 1.64 37.30
N PHE D 452 28.76 2.22 36.56
CA PHE D 452 28.34 1.67 35.28
C PHE D 452 29.02 2.41 34.14
N VAL D 453 29.82 1.70 33.35
CA VAL D 453 30.51 2.30 32.23
C VAL D 453 29.76 1.97 30.95
N PHE D 454 29.40 3.01 30.20
CA PHE D 454 28.68 2.83 28.95
C PHE D 454 29.48 3.52 27.84
N THR D 455 29.77 2.79 26.77
CA THR D 455 30.51 3.36 25.65
C THR D 455 29.58 3.50 24.45
N HIS D 456 30.10 3.93 23.30
CA HIS D 456 29.27 4.10 22.11
C HIS D 456 28.01 4.90 22.48
N ASP D 457 28.23 6.05 23.11
CA ASP D 457 27.14 6.90 23.58
C ASP D 457 26.24 7.64 22.60
N SER D 458 26.46 7.51 21.30
CA SER D 458 25.59 8.23 20.38
C SER D 458 25.63 7.69 18.97
N ILE D 459 24.88 8.36 18.11
CA ILE D 459 24.81 8.00 16.70
C ILE D 459 26.21 8.04 16.09
N ALA D 460 27.11 8.75 16.75
CA ALA D 460 28.49 8.84 16.26
C ALA D 460 29.11 7.45 16.18
N LEU D 461 28.59 6.52 16.99
CA LEU D 461 29.11 5.15 16.98
C LEU D 461 29.16 4.63 15.53
N GLY D 462 28.26 5.15 14.70
CA GLY D 462 28.27 4.76 13.31
C GLY D 462 27.38 3.67 12.74
N GLU D 463 27.99 2.89 11.85
CA GLU D 463 27.33 1.81 11.11
C GLU D 463 26.43 0.78 11.80
N ASP D 464 26.62 0.51 13.09
CA ASP D 464 25.75 -0.47 13.74
C ASP D 464 24.27 -0.10 13.61
N GLY D 465 23.97 1.18 13.50
CA GLY D 465 22.58 1.58 13.32
C GLY D 465 21.76 1.98 14.53
N PRO D 466 20.48 2.34 14.30
CA PRO D 466 19.48 2.77 15.27
C PRO D 466 19.22 1.88 16.48
N THR D 467 19.41 0.58 16.34
CA THR D 467 19.18 -0.32 17.48
C THR D 467 20.29 -0.20 18.52
N HIS D 468 21.45 0.29 18.09
CA HIS D 468 22.59 0.45 18.99
C HIS D 468 22.89 1.89 19.37
N GLN D 469 22.27 2.83 18.66
CA GLN D 469 22.51 4.23 18.93
C GLN D 469 21.58 4.80 19.99
N PRO D 470 22.16 5.30 21.09
CA PRO D 470 21.38 5.87 22.20
C PRO D 470 20.70 7.17 21.78
N VAL D 471 19.54 7.44 22.36
CA VAL D 471 18.84 8.68 22.06
C VAL D 471 18.22 9.25 23.33
N GLU D 472 17.33 8.49 23.94
CA GLU D 472 16.65 8.92 25.15
C GLU D 472 17.43 8.57 26.42
N HIS D 473 18.37 7.65 26.29
CA HIS D 473 19.15 7.17 27.43
C HIS D 473 19.76 8.18 28.40
N LEU D 474 20.43 9.22 27.88
CA LEU D 474 21.04 10.20 28.76
C LEU D 474 20.03 10.84 29.71
N SER D 476 16.89 9.75 30.35
CA SER D 476 16.14 8.78 31.15
C SER D 476 16.93 8.43 32.42
N LEU D 477 18.25 8.57 32.35
CA LEU D 477 19.10 8.27 33.50
C LEU D 477 19.22 9.50 34.41
N ARG D 478 19.25 10.69 33.81
CA ARG D 478 19.37 11.92 34.59
C ARG D 478 18.12 12.16 35.43
N ALA D 479 16.99 11.64 34.98
CA ALA D 479 15.74 11.82 35.72
C ALA D 479 15.71 10.94 36.97
N PRO D 481 16.69 9.72 40.55
CA PRO D 481 17.28 10.27 41.77
C PRO D 481 18.54 9.51 42.18
N ASN D 482 19.45 10.23 42.85
CA ASN D 482 20.69 9.69 43.33
C ASN D 482 21.50 8.90 42.30
N LEU D 483 21.79 9.54 41.19
CA LEU D 483 22.57 8.91 40.14
C LEU D 483 23.31 9.98 39.36
N PHE D 484 24.63 9.89 39.33
CA PHE D 484 25.41 10.85 38.58
C PHE D 484 25.61 10.36 37.16
N VAL D 485 25.49 11.26 36.20
CA VAL D 485 25.70 10.91 34.81
C VAL D 485 26.81 11.81 34.32
N ILE D 486 27.97 11.23 34.04
CA ILE D 486 29.10 12.01 33.59
C ILE D 486 29.45 11.67 32.15
N ARG D 487 29.49 12.70 31.31
CA ARG D 487 29.81 12.54 29.90
C ARG D 487 31.06 13.36 29.57
N PRO D 488 32.25 12.80 29.85
CA PRO D 488 33.51 13.49 29.58
C PRO D 488 33.65 13.99 28.15
N ALA D 489 34.04 15.25 28.01
CA ALA D 489 34.21 15.86 26.69
C ALA D 489 35.45 15.35 25.96
N ASP D 490 36.42 14.83 26.71
CA ASP D 490 37.64 14.33 26.09
C ASP D 490 38.45 13.43 27.02
N ALA D 491 39.62 13.04 26.55
CA ALA D 491 40.53 12.17 27.29
C ALA D 491 40.86 12.66 28.69
N TYR D 492 41.10 13.97 28.82
CA TYR D 492 41.45 14.55 30.11
C TYR D 492 40.23 14.62 31.02
N GLU D 493 39.10 15.05 30.47
CA GLU D 493 37.88 15.12 31.25
C GLU D 493 37.51 13.72 31.73
N THR D 494 37.86 12.72 30.93
CA THR D 494 37.56 11.32 31.26
C THR D 494 38.26 10.92 32.56
N PHE D 495 39.51 11.33 32.70
CA PHE D 495 40.30 11.03 33.90
C PHE D 495 39.58 11.50 35.16
N TYR D 496 39.32 12.79 35.21
CA TYR D 496 38.64 13.38 36.35
C TYR D 496 37.27 12.75 36.56
N ALA D 497 36.63 12.40 35.44
CA ALA D 497 35.31 11.76 35.50
C ALA D 497 35.46 10.48 36.32
N TRP D 498 36.54 9.74 36.08
CA TRP D 498 36.77 8.52 36.82
C TRP D 498 37.03 8.84 38.29
N LEU D 499 37.74 9.94 38.53
CA LEU D 499 38.05 10.36 39.90
C LEU D 499 36.79 10.69 40.68
N VAL D 500 35.93 11.54 40.10
CA VAL D 500 34.69 11.91 40.76
C VAL D 500 33.83 10.69 41.04
N ALA D 501 33.75 9.79 40.07
CA ALA D 501 32.96 8.58 40.25
C ALA D 501 33.66 7.71 41.27
N LEU D 502 34.98 7.60 41.12
CA LEU D 502 35.80 6.78 42.00
C LEU D 502 35.95 7.45 43.37
N ARG D 503 35.26 8.56 43.58
CA ARG D 503 35.32 9.29 44.84
C ARG D 503 33.93 9.41 45.45
N ARG D 504 32.92 9.40 44.59
CA ARG D 504 31.51 9.48 45.02
C ARG D 504 31.12 8.18 45.69
N LYS D 505 30.51 8.28 46.88
CA LYS D 505 30.10 7.10 47.63
C LYS D 505 28.62 7.12 47.99
N GLU D 506 27.94 8.21 47.66
CA GLU D 506 26.52 8.37 47.98
C GLU D 506 25.61 7.47 47.14
N GLY D 507 25.96 7.29 45.89
CA GLY D 507 25.14 6.48 45.01
C GLY D 507 25.91 6.10 43.76
N PRO D 508 25.28 5.34 42.85
CA PRO D 508 25.93 4.92 41.61
C PRO D 508 26.32 6.08 40.70
N THR D 509 27.23 5.78 39.78
CA THR D 509 27.71 6.76 38.82
C THR D 509 27.78 6.09 37.46
N ALA D 510 27.34 6.80 36.43
CA ALA D 510 27.35 6.29 35.07
C ALA D 510 28.28 7.12 34.19
N LEU D 511 29.37 6.52 33.74
CA LEU D 511 30.33 7.19 32.86
C LEU D 511 29.93 6.93 31.42
N VAL D 512 29.69 8.00 30.66
CA VAL D 512 29.27 7.91 29.27
C VAL D 512 30.43 8.24 28.32
N LEU D 513 30.97 7.20 27.68
CA LEU D 513 32.10 7.32 26.76
C LEU D 513 31.74 7.19 25.28
N THR D 514 32.61 7.70 24.41
CA THR D 514 32.38 7.65 22.98
C THR D 514 33.10 6.50 22.31
N ARG D 515 32.61 6.13 21.12
CA ARG D 515 33.22 5.08 20.35
C ARG D 515 34.25 5.73 19.43
N GLN D 516 33.85 6.87 18.85
CA GLN D 516 34.73 7.59 17.94
C GLN D 516 35.70 8.50 18.68
N ALA D 517 36.87 8.70 18.09
CA ALA D 517 37.90 9.55 18.68
C ALA D 517 37.45 11.00 18.66
N VAL D 518 37.79 11.73 19.72
CA VAL D 518 37.46 13.15 19.81
C VAL D 518 38.73 13.94 20.13
N PRO D 519 38.81 15.19 19.65
CA PRO D 519 39.99 16.03 19.90
C PRO D 519 40.36 16.08 21.38
N LEU D 520 41.60 16.46 21.66
CA LEU D 520 42.05 16.58 23.05
C LEU D 520 41.76 17.99 23.52
N LEU D 521 41.72 18.17 24.84
CA LEU D 521 41.52 19.49 25.41
C LEU D 521 42.76 19.76 26.25
N SER D 522 42.61 20.50 27.34
CA SER D 522 43.75 20.80 28.20
C SER D 522 43.51 20.18 29.57
N PRO D 523 44.53 19.53 30.15
CA PRO D 523 44.36 18.92 31.47
C PRO D 523 43.78 19.93 32.46
N GLU D 524 44.47 21.06 32.61
CA GLU D 524 44.03 22.12 33.51
C GLU D 524 42.60 22.55 33.18
N LYS D 525 42.30 22.68 31.89
CA LYS D 525 40.96 23.08 31.46
C LYS D 525 39.93 22.04 31.86
N ALA D 526 40.23 20.78 31.57
CA ALA D 526 39.35 19.66 31.88
C ALA D 526 39.06 19.49 33.35
N ARG D 527 39.97 19.93 34.21
CA ARG D 527 39.74 19.77 35.65
C ARG D 527 38.46 20.48 36.09
N GLY D 528 37.85 21.24 35.19
CA GLY D 528 36.62 21.94 35.50
C GLY D 528 35.50 20.94 35.71
N LEU D 529 35.72 19.71 35.26
CA LEU D 529 34.73 18.64 35.39
C LEU D 529 34.36 18.44 36.85
N LEU D 530 35.31 18.68 37.75
CA LEU D 530 35.08 18.52 39.18
C LEU D 530 33.92 19.40 39.66
N ARG D 531 33.61 20.42 38.88
CA ARG D 531 32.52 21.34 39.22
C ARG D 531 31.21 20.98 38.50
N GLY D 532 31.22 19.87 37.76
CA GLY D 532 30.02 19.44 37.05
C GLY D 532 29.81 20.19 35.75
N GLY D 533 30.03 21.50 35.81
CA GLY D 533 29.88 22.34 34.65
C GLY D 533 30.83 23.51 34.81
N TYR D 534 31.46 23.93 33.72
CA TYR D 534 32.39 25.05 33.79
C TYR D 534 32.57 25.71 32.44
N VAL D 535 33.16 26.90 32.46
CA VAL D 535 33.42 27.64 31.23
C VAL D 535 34.71 27.06 30.65
N LEU D 536 34.59 26.43 29.49
CA LEU D 536 35.73 25.82 28.83
C LEU D 536 36.51 26.85 28.02
N GLU D 537 35.78 27.68 27.29
CA GLU D 537 36.38 28.73 26.49
C GLU D 537 35.51 29.96 26.66
N ASP D 538 36.06 31.01 27.25
CA ASP D 538 35.30 32.22 27.46
C ASP D 538 35.48 33.17 26.28
N VAL D 539 34.75 34.28 26.30
CA VAL D 539 34.83 35.29 25.26
C VAL D 539 34.53 36.64 25.91
N GLU D 540 35.33 37.65 25.58
CA GLU D 540 35.12 38.97 26.14
C GLU D 540 33.72 39.45 25.81
N GLU D 541 33.05 40.06 26.79
CA GLU D 541 31.70 40.59 26.60
C GLU D 541 30.83 39.62 25.82
N PRO D 542 30.61 38.40 26.35
CA PRO D 542 29.78 37.38 25.69
C PRO D 542 28.36 37.80 25.36
N GLN D 543 27.92 37.48 24.16
CA GLN D 543 26.56 37.79 23.70
C GLN D 543 25.64 36.63 24.05
N GLY D 544 26.22 35.48 24.34
CA GLY D 544 25.43 34.30 24.68
C GLY D 544 26.30 33.14 25.11
N VAL D 545 25.70 31.95 25.23
CA VAL D 545 26.43 30.78 25.65
C VAL D 545 26.02 29.52 24.90
N LEU D 546 27.00 28.65 24.67
CA LEU D 546 26.77 27.38 24.01
C LEU D 546 27.17 26.32 25.02
N VAL D 547 26.19 25.64 25.59
CA VAL D 547 26.45 24.61 26.59
C VAL D 547 26.30 23.24 25.92
N ALA D 548 27.28 22.37 26.16
CA ALA D 548 27.26 21.05 25.56
C ALA D 548 27.82 20.00 26.51
N THR D 549 27.75 18.74 26.10
CA THR D 549 28.26 17.65 26.93
C THR D 549 29.02 16.67 26.05
N GLY D 550 29.92 15.92 26.68
CA GLY D 550 30.71 14.94 25.96
C GLY D 550 31.24 15.37 24.60
N SER D 551 31.06 14.48 23.63
CA SER D 551 31.52 14.71 22.27
C SER D 551 31.09 16.04 21.66
N GLU D 552 29.87 16.47 21.97
CA GLU D 552 29.35 17.72 21.42
C GLU D 552 30.07 18.99 21.87
N VAL D 553 30.85 18.88 22.94
CA VAL D 553 31.61 20.04 23.43
C VAL D 553 32.51 20.58 22.32
N HIS D 554 33.06 19.67 21.53
CA HIS D 554 33.94 19.99 20.42
C HIS D 554 33.18 20.64 19.29
N LEU D 555 31.95 20.17 19.09
CA LEU D 555 31.09 20.71 18.05
C LEU D 555 30.79 22.15 18.41
N ALA D 556 30.59 22.40 19.70
CA ALA D 556 30.28 23.73 20.20
C ALA D 556 31.41 24.70 19.90
N LEU D 557 32.65 24.27 20.13
CA LEU D 557 33.80 25.12 19.88
C LEU D 557 33.85 25.53 18.41
N ARG D 558 33.75 24.55 17.51
CA ARG D 558 33.77 24.84 16.08
C ARG D 558 32.59 25.72 15.72
N ALA D 559 31.59 25.75 16.58
CA ALA D 559 30.40 26.55 16.34
C ALA D 559 30.65 27.99 16.77
N GLN D 560 31.38 28.17 17.86
CA GLN D 560 31.69 29.51 18.34
C GLN D 560 32.68 30.19 17.41
N ALA D 561 33.67 29.42 16.95
CA ALA D 561 34.68 29.96 16.05
C ALA D 561 34.02 30.44 14.77
N LEU D 562 32.99 29.73 14.34
CA LEU D 562 32.27 30.09 13.13
C LEU D 562 31.50 31.38 13.38
N LEU D 563 31.05 31.55 14.62
CA LEU D 563 30.31 32.75 14.99
C LEU D 563 31.32 33.88 15.23
N ARG D 564 32.59 33.50 15.37
CA ARG D 564 33.66 34.46 15.59
C ARG D 564 34.02 35.14 14.25
N GLU D 565 33.79 34.42 13.15
CA GLU D 565 34.09 34.99 11.83
C GLU D 565 32.95 35.88 11.35
N LYS D 566 31.89 35.94 12.15
CA LYS D 566 30.73 36.77 11.82
C LYS D 566 30.58 37.92 12.81
N GLY D 567 31.49 37.98 13.78
CA GLY D 567 31.44 39.06 14.76
C GLY D 567 30.63 38.77 16.01
N VAL D 568 30.10 37.56 16.14
CA VAL D 568 29.32 37.20 17.31
C VAL D 568 30.18 36.55 18.39
N ARG D 569 30.16 37.11 19.60
CA ARG D 569 30.94 36.58 20.71
C ARG D 569 30.08 35.69 21.59
N VAL D 570 30.36 34.39 21.57
CA VAL D 570 29.59 33.46 22.39
C VAL D 570 30.53 32.58 23.21
N ARG D 571 30.13 32.31 24.45
CA ARG D 571 30.92 31.48 25.35
C ARG D 571 30.58 30.00 25.16
N VAL D 572 31.53 29.13 25.50
CA VAL D 572 31.33 27.69 25.38
C VAL D 572 31.50 27.01 26.74
N VAL D 573 30.41 26.48 27.26
CA VAL D 573 30.42 25.80 28.56
C VAL D 573 30.39 24.28 28.37
N SER D 574 31.21 23.58 29.14
CA SER D 574 31.25 22.12 29.08
C SER D 574 30.46 21.63 30.27
N LEU D 575 29.39 20.88 30.02
CA LEU D 575 28.55 20.39 31.10
C LEU D 575 28.55 18.85 31.23
N PRO D 576 29.68 18.29 31.69
CA PRO D 576 29.86 16.84 31.87
C PRO D 576 28.88 16.16 32.83
N SER D 577 28.30 16.91 33.74
CA SER D 577 27.34 16.32 34.69
C SER D 577 26.35 17.33 35.26
N PHE D 578 25.06 17.04 35.03
CA PHE D 578 23.97 17.88 35.53
C PHE D 578 23.90 17.89 37.04
N GLU D 579 24.01 16.70 37.63
CA GLU D 579 23.94 16.60 39.08
C GLU D 579 25.11 17.27 39.79
N LEU D 580 26.33 16.97 39.37
CA LEU D 580 27.50 17.58 40.01
C LEU D 580 27.37 19.11 39.88
N PHE D 581 26.97 19.57 38.69
CA PHE D 581 26.81 21.00 38.44
C PHE D 581 25.73 21.60 39.32
N ALA D 582 24.57 20.95 39.37
CA ALA D 582 23.47 21.44 40.17
C ALA D 582 23.80 21.44 41.66
N ALA D 583 24.82 20.69 42.04
CA ALA D 583 25.23 20.62 43.44
C ALA D 583 26.15 21.77 43.84
N GLN D 584 26.52 22.59 42.86
CA GLN D 584 27.39 23.74 43.10
C GLN D 584 26.57 24.92 43.59
N PRO D 585 27.15 25.76 44.47
CA PRO D 585 26.43 26.93 44.98
C PRO D 585 25.86 27.81 43.88
N GLU D 586 24.69 28.40 44.12
CA GLU D 586 24.04 29.25 43.14
C GLU D 586 24.96 30.26 42.49
N ALA D 587 25.85 30.88 43.28
CA ALA D 587 26.78 31.86 42.73
C ALA D 587 27.55 31.28 41.56
N TYR D 588 28.22 30.15 41.80
CA TYR D 588 29.00 29.49 40.76
C TYR D 588 28.20 29.23 39.48
N ARG D 589 27.03 28.63 39.63
CA ARG D 589 26.17 28.33 38.49
C ARG D 589 25.83 29.59 37.71
N LYS D 590 25.50 30.67 38.42
CA LYS D 590 25.17 31.94 37.78
C LYS D 590 26.40 32.49 37.07
N GLU D 591 27.58 32.13 37.58
CA GLU D 591 28.84 32.58 36.99
C GLU D 591 29.06 31.85 35.67
N VAL D 592 28.79 30.55 35.66
CA VAL D 592 28.94 29.74 34.46
C VAL D 592 27.93 30.14 33.40
N LEU D 593 26.66 30.20 33.79
CA LEU D 593 25.60 30.60 32.86
C LEU D 593 24.90 31.84 33.39
N PRO D 594 25.52 33.00 33.23
CA PRO D 594 24.94 34.26 33.70
C PRO D 594 23.55 34.53 33.14
N PRO D 595 22.56 34.74 34.01
CA PRO D 595 21.18 35.00 33.61
C PRO D 595 21.08 36.17 32.64
N GLY D 596 20.05 36.17 31.82
CA GLY D 596 19.87 37.23 30.84
C GLY D 596 20.32 36.81 29.46
N LEU D 597 21.54 36.27 29.37
CA LEU D 597 22.09 35.83 28.09
C LEU D 597 21.39 34.60 27.55
N PRO D 598 21.08 34.60 26.24
CA PRO D 598 20.41 33.44 25.65
C PRO D 598 21.40 32.28 25.68
N VAL D 599 20.89 31.05 25.80
CA VAL D 599 21.77 29.89 25.86
C VAL D 599 21.33 28.76 24.92
N VAL D 600 22.27 28.26 24.14
CA VAL D 600 21.99 27.17 23.23
C VAL D 600 22.75 25.92 23.68
N ALA D 601 22.03 24.81 23.79
CA ALA D 601 22.66 23.56 24.21
C ALA D 601 22.88 22.67 22.99
N VAL D 602 23.85 21.77 23.09
CA VAL D 602 24.14 20.87 22.00
C VAL D 602 24.46 19.49 22.56
N GLU D 603 23.65 18.50 22.19
CA GLU D 603 23.82 17.14 22.66
C GLU D 603 23.11 16.16 21.73
N ALA D 604 23.83 15.13 21.29
CA ALA D 604 23.27 14.12 20.41
C ALA D 604 22.34 13.17 21.16
N GLY D 605 21.20 13.71 21.61
CA GLY D 605 20.25 12.92 22.34
C GLY D 605 18.93 13.67 22.49
N ALA D 606 17.98 13.07 23.19
CA ALA D 606 16.68 13.69 23.39
C ALA D 606 16.79 15.13 23.90
N SER D 607 15.89 15.99 23.47
CA SER D 607 15.90 17.40 23.87
C SER D 607 15.16 17.63 25.19
N LEU D 608 14.18 16.78 25.47
CA LEU D 608 13.39 16.91 26.70
C LEU D 608 14.31 17.05 27.91
N GLY D 609 14.14 18.15 28.65
CA GLY D 609 14.95 18.38 29.83
C GLY D 609 15.99 19.47 29.65
N TRP D 610 16.31 19.82 28.41
CA TRP D 610 17.31 20.85 28.16
C TRP D 610 16.79 22.27 28.38
N GLU D 611 15.46 22.42 28.39
CA GLU D 611 14.84 23.73 28.61
C GLU D 611 15.22 24.18 30.02
N ARG D 612 15.88 23.30 30.75
CA ARG D 612 16.32 23.58 32.10
C ARG D 612 17.54 24.51 32.11
N TYR D 613 18.34 24.45 31.06
CA TYR D 613 19.54 25.26 30.97
C TYR D 613 19.65 26.07 29.69
N ALA D 614 18.88 25.73 28.66
CA ALA D 614 18.96 26.44 27.40
C ALA D 614 17.64 26.97 26.88
N HIS D 615 17.72 28.00 26.02
CA HIS D 615 16.55 28.60 25.41
C HIS D 615 16.29 27.87 24.10
N LYS D 616 17.36 27.34 23.51
CA LYS D 616 17.27 26.61 22.26
C LYS D 616 18.25 25.44 22.36
N VAL D 617 17.92 24.34 21.73
CA VAL D 617 18.80 23.18 21.78
C VAL D 617 18.93 22.44 20.46
N VAL D 618 20.15 22.00 20.17
CA VAL D 618 20.44 21.24 18.97
C VAL D 618 20.57 19.81 19.47
N ALA D 619 19.51 19.02 19.31
CA ALA D 619 19.51 17.65 19.79
C ALA D 619 18.97 16.65 18.78
N LEU D 620 18.77 15.43 19.25
CA LEU D 620 18.26 14.35 18.41
C LEU D 620 16.98 13.79 19.01
N ASP D 621 15.86 13.97 18.31
CA ASP D 621 14.58 13.48 18.78
C ASP D 621 13.96 12.45 17.84
N ARG D 622 14.81 11.59 17.29
CA ARG D 622 14.40 10.53 16.39
C ARG D 622 15.46 9.45 16.49
N PHE D 623 15.13 8.23 16.08
CA PHE D 623 16.11 7.16 16.12
C PHE D 623 17.16 7.40 15.05
N GLY D 624 18.34 6.84 15.25
CA GLY D 624 19.44 7.06 14.31
C GLY D 624 19.37 6.42 12.95
N ALA D 625 20.53 6.02 12.43
CA ALA D 625 20.65 5.40 11.13
C ALA D 625 21.97 4.67 11.00
N SER D 626 21.99 3.64 10.16
CA SER D 626 23.18 2.85 9.91
C SER D 626 24.02 3.54 8.83
N ALA D 627 25.03 4.28 9.24
CA ALA D 627 25.92 4.99 8.33
C ALA D 627 27.23 5.29 9.03
N PRO D 628 28.31 5.52 8.27
CA PRO D 628 29.61 5.80 8.88
C PRO D 628 29.68 7.19 9.52
N TYR D 629 30.62 7.32 10.44
CA TYR D 629 30.88 8.59 11.12
C TYR D 629 31.97 9.21 10.25
N PRO D 630 32.00 10.55 10.12
CA PRO D 630 31.09 11.53 10.72
C PRO D 630 29.86 11.84 9.88
N GLU D 631 29.73 11.22 8.71
CA GLU D 631 28.57 11.48 7.85
C GLU D 631 27.24 11.39 8.58
N VAL D 632 26.98 10.26 9.24
CA VAL D 632 25.73 10.09 9.95
C VAL D 632 25.50 11.21 10.98
N TYR D 633 26.57 11.60 11.67
CA TYR D 633 26.52 12.64 12.68
C TYR D 633 26.09 13.99 12.10
N GLU D 634 26.73 14.38 11.00
CA GLU D 634 26.46 15.65 10.34
C GLU D 634 25.07 15.70 9.73
N ARG D 635 24.76 14.71 8.91
CA ARG D 635 23.48 14.64 8.23
C ARG D 635 22.31 14.51 9.19
N LEU D 636 22.58 14.13 10.43
CA LEU D 636 21.51 13.99 11.40
C LEU D 636 21.32 15.31 12.16
N GLY D 637 21.98 16.37 11.69
CA GLY D 637 21.82 17.67 12.31
C GLY D 637 22.98 18.24 13.10
N PHE D 638 24.00 17.43 13.39
CA PHE D 638 25.12 17.91 14.17
C PHE D 638 26.27 18.46 13.32
N THR D 639 26.10 19.70 12.89
CA THR D 639 27.06 20.43 12.08
C THR D 639 27.27 21.80 12.70
N PRO D 640 28.50 22.32 12.68
CA PRO D 640 28.76 23.63 13.26
C PRO D 640 27.78 24.69 12.74
N GLU D 641 27.39 24.56 11.48
CA GLU D 641 26.45 25.50 10.87
C GLU D 641 25.12 25.51 11.62
N ARG D 642 24.57 24.32 11.86
CA ARG D 642 23.30 24.20 12.57
C ARG D 642 23.32 24.85 13.95
N VAL D 643 24.44 24.70 14.66
CA VAL D 643 24.57 25.27 15.99
C VAL D 643 24.60 26.80 15.91
N ALA D 644 25.48 27.32 15.06
CA ALA D 644 25.60 28.76 14.89
C ALA D 644 24.24 29.34 14.54
N GLU D 645 23.59 28.76 13.53
CA GLU D 645 22.27 29.20 13.09
C GLU D 645 21.28 29.20 14.25
N ALA D 646 21.38 28.20 15.12
CA ALA D 646 20.49 28.09 16.27
C ALA D 646 20.66 29.29 17.19
N PHE D 647 21.91 29.58 17.57
CA PHE D 647 22.16 30.72 18.44
C PHE D 647 21.73 32.02 17.77
N LEU D 648 22.00 32.13 16.47
CA LEU D 648 21.66 33.31 15.70
C LEU D 648 20.18 33.66 15.75
N SER D 649 19.32 32.66 15.94
CA SER D 649 17.88 32.93 16.00
C SER D 649 17.52 33.47 17.38
N LEU D 650 18.51 33.52 18.26
CA LEU D 650 18.31 34.02 19.62
C LEU D 650 18.81 35.46 19.74
N VAL D 651 19.62 35.89 18.77
CA VAL D 651 20.15 37.23 18.75
C VAL D 651 19.88 37.87 17.38
#